data_1YAL
# 
_entry.id   1YAL 
# 
_audit_conform.dict_name       mmcif_pdbx.dic 
_audit_conform.dict_version    5.375 
_audit_conform.dict_location   http://mmcif.pdb.org/dictionaries/ascii/mmcif_pdbx.dic 
# 
loop_
_database_2.database_id 
_database_2.database_code 
_database_2.pdbx_database_accession 
_database_2.pdbx_DOI 
PDB   1YAL         pdb_00001yal 10.2210/pdb1yal/pdb 
WWPDB D_1000177353 ?            ?                   
# 
_pdbx_database_status.status_code                     REL 
_pdbx_database_status.entry_id                        1YAL 
_pdbx_database_status.recvd_initial_deposition_date   1996-06-20 
_pdbx_database_status.deposit_site                    ? 
_pdbx_database_status.process_site                    BNL 
_pdbx_database_status.status_code_sf                  REL 
_pdbx_database_status.status_code_mr                  ? 
_pdbx_database_status.SG_entry                        ? 
_pdbx_database_status.pdb_format_compatible           Y 
_pdbx_database_status.status_code_cs                  ? 
_pdbx_database_status.methods_development_category    ? 
_pdbx_database_status.status_code_nmr_data            ? 
# 
loop_
_audit_author.name 
_audit_author.pdbx_ordinal 
'Maes, D.'      1 
'Bouckaert, J.' 2 
'Poortmans, F.' 3 
'Wyns, L.'      4 
'Looze, Y.'     5 
# 
loop_
_citation.id 
_citation.title 
_citation.journal_abbrev 
_citation.journal_volume 
_citation.page_first 
_citation.page_last 
_citation.year 
_citation.journal_id_ASTM 
_citation.country 
_citation.journal_id_ISSN 
_citation.journal_id_CSD 
_citation.book_publisher 
_citation.pdbx_database_id_PubMed 
_citation.pdbx_database_id_DOI 
primary 'Structure of chymopapain at 1.7 A resolution.'                                  Biochemistry      35 16292 16298 1996 
BICHAW US 0006-2960 0033 ? 8973203 10.1021/bi961491w 
1       'Preparation of Crystals of Chymopapain Diffracting to 1.4 Angstroms Resolution' 'To be Published' ?  ?     ?     ?    ? ? 
?         0353 ? ?       ?                 
# 
loop_
_citation_author.citation_id 
_citation_author.name 
_citation_author.ordinal 
_citation_author.identifier_ORCID 
primary 'Maes, D.'      1  ? 
primary 'Bouckaert, J.' 2  ? 
primary 'Poortmans, F.' 3  ? 
primary 'Wyns, L.'      4  ? 
primary 'Looze, Y.'     5  ? 
1       'Azarkan, M.'   6  ? 
1       'Maes, D.'      7  ? 
1       'Bouckaert, J.' 8  ? 
1       'Thi, M.-H.D.'  9  ? 
1       'Wyns, L.'      10 ? 
1       'Looze, Y.'     11 ? 
# 
_cell.entry_id           1YAL 
_cell.length_a           145.180 
_cell.length_b           32.350 
_cell.length_c           47.420 
_cell.angle_alpha        90.00 
_cell.angle_beta         98.37 
_cell.angle_gamma        90.00 
_cell.Z_PDB              4 
_cell.pdbx_unique_axis   ? 
# 
_symmetry.entry_id                         1YAL 
_symmetry.space_group_name_H-M             'C 1 2 1' 
_symmetry.pdbx_full_space_group_name_H-M   ? 
_symmetry.cell_setting                     ? 
_symmetry.Int_Tables_number                5 
# 
loop_
_entity.id 
_entity.type 
_entity.src_method 
_entity.pdbx_description 
_entity.formula_weight 
_entity.pdbx_number_of_molecules 
_entity.pdbx_ec 
_entity.pdbx_mutation 
_entity.pdbx_fragment 
_entity.details 
1 polymer nat CHYMOPAPAIN 23777.971 1   3.4.22.6 ? ? 
'THE ACTIVE SITE CYS 25 AS WELL AS CYS 117 ARE PROTECTED WITH A THIOMETHYL GROUP' 
2 water   nat water       18.015    222 ?        ? ? ? 
# 
_entity_poly.entity_id                      1 
_entity_poly.type                           'polypeptide(L)' 
_entity_poly.nstd_linkage                   no 
_entity_poly.nstd_monomer                   yes 
_entity_poly.pdbx_seq_one_letter_code       
;YPQSIDWRAKGAVTPVKNQGACGS(SCH)WAFSTIATVEGINKIVTGNLLELSEQELVDCDKHSYGCKGGYQTTSLQYVA
NNGVHTSKVYPYQAKQYKCRATDKPGPKVKITGYKRVPSN(SCH)ETSFLGALANQPLSVLVEAGGKPFQLYKSGVFDGP
CGTKLDHAVTAVGYGTSDGKNYIIIKNSWGPNWGEKGYMRLKRQSGNSQGTCGVYKSSYYPFKGFA
;
_entity_poly.pdbx_seq_one_letter_code_can   
;YPQSIDWRAKGAVTPVKNQGACGSCWAFSTIATVEGINKIVTGNLLELSEQELVDCDKHSYGCKGGYQTTSLQYVANNGV
HTSKVYPYQAKQYKCRATDKPGPKVKITGYKRVPSNCETSFLGALANQPLSVLVEAGGKPFQLYKSGVFDGPCGTKLDHA
VTAVGYGTSDGKNYIIIKNSWGPNWGEKGYMRLKRQSGNSQGTCGVYKSSYYPFKGFA
;
_entity_poly.pdbx_strand_id                 A 
_entity_poly.pdbx_target_identifier         ? 
# 
loop_
_entity_poly_seq.entity_id 
_entity_poly_seq.num 
_entity_poly_seq.mon_id 
_entity_poly_seq.hetero 
1 1   TYR n 
1 2   PRO n 
1 3   GLN n 
1 4   SER n 
1 5   ILE n 
1 6   ASP n 
1 7   TRP n 
1 8   ARG n 
1 9   ALA n 
1 10  LYS n 
1 11  GLY n 
1 12  ALA n 
1 13  VAL n 
1 14  THR n 
1 15  PRO n 
1 16  VAL n 
1 17  LYS n 
1 18  ASN n 
1 19  GLN n 
1 20  GLY n 
1 21  ALA n 
1 22  CYS n 
1 23  GLY n 
1 24  SER n 
1 25  SCH n 
1 26  TRP n 
1 27  ALA n 
1 28  PHE n 
1 29  SER n 
1 30  THR n 
1 31  ILE n 
1 32  ALA n 
1 33  THR n 
1 34  VAL n 
1 35  GLU n 
1 36  GLY n 
1 37  ILE n 
1 38  ASN n 
1 39  LYS n 
1 40  ILE n 
1 41  VAL n 
1 42  THR n 
1 43  GLY n 
1 44  ASN n 
1 45  LEU n 
1 46  LEU n 
1 47  GLU n 
1 48  LEU n 
1 49  SER n 
1 50  GLU n 
1 51  GLN n 
1 52  GLU n 
1 53  LEU n 
1 54  VAL n 
1 55  ASP n 
1 56  CYS n 
1 57  ASP n 
1 58  LYS n 
1 59  HIS n 
1 60  SER n 
1 61  TYR n 
1 62  GLY n 
1 63  CYS n 
1 64  LYS n 
1 65  GLY n 
1 66  GLY n 
1 67  TYR n 
1 68  GLN n 
1 69  THR n 
1 70  THR n 
1 71  SER n 
1 72  LEU n 
1 73  GLN n 
1 74  TYR n 
1 75  VAL n 
1 76  ALA n 
1 77  ASN n 
1 78  ASN n 
1 79  GLY n 
1 80  VAL n 
1 81  HIS n 
1 82  THR n 
1 83  SER n 
1 84  LYS n 
1 85  VAL n 
1 86  TYR n 
1 87  PRO n 
1 88  TYR n 
1 89  GLN n 
1 90  ALA n 
1 91  LYS n 
1 92  GLN n 
1 93  TYR n 
1 94  LYS n 
1 95  CYS n 
1 96  ARG n 
1 97  ALA n 
1 98  THR n 
1 99  ASP n 
1 100 LYS n 
1 101 PRO n 
1 102 GLY n 
1 103 PRO n 
1 104 LYS n 
1 105 VAL n 
1 106 LYS n 
1 107 ILE n 
1 108 THR n 
1 109 GLY n 
1 110 TYR n 
1 111 LYS n 
1 112 ARG n 
1 113 VAL n 
1 114 PRO n 
1 115 SER n 
1 116 ASN n 
1 117 SCH n 
1 118 GLU n 
1 119 THR n 
1 120 SER n 
1 121 PHE n 
1 122 LEU n 
1 123 GLY n 
1 124 ALA n 
1 125 LEU n 
1 126 ALA n 
1 127 ASN n 
1 128 GLN n 
1 129 PRO n 
1 130 LEU n 
1 131 SER n 
1 132 VAL n 
1 133 LEU n 
1 134 VAL n 
1 135 GLU n 
1 136 ALA n 
1 137 GLY n 
1 138 GLY n 
1 139 LYS n 
1 140 PRO n 
1 141 PHE n 
1 142 GLN n 
1 143 LEU n 
1 144 TYR n 
1 145 LYS n 
1 146 SER n 
1 147 GLY n 
1 148 VAL n 
1 149 PHE n 
1 150 ASP n 
1 151 GLY n 
1 152 PRO n 
1 153 CYS n 
1 154 GLY n 
1 155 THR n 
1 156 LYS n 
1 157 LEU n 
1 158 ASP n 
1 159 HIS n 
1 160 ALA n 
1 161 VAL n 
1 162 THR n 
1 163 ALA n 
1 164 VAL n 
1 165 GLY n 
1 166 TYR n 
1 167 GLY n 
1 168 THR n 
1 169 SER n 
1 170 ASP n 
1 171 GLY n 
1 172 LYS n 
1 173 ASN n 
1 174 TYR n 
1 175 ILE n 
1 176 ILE n 
1 177 ILE n 
1 178 LYS n 
1 179 ASN n 
1 180 SER n 
1 181 TRP n 
1 182 GLY n 
1 183 PRO n 
1 184 ASN n 
1 185 TRP n 
1 186 GLY n 
1 187 GLU n 
1 188 LYS n 
1 189 GLY n 
1 190 TYR n 
1 191 MET n 
1 192 ARG n 
1 193 LEU n 
1 194 LYS n 
1 195 ARG n 
1 196 GLN n 
1 197 SER n 
1 198 GLY n 
1 199 ASN n 
1 200 SER n 
1 201 GLN n 
1 202 GLY n 
1 203 THR n 
1 204 CYS n 
1 205 GLY n 
1 206 VAL n 
1 207 TYR n 
1 208 LYS n 
1 209 SER n 
1 210 SER n 
1 211 TYR n 
1 212 TYR n 
1 213 PRO n 
1 214 PHE n 
1 215 LYS n 
1 216 GLY n 
1 217 PHE n 
1 218 ALA n 
# 
_entity_src_nat.entity_id                  1 
_entity_src_nat.pdbx_src_id                1 
_entity_src_nat.pdbx_alt_source_flag       sample 
_entity_src_nat.pdbx_beg_seq_num           ? 
_entity_src_nat.pdbx_end_seq_num           ? 
_entity_src_nat.common_name                papaya 
_entity_src_nat.pdbx_organism_scientific   'Carica papaya' 
_entity_src_nat.pdbx_ncbi_taxonomy_id      3649 
_entity_src_nat.genus                      Carica 
_entity_src_nat.species                    ? 
_entity_src_nat.strain                     ? 
_entity_src_nat.tissue                     ? 
_entity_src_nat.tissue_fraction            ? 
_entity_src_nat.pdbx_secretion             ? 
_entity_src_nat.pdbx_fragment              ? 
_entity_src_nat.pdbx_variant               ? 
_entity_src_nat.pdbx_cell_line             ? 
_entity_src_nat.pdbx_atcc                  ? 
_entity_src_nat.pdbx_cellular_location     ? 
_entity_src_nat.pdbx_organ                 FRUIT 
_entity_src_nat.pdbx_organelle             ? 
_entity_src_nat.pdbx_cell                  ? 
_entity_src_nat.pdbx_plasmid_name          ? 
_entity_src_nat.pdbx_plasmid_details       ? 
_entity_src_nat.details                    ? 
# 
_struct_ref.id                         1 
_struct_ref.db_name                    UNP 
_struct_ref.db_code                    PAPA2_CARPA 
_struct_ref.entity_id                  1 
_struct_ref.pdbx_db_accession          P14080 
_struct_ref.pdbx_align_begin           1 
_struct_ref.pdbx_seq_one_letter_code   
;MATMSSISKIIFLATCLIIHMGLSSADFYTVGYSQDDLTSIERLIQLFDSWMLKHNKIYESIDEKIYRFEIFRDNLMYID
ETNKKNNSYWLGLNGFADLSNDEFKKKYVGFVAEDFTGLEHFDNEDFTYKHVTNYPQSIDWRAKGAVTPVKNQGACGSCW
AFSTIATVEGINKIVTGNLLELSEQELVDCDKHSYGCKGGYQTTSLQYVANNGVHTSKVYPYQAKQYKCRATDKPGPKVK
ITGYKRVPSNCETSFLGALANQPLSVLVEAGGKPFQLYKSGVFDGPCGTKLDHAVTAVGYGTSDGKNYIIIKNSWGPNWG
EKGYMRLKRQSGNSQGTCGVYKSSYYPFKGFA
;
_struct_ref.pdbx_db_isoform            ? 
# 
_struct_ref_seq.align_id                      1 
_struct_ref_seq.ref_id                        1 
_struct_ref_seq.pdbx_PDB_id_code              1YAL 
_struct_ref_seq.pdbx_strand_id                A 
_struct_ref_seq.seq_align_beg                 1 
_struct_ref_seq.pdbx_seq_align_beg_ins_code   ? 
_struct_ref_seq.seq_align_end                 218 
_struct_ref_seq.pdbx_seq_align_end_ins_code   ? 
_struct_ref_seq.pdbx_db_accession             P14080 
_struct_ref_seq.db_align_beg                  135 
_struct_ref_seq.pdbx_db_align_beg_ins_code    ? 
_struct_ref_seq.db_align_end                  352 
_struct_ref_seq.pdbx_db_align_end_ins_code    ? 
_struct_ref_seq.pdbx_auth_seq_align_beg       1 
_struct_ref_seq.pdbx_auth_seq_align_end       218 
# 
loop_
_struct_ref_seq_dif.align_id 
_struct_ref_seq_dif.pdbx_pdb_id_code 
_struct_ref_seq_dif.mon_id 
_struct_ref_seq_dif.pdbx_pdb_strand_id 
_struct_ref_seq_dif.seq_num 
_struct_ref_seq_dif.pdbx_pdb_ins_code 
_struct_ref_seq_dif.pdbx_seq_db_name 
_struct_ref_seq_dif.pdbx_seq_db_accession_code 
_struct_ref_seq_dif.db_mon_id 
_struct_ref_seq_dif.pdbx_seq_db_seq_num 
_struct_ref_seq_dif.details 
_struct_ref_seq_dif.pdbx_auth_seq_num 
_struct_ref_seq_dif.pdbx_ordinal 
1 1YAL SCH A 25  ? UNP P14080 CYS 159 conflict 25  1 
1 1YAL SCH A 117 ? UNP P14080 CYS 251 conflict 117 2 
# 
loop_
_chem_comp.id 
_chem_comp.type 
_chem_comp.mon_nstd_flag 
_chem_comp.name 
_chem_comp.pdbx_synonyms 
_chem_comp.formula 
_chem_comp.formula_weight 
ALA 'L-peptide linking' y ALANINE                ? 'C3 H7 N O2'     89.093  
ARG 'L-peptide linking' y ARGININE               ? 'C6 H15 N4 O2 1' 175.209 
ASN 'L-peptide linking' y ASPARAGINE             ? 'C4 H8 N2 O3'    132.118 
ASP 'L-peptide linking' y 'ASPARTIC ACID'        ? 'C4 H7 N O4'     133.103 
CYS 'L-peptide linking' y CYSTEINE               ? 'C3 H7 N O2 S'   121.158 
GLN 'L-peptide linking' y GLUTAMINE              ? 'C5 H10 N2 O3'   146.144 
GLU 'L-peptide linking' y 'GLUTAMIC ACID'        ? 'C5 H9 N O4'     147.129 
GLY 'peptide linking'   y GLYCINE                ? 'C2 H5 N O2'     75.067  
HIS 'L-peptide linking' y HISTIDINE              ? 'C6 H10 N3 O2 1' 156.162 
HOH non-polymer         . WATER                  ? 'H2 O'           18.015  
ILE 'L-peptide linking' y ISOLEUCINE             ? 'C6 H13 N O2'    131.173 
LEU 'L-peptide linking' y LEUCINE                ? 'C6 H13 N O2'    131.173 
LYS 'L-peptide linking' y LYSINE                 ? 'C6 H15 N2 O2 1' 147.195 
MET 'L-peptide linking' y METHIONINE             ? 'C5 H11 N O2 S'  149.211 
PHE 'L-peptide linking' y PHENYLALANINE          ? 'C9 H11 N O2'    165.189 
PRO 'L-peptide linking' y PROLINE                ? 'C5 H9 N O2'     115.130 
SCH 'L-peptide linking' n S-METHYL-THIO-CYSTEINE ? 'C4 H9 N O2 S2'  167.250 
SER 'L-peptide linking' y SERINE                 ? 'C3 H7 N O3'     105.093 
THR 'L-peptide linking' y THREONINE              ? 'C4 H9 N O3'     119.119 
TRP 'L-peptide linking' y TRYPTOPHAN             ? 'C11 H12 N2 O2'  204.225 
TYR 'L-peptide linking' y TYROSINE               ? 'C9 H11 N O3'    181.189 
VAL 'L-peptide linking' y VALINE                 ? 'C5 H11 N O2'    117.146 
# 
_exptl.entry_id          1YAL 
_exptl.method            'X-RAY DIFFRACTION' 
_exptl.crystals_number   2 
# 
_exptl_crystal.id                    1 
_exptl_crystal.density_meas          ? 
_exptl_crystal.density_Matthews      2.32 
_exptl_crystal.density_percent_sol   46.88 
_exptl_crystal.description           ? 
# 
_exptl_crystal_grow.crystal_id      1 
_exptl_crystal_grow.method          ? 
_exptl_crystal_grow.temp            ? 
_exptl_crystal_grow.temp_details    ? 
_exptl_crystal_grow.pH              7.6 
_exptl_crystal_grow.pdbx_pH_range   ? 
_exptl_crystal_grow.pdbx_details    'pH 7.6' 
# 
_diffrn.id                     1 
_diffrn.ambient_temp           293 
_diffrn.ambient_temp_details   ? 
_diffrn.crystal_id             1 
# 
_diffrn_detector.diffrn_id              1 
_diffrn_detector.detector               DIFFRACTOMETER 
_diffrn_detector.type                   'ENRAF-NONIUS FAST' 
_diffrn_detector.pdbx_collection_date   1995-12-13 
_diffrn_detector.details                ? 
# 
_diffrn_radiation.diffrn_id                        1 
_diffrn_radiation.wavelength_id                    1 
_diffrn_radiation.pdbx_monochromatic_or_laue_m_l   M 
_diffrn_radiation.monochromator                    ? 
_diffrn_radiation.pdbx_diffrn_protocol             ? 
_diffrn_radiation.pdbx_scattering_type             x-ray 
# 
_diffrn_radiation_wavelength.id           1 
_diffrn_radiation_wavelength.wavelength   1.5418 
_diffrn_radiation_wavelength.wt           1.0 
# 
_diffrn_source.diffrn_id                   1 
_diffrn_source.source                      'ROTATING ANODE' 
_diffrn_source.type                        OTHER 
_diffrn_source.pdbx_synchrotron_site       ? 
_diffrn_source.pdbx_synchrotron_beamline   ? 
_diffrn_source.pdbx_wavelength             1.5418 
_diffrn_source.pdbx_wavelength_list        ? 
# 
_reflns.entry_id                     1YAL 
_reflns.observed_criterion_sigma_I   0. 
_reflns.observed_criterion_sigma_F   ? 
_reflns.d_resolution_low             19.0 
_reflns.d_resolution_high            1.7 
_reflns.number_obs                   20199 
_reflns.number_all                   ? 
_reflns.percent_possible_obs         84.0 
_reflns.pdbx_Rmerge_I_obs            0.066 
_reflns.pdbx_Rsym_value              ? 
_reflns.pdbx_netI_over_sigmaI        7.6 
_reflns.B_iso_Wilson_estimate        18.33 
_reflns.pdbx_redundancy              ? 
_reflns.pdbx_diffrn_id               1 
_reflns.pdbx_ordinal                 1 
# 
_reflns_shell.d_res_high             1.70 
_reflns_shell.d_res_low              1.79 
_reflns_shell.percent_possible_all   69. 
_reflns_shell.Rmerge_I_obs           0.22 
_reflns_shell.pdbx_Rsym_value        ? 
_reflns_shell.meanI_over_sigI_obs    5.5 
_reflns_shell.pdbx_redundancy        1.3 
_reflns_shell.pdbx_diffrn_id         ? 
_reflns_shell.pdbx_ordinal           1 
# 
_refine.entry_id                                 1YAL 
_refine.ls_number_reflns_obs                     20060 
_refine.ls_number_reflns_all                     ? 
_refine.pdbx_ls_sigma_I                          ? 
_refine.pdbx_ls_sigma_F                          0. 
_refine.pdbx_data_cutoff_high_absF               ? 
_refine.pdbx_data_cutoff_low_absF                ? 
_refine.pdbx_data_cutoff_high_rms_absF           ? 
_refine.ls_d_res_low                             9.5 
_refine.ls_d_res_high                            1.7 
_refine.ls_percent_reflns_obs                    84. 
_refine.ls_R_factor_obs                          0.1923 
_refine.ls_R_factor_all                          ? 
_refine.ls_R_factor_R_work                       0.1923 
_refine.ls_R_factor_R_free                       ? 
_refine.ls_R_factor_R_free_error                 ? 
_refine.ls_R_factor_R_free_error_details         ? 
_refine.ls_percent_reflns_R_free                 ? 
_refine.ls_number_reflns_R_free                  ? 
_refine.ls_number_parameters                     ? 
_refine.ls_number_restraints                     ? 
_refine.occupancy_min                            ? 
_refine.occupancy_max                            ? 
_refine.B_iso_mean                               16.74 
_refine.aniso_B[1][1]                            ? 
_refine.aniso_B[2][2]                            ? 
_refine.aniso_B[3][3]                            ? 
_refine.aniso_B[1][2]                            ? 
_refine.aniso_B[1][3]                            ? 
_refine.aniso_B[2][3]                            ? 
_refine.solvent_model_details                    ? 
_refine.solvent_model_param_ksol                 ? 
_refine.solvent_model_param_bsol                 ? 
_refine.pdbx_ls_cross_valid_method               ? 
_refine.details                                  ? 
_refine.pdbx_starting_model                      'PDB ENTRY 1PPO' 
_refine.pdbx_method_to_determine_struct          'MOLECULAR REPLACEMENT' 
_refine.pdbx_isotropic_thermal_model             ? 
_refine.pdbx_stereochemistry_target_values       ? 
_refine.pdbx_stereochem_target_val_spec_case     ? 
_refine.pdbx_R_Free_selection_details            ? 
_refine.pdbx_overall_ESU_R                       ? 
_refine.pdbx_overall_ESU_R_Free                  ? 
_refine.overall_SU_ML                            ? 
_refine.overall_SU_B                             ? 
_refine.pdbx_refine_id                           'X-RAY DIFFRACTION' 
_refine.pdbx_diffrn_id                           1 
_refine.pdbx_TLS_residual_ADP_flag               ? 
_refine.correlation_coeff_Fo_to_Fc               ? 
_refine.correlation_coeff_Fo_to_Fc_free          ? 
_refine.pdbx_solvent_vdw_probe_radii             ? 
_refine.pdbx_solvent_ion_probe_radii             ? 
_refine.pdbx_solvent_shrinkage_radii             ? 
_refine.pdbx_overall_phase_error                 ? 
_refine.overall_SU_R_Cruickshank_DPI             ? 
_refine.pdbx_overall_SU_R_free_Cruickshank_DPI   ? 
_refine.pdbx_overall_SU_R_Blow_DPI               ? 
_refine.pdbx_overall_SU_R_free_Blow_DPI          ? 
# 
_refine_analyze.entry_id                        1YAL 
_refine_analyze.Luzzati_coordinate_error_obs    0.10 
_refine_analyze.Luzzati_sigma_a_obs             ? 
_refine_analyze.Luzzati_d_res_low_obs           9.50 
_refine_analyze.Luzzati_coordinate_error_free   ? 
_refine_analyze.Luzzati_sigma_a_free            ? 
_refine_analyze.Luzzati_d_res_low_free          ? 
_refine_analyze.number_disordered_residues      ? 
_refine_analyze.occupancy_sum_hydrogen          ? 
_refine_analyze.occupancy_sum_non_hydrogen      ? 
_refine_analyze.pdbx_refine_id                  'X-RAY DIFFRACTION' 
# 
_refine_hist.pdbx_refine_id                   'X-RAY DIFFRACTION' 
_refine_hist.cycle_id                         LAST 
_refine_hist.pdbx_number_atoms_protein        1667 
_refine_hist.pdbx_number_atoms_nucleic_acid   0 
_refine_hist.pdbx_number_atoms_ligand         4 
_refine_hist.number_atoms_solvent             222 
_refine_hist.number_atoms_total               1893 
_refine_hist.d_res_high                       1.7 
_refine_hist.d_res_low                        9.5 
# 
loop_
_refine_ls_restr.type 
_refine_ls_restr.dev_ideal 
_refine_ls_restr.dev_ideal_target 
_refine_ls_restr.weight 
_refine_ls_restr.number 
_refine_ls_restr.pdbx_refine_id 
_refine_ls_restr.pdbx_restraint_function 
x_bond_d                0.011 ? ? ? 'X-RAY DIFFRACTION' ? 
x_bond_d_na             ?     ? ? ? 'X-RAY DIFFRACTION' ? 
x_bond_d_prot           ?     ? ? ? 'X-RAY DIFFRACTION' ? 
x_angle_d               ?     ? ? ? 'X-RAY DIFFRACTION' ? 
x_angle_d_na            ?     ? ? ? 'X-RAY DIFFRACTION' ? 
x_angle_d_prot          ?     ? ? ? 'X-RAY DIFFRACTION' ? 
x_angle_deg             1.54  ? ? ? 'X-RAY DIFFRACTION' ? 
x_angle_deg_na          ?     ? ? ? 'X-RAY DIFFRACTION' ? 
x_angle_deg_prot        ?     ? ? ? 'X-RAY DIFFRACTION' ? 
x_dihedral_angle_d      24.63 ? ? ? 'X-RAY DIFFRACTION' ? 
x_dihedral_angle_d_na   ?     ? ? ? 'X-RAY DIFFRACTION' ? 
x_dihedral_angle_d_prot ?     ? ? ? 'X-RAY DIFFRACTION' ? 
x_improper_angle_d      1.44  ? ? ? 'X-RAY DIFFRACTION' ? 
x_improper_angle_d_na   ?     ? ? ? 'X-RAY DIFFRACTION' ? 
x_improper_angle_d_prot ?     ? ? ? 'X-RAY DIFFRACTION' ? 
x_mcbond_it             ?     ? ? ? 'X-RAY DIFFRACTION' ? 
x_mcangle_it            ?     ? ? ? 'X-RAY DIFFRACTION' ? 
x_scbond_it             ?     ? ? ? 'X-RAY DIFFRACTION' ? 
x_scangle_it            ?     ? ? ? 'X-RAY DIFFRACTION' ? 
# 
_refine_ls_shell.pdbx_total_number_of_bins_used   ? 
_refine_ls_shell.d_res_high                       1.70 
_refine_ls_shell.d_res_low                        1.79 
_refine_ls_shell.number_reflns_R_work             2017 
_refine_ls_shell.R_factor_R_work                  0.3 
_refine_ls_shell.percent_reflns_obs               69. 
_refine_ls_shell.R_factor_R_free                  ? 
_refine_ls_shell.R_factor_R_free_error            ? 
_refine_ls_shell.percent_reflns_R_free            ? 
_refine_ls_shell.number_reflns_R_free             ? 
_refine_ls_shell.pdbx_refine_id                   'X-RAY DIFFRACTION' 
_refine_ls_shell.number_reflns_all                ? 
_refine_ls_shell.R_factor_all                     ? 
# 
_struct.entry_id                  1YAL 
_struct.title                     'CARICA PAPAYA CHYMOPAPAIN AT 1.7 ANGSTROMS RESOLUTION' 
_struct.pdbx_model_details        ? 
_struct.pdbx_CASP_flag            ? 
_struct.pdbx_model_type_details   ? 
# 
_struct_keywords.entry_id        1YAL 
_struct_keywords.pdbx_keywords   HYDROLASE 
_struct_keywords.text            'HYDROLASE, THIOL PROTEASE' 
# 
loop_
_struct_asym.id 
_struct_asym.pdbx_blank_PDB_chainid_flag 
_struct_asym.pdbx_modified 
_struct_asym.entity_id 
_struct_asym.details 
A N N 1 ? 
B N N 2 ? 
# 
_struct_biol.id   1 
# 
loop_
_struct_conf.conf_type_id 
_struct_conf.id 
_struct_conf.pdbx_PDB_helix_id 
_struct_conf.beg_label_comp_id 
_struct_conf.beg_label_asym_id 
_struct_conf.beg_label_seq_id 
_struct_conf.pdbx_beg_PDB_ins_code 
_struct_conf.end_label_comp_id 
_struct_conf.end_label_asym_id 
_struct_conf.end_label_seq_id 
_struct_conf.pdbx_end_PDB_ins_code 
_struct_conf.beg_auth_comp_id 
_struct_conf.beg_auth_asym_id 
_struct_conf.beg_auth_seq_id 
_struct_conf.end_auth_comp_id 
_struct_conf.end_auth_asym_id 
_struct_conf.end_auth_seq_id 
_struct_conf.pdbx_PDB_helix_class 
_struct_conf.details 
_struct_conf.pdbx_PDB_helix_length 
HELX_P HELX_P1 1 SCH A 25  ? THR A 42  ? SCH A 25  THR A 42  1 ? 18 
HELX_P HELX_P2 2 GLU A 50  ? CYS A 56  ? GLU A 50  CYS A 56  1 ? 7  
HELX_P HELX_P3 3 GLY A 62  ? LYS A 64  ? GLY A 62  LYS A 64  5 ? 3  
HELX_P HELX_P4 4 GLN A 68  ? ASN A 78  ? GLN A 68  ASN A 78  1 ? 11 
HELX_P HELX_P5 5 ALA A 97  ? ASP A 99  ? ALA A 97  ASP A 99  5 ? 3  
HELX_P HELX_P6 6 GLU A 118 ? LEU A 125 ? GLU A 118 LEU A 125 1 ? 8  
HELX_P HELX_P7 7 LYS A 139 ? GLN A 142 ? LYS A 139 GLN A 142 1 ? 4  
HELX_P HELX_P8 8 THR A 203 ? GLY A 205 ? THR A 203 GLY A 205 5 ? 3  
# 
_struct_conf_type.id          HELX_P 
_struct_conf_type.criteria    ? 
_struct_conf_type.reference   ? 
# 
loop_
_struct_conn.id 
_struct_conn.conn_type_id 
_struct_conn.pdbx_leaving_atom_flag 
_struct_conn.pdbx_PDB_id 
_struct_conn.ptnr1_label_asym_id 
_struct_conn.ptnr1_label_comp_id 
_struct_conn.ptnr1_label_seq_id 
_struct_conn.ptnr1_label_atom_id 
_struct_conn.pdbx_ptnr1_label_alt_id 
_struct_conn.pdbx_ptnr1_PDB_ins_code 
_struct_conn.pdbx_ptnr1_standard_comp_id 
_struct_conn.ptnr1_symmetry 
_struct_conn.ptnr2_label_asym_id 
_struct_conn.ptnr2_label_comp_id 
_struct_conn.ptnr2_label_seq_id 
_struct_conn.ptnr2_label_atom_id 
_struct_conn.pdbx_ptnr2_label_alt_id 
_struct_conn.pdbx_ptnr2_PDB_ins_code 
_struct_conn.ptnr1_auth_asym_id 
_struct_conn.ptnr1_auth_comp_id 
_struct_conn.ptnr1_auth_seq_id 
_struct_conn.ptnr2_auth_asym_id 
_struct_conn.ptnr2_auth_comp_id 
_struct_conn.ptnr2_auth_seq_id 
_struct_conn.ptnr2_symmetry 
_struct_conn.pdbx_ptnr3_label_atom_id 
_struct_conn.pdbx_ptnr3_label_seq_id 
_struct_conn.pdbx_ptnr3_label_comp_id 
_struct_conn.pdbx_ptnr3_label_asym_id 
_struct_conn.pdbx_ptnr3_label_alt_id 
_struct_conn.pdbx_ptnr3_PDB_ins_code 
_struct_conn.details 
_struct_conn.pdbx_dist_value 
_struct_conn.pdbx_value_order 
_struct_conn.pdbx_role 
disulf1 disulf ?    ? A CYS 22  SG ? ? ? 1_555 A CYS 63  SG ? ? A CYS 22  A CYS 63  1_555 ? ? ? ? ? ? ? 2.019 ? ? 
disulf2 disulf ?    ? A CYS 56  SG ? ? ? 1_555 A CYS 95  SG ? ? A CYS 56  A CYS 95  1_555 ? ? ? ? ? ? ? 2.033 ? ? 
disulf3 disulf ?    ? A CYS 153 SG ? ? ? 1_555 A CYS 204 SG ? ? A CYS 153 A CYS 204 1_555 ? ? ? ? ? ? ? 2.041 ? ? 
covale1 covale both ? A SER 24  C  ? ? ? 1_555 A SCH 25  N  ? ? A SER 24  A SCH 25  1_555 ? ? ? ? ? ? ? 1.334 ? ? 
covale2 covale both ? A SCH 25  C  ? ? ? 1_555 A TRP 26  N  ? ? A SCH 25  A TRP 26  1_555 ? ? ? ? ? ? ? 1.339 ? ? 
covale3 covale both ? A ASN 116 C  ? ? ? 1_555 A SCH 117 N  ? ? A ASN 116 A SCH 117 1_555 ? ? ? ? ? ? ? 1.326 ? ? 
covale4 covale both ? A SCH 117 C  ? ? ? 1_555 A GLU 118 N  ? ? A SCH 117 A GLU 118 1_555 ? ? ? ? ? ? ? 1.329 ? ? 
# 
loop_
_struct_conn_type.id 
_struct_conn_type.criteria 
_struct_conn_type.reference 
disulf ? ? 
covale ? ? 
# 
_struct_mon_prot_cis.pdbx_id                1 
_struct_mon_prot_cis.label_comp_id          GLY 
_struct_mon_prot_cis.label_seq_id           151 
_struct_mon_prot_cis.label_asym_id          A 
_struct_mon_prot_cis.label_alt_id           . 
_struct_mon_prot_cis.pdbx_PDB_ins_code      ? 
_struct_mon_prot_cis.auth_comp_id           GLY 
_struct_mon_prot_cis.auth_seq_id            151 
_struct_mon_prot_cis.auth_asym_id           A 
_struct_mon_prot_cis.pdbx_label_comp_id_2   PRO 
_struct_mon_prot_cis.pdbx_label_seq_id_2    152 
_struct_mon_prot_cis.pdbx_label_asym_id_2   A 
_struct_mon_prot_cis.pdbx_PDB_ins_code_2    ? 
_struct_mon_prot_cis.pdbx_auth_comp_id_2    PRO 
_struct_mon_prot_cis.pdbx_auth_seq_id_2     152 
_struct_mon_prot_cis.pdbx_auth_asym_id_2    A 
_struct_mon_prot_cis.pdbx_PDB_model_num     1 
_struct_mon_prot_cis.pdbx_omega_angle       0.84 
# 
loop_
_struct_sheet.id 
_struct_sheet.type 
_struct_sheet.number_strands 
_struct_sheet.details 
A ? 2 ? 
B ? 4 ? 
# 
loop_
_struct_sheet_order.sheet_id 
_struct_sheet_order.range_id_1 
_struct_sheet_order.range_id_2 
_struct_sheet_order.offset 
_struct_sheet_order.sense 
A 1 2 ? anti-parallel 
B 1 2 ? anti-parallel 
B 2 3 ? anti-parallel 
B 3 4 ? anti-parallel 
# 
loop_
_struct_sheet_range.sheet_id 
_struct_sheet_range.id 
_struct_sheet_range.beg_label_comp_id 
_struct_sheet_range.beg_label_asym_id 
_struct_sheet_range.beg_label_seq_id 
_struct_sheet_range.pdbx_beg_PDB_ins_code 
_struct_sheet_range.end_label_comp_id 
_struct_sheet_range.end_label_asym_id 
_struct_sheet_range.end_label_seq_id 
_struct_sheet_range.pdbx_end_PDB_ins_code 
_struct_sheet_range.beg_auth_comp_id 
_struct_sheet_range.beg_auth_asym_id 
_struct_sheet_range.beg_auth_seq_id 
_struct_sheet_range.end_auth_comp_id 
_struct_sheet_range.end_auth_asym_id 
_struct_sheet_range.end_auth_seq_id 
A 1 GLY A 109 ? ARG A 112 ? GLY A 109 ARG A 112 
A 2 TYR A 211 ? PHE A 214 ? TYR A 211 PHE A 214 
B 1 LEU A 130 ? VAL A 134 ? LEU A 130 VAL A 134 
B 2 HIS A 159 ? SER A 169 ? HIS A 159 SER A 169 
B 3 LYS A 172 ? LYS A 178 ? LYS A 172 LYS A 178 
B 4 TYR A 190 ? LYS A 194 ? TYR A 190 LYS A 194 
# 
loop_
_pdbx_struct_sheet_hbond.sheet_id 
_pdbx_struct_sheet_hbond.range_id_1 
_pdbx_struct_sheet_hbond.range_id_2 
_pdbx_struct_sheet_hbond.range_1_label_atom_id 
_pdbx_struct_sheet_hbond.range_1_label_comp_id 
_pdbx_struct_sheet_hbond.range_1_label_asym_id 
_pdbx_struct_sheet_hbond.range_1_label_seq_id 
_pdbx_struct_sheet_hbond.range_1_PDB_ins_code 
_pdbx_struct_sheet_hbond.range_1_auth_atom_id 
_pdbx_struct_sheet_hbond.range_1_auth_comp_id 
_pdbx_struct_sheet_hbond.range_1_auth_asym_id 
_pdbx_struct_sheet_hbond.range_1_auth_seq_id 
_pdbx_struct_sheet_hbond.range_2_label_atom_id 
_pdbx_struct_sheet_hbond.range_2_label_comp_id 
_pdbx_struct_sheet_hbond.range_2_label_asym_id 
_pdbx_struct_sheet_hbond.range_2_label_seq_id 
_pdbx_struct_sheet_hbond.range_2_PDB_ins_code 
_pdbx_struct_sheet_hbond.range_2_auth_atom_id 
_pdbx_struct_sheet_hbond.range_2_auth_comp_id 
_pdbx_struct_sheet_hbond.range_2_auth_asym_id 
_pdbx_struct_sheet_hbond.range_2_auth_seq_id 
A 1 2 O GLY A 109 ? O GLY A 109 N PHE A 214 ? N PHE A 214 
B 1 2 O LEU A 130 ? O LEU A 130 N ALA A 163 ? N ALA A 163 
B 2 3 O THR A 162 ? O THR A 162 N LYS A 178 ? N LYS A 178 
B 3 4 O ILE A 175 ? O ILE A 175 N LEU A 193 ? N LEU A 193 
# 
_atom_sites.entry_id                    1YAL 
_atom_sites.fract_transf_matrix[1][1]   -0.00021658 
_atom_sites.fract_transf_matrix[1][2]   -0.00617693 
_atom_sites.fract_transf_matrix[1][3]   0.00320458 
_atom_sites.fract_transf_matrix[2][1]   -0.03035456 
_atom_sites.fract_transf_matrix[2][2]   -0.00181724 
_atom_sites.fract_transf_matrix[2][3]   -0.00555431 
_atom_sites.fract_transf_matrix[3][1]   0.00383597 
_atom_sites.fract_transf_matrix[3][2]   -0.01240113 
_atom_sites.fract_transf_matrix[3][3]   -0.01690640 
_atom_sites.fract_transf_vector[1]      -0.145139 
_atom_sites.fract_transf_vector[2]      -1.091521 
_atom_sites.fract_transf_vector[3]      0.406241 
# 
loop_
_atom_type.symbol 
C 
H 
N 
O 
S 
# 
loop_
_atom_site.group_PDB 
_atom_site.id 
_atom_site.type_symbol 
_atom_site.label_atom_id 
_atom_site.label_alt_id 
_atom_site.label_comp_id 
_atom_site.label_asym_id 
_atom_site.label_entity_id 
_atom_site.label_seq_id 
_atom_site.pdbx_PDB_ins_code 
_atom_site.Cartn_x 
_atom_site.Cartn_y 
_atom_site.Cartn_z 
_atom_site.occupancy 
_atom_site.B_iso_or_equiv 
_atom_site.pdbx_formal_charge 
_atom_site.auth_seq_id 
_atom_site.auth_comp_id 
_atom_site.auth_asym_id 
_atom_site.auth_atom_id 
_atom_site.pdbx_PDB_model_num 
ATOM   1    N N   . TYR A 1 1   ? -3.808  6.155   20.131  1.00 31.00 ? 1   TYR A N   1 
ATOM   2    C CA  . TYR A 1 1   ? -2.603  5.799   19.304  1.00 30.61 ? 1   TYR A CA  1 
ATOM   3    C C   . TYR A 1 1   ? -1.369  6.592   19.767  1.00 29.72 ? 1   TYR A C   1 
ATOM   4    O O   . TYR A 1 1   ? -1.508  7.624   20.422  1.00 30.69 ? 1   TYR A O   1 
ATOM   5    C CB  . TYR A 1 1   ? -2.898  6.035   17.807  1.00 30.41 ? 1   TYR A CB  1 
ATOM   6    C CG  . TYR A 1 1   ? -3.500  7.388   17.482  1.00 31.93 ? 1   TYR A CG  1 
ATOM   7    C CD1 . TYR A 1 1   ? -2.685  8.507   17.246  1.00 29.95 ? 1   TYR A CD1 1 
ATOM   8    C CD2 . TYR A 1 1   ? -4.888  7.550   17.413  1.00 33.86 ? 1   TYR A CD2 1 
ATOM   9    C CE1 . TYR A 1 1   ? -3.228  9.742   16.957  1.00 31.97 ? 1   TYR A CE1 1 
ATOM   10   C CE2 . TYR A 1 1   ? -5.449  8.794   17.120  1.00 34.89 ? 1   TYR A CE2 1 
ATOM   11   C CZ  . TYR A 1 1   ? -4.610  9.883   16.895  1.00 34.16 ? 1   TYR A CZ  1 
ATOM   12   O OH  . TYR A 1 1   ? -5.154  11.115  16.630  1.00 37.18 ? 1   TYR A OH  1 
ATOM   13   N N   . PRO A 1 2   ? -0.148  6.104   19.453  1.00 29.06 ? 2   PRO A N   1 
ATOM   14   C CA  . PRO A 1 2   ? 1.067   6.818   19.875  1.00 27.99 ? 2   PRO A CA  1 
ATOM   15   C C   . PRO A 1 2   ? 1.309   8.087   19.062  1.00 27.42 ? 2   PRO A C   1 
ATOM   16   O O   . PRO A 1 2   ? 0.678   8.307   18.021  1.00 26.20 ? 2   PRO A O   1 
ATOM   17   C CB  . PRO A 1 2   ? 2.193   5.809   19.582  1.00 28.79 ? 2   PRO A CB  1 
ATOM   18   C CG  . PRO A 1 2   ? 1.507   4.535   19.116  1.00 30.01 ? 2   PRO A CG  1 
ATOM   19   C CD  . PRO A 1 2   ? 0.191   4.975   18.570  1.00 29.28 ? 2   PRO A CD  1 
ATOM   20   N N   . GLN A 1 3   ? 2.275   8.882   19.520  1.00 27.08 ? 3   GLN A N   1 
ATOM   21   C CA  . GLN A 1 3   ? 2.671   10.114  18.845  1.00 26.43 ? 3   GLN A CA  1 
ATOM   22   C C   . GLN A 1 3   ? 3.255   9.781   17.464  1.00 23.74 ? 3   GLN A C   1 
ATOM   23   O O   . GLN A 1 3   ? 3.041   10.525  16.505  1.00 23.00 ? 3   GLN A O   1 
ATOM   24   C CB  . GLN A 1 3   ? 3.694   10.871  19.697  1.00 28.79 ? 3   GLN A CB  1 
ATOM   25   C CG  . GLN A 1 3   ? 3.187   11.295  21.060  1.00 33.75 ? 3   GLN A CG  1 
ATOM   26   C CD  . GLN A 1 3   ? 4.289   11.962  21.900  0.00 34.66 ? 3   GLN A CD  1 
ATOM   27   O OE1 . GLN A 1 3   ? 5.431   12.072  21.458  0.00 36.36 ? 3   GLN A OE1 1 
ATOM   28   N NE2 . GLN A 1 3   ? 3.957   12.368  23.114  0.00 36.11 ? 3   GLN A NE2 1 
ATOM   29   N N   . SER A 1 4   ? 3.909   8.627   17.345  1.00 20.81 ? 4   SER A N   1 
ATOM   30   C CA  . SER A 1 4   ? 4.469   8.189   16.071  1.00 19.51 ? 4   SER A CA  1 
ATOM   31   C C   . SER A 1 4   ? 4.551   6.672   15.958  1.00 17.61 ? 4   SER A C   1 
ATOM   32   O O   . SER A 1 4   ? 4.521   5.966   16.965  1.00 18.40 ? 4   SER A O   1 
ATOM   33   C CB  . SER A 1 4   ? 5.863   8.768   15.884  1.00 22.47 ? 4   SER A CB  1 
ATOM   34   O OG  . SER A 1 4   ? 6.717   8.295   16.899  1.00 24.61 ? 4   SER A OG  1 
ATOM   35   H HG  . SER A 1 4   ? 6.767   7.332   16.845  1.00 15.00 ? 4   SER A HG  1 
ATOM   36   N N   . ILE A 1 5   ? 4.639   6.168   14.737  1.00 15.88 ? 5   ILE A N   1 
ATOM   37   C CA  . ILE A 1 5   ? 4.792   4.731   14.533  1.00 17.45 ? 5   ILE A CA  1 
ATOM   38   C C   . ILE A 1 5   ? 5.466   4.491   13.198  1.00 18.19 ? 5   ILE A C   1 
ATOM   39   O O   . ILE A 1 5   ? 5.305   5.284   12.275  1.00 18.25 ? 5   ILE A O   1 
ATOM   40   C CB  . ILE A 1 5   ? 3.452   3.939   14.644  1.00 19.41 ? 5   ILE A CB  1 
ATOM   41   C CG1 . ILE A 1 5   ? 3.766   2.477   14.968  1.00 20.80 ? 5   ILE A CG1 1 
ATOM   42   C CG2 . ILE A 1 5   ? 2.661   3.957   13.327  1.00 19.01 ? 5   ILE A CG2 1 
ATOM   43   C CD1 . ILE A 1 5   ? 2.547   1.654   15.288  1.00 22.16 ? 5   ILE A CD1 1 
ATOM   44   N N   . ASP A 1 6   ? 6.296   3.453   13.118  1.00 17.56 ? 6   ASP A N   1 
ATOM   45   C CA  . ASP A 1 6   ? 6.977   3.115   11.878  1.00 17.30 ? 6   ASP A CA  1 
ATOM   46   C C   . ASP A 1 6   ? 6.976   1.594   11.782  1.00 18.84 ? 6   ASP A C   1 
ATOM   47   O O   . ASP A 1 6   ? 7.717   0.922   12.499  1.00 17.57 ? 6   ASP A O   1 
ATOM   48   C CB  . ASP A 1 6   ? 8.411   3.641   11.893  1.00 16.24 ? 6   ASP A CB  1 
ATOM   49   C CG  . ASP A 1 6   ? 9.105   3.512   10.553  1.00 17.19 ? 6   ASP A CG  1 
ATOM   50   O OD1 . ASP A 1 6   ? 8.626   2.787   9.651   1.00 17.40 ? 6   ASP A OD1 1 
ATOM   51   O OD2 . ASP A 1 6   ? 10.169  4.135   10.395  1.00 19.99 ? 6   ASP A OD2 1 
ATOM   52   N N   . TRP A 1 7   ? 6.131   1.057   10.912  1.00 17.42 ? 7   TRP A N   1 
ATOM   53   C CA  . TRP A 1 7   ? 6.041   -0.384  10.736  1.00 16.43 ? 7   TRP A CA  1 
ATOM   54   C C   . TRP A 1 7   ? 7.295   -0.979  10.151  1.00 17.90 ? 7   TRP A C   1 
ATOM   55   O O   . TRP A 1 7   ? 7.521   -2.177  10.283  1.00 18.66 ? 7   TRP A O   1 
ATOM   56   C CB  . TRP A 1 7   ? 4.823   -0.750  9.894   1.00 14.75 ? 7   TRP A CB  1 
ATOM   57   C CG  . TRP A 1 7   ? 3.585   -0.606  10.679  1.00 14.95 ? 7   TRP A CG  1 
ATOM   58   C CD1 . TRP A 1 7   ? 2.629   0.365   10.557  1.00 14.26 ? 7   TRP A CD1 1 
ATOM   59   C CD2 . TRP A 1 7   ? 3.206   -1.401  11.796  1.00 14.28 ? 7   TRP A CD2 1 
ATOM   60   N NE1 . TRP A 1 7   ? 1.690   0.228   11.538  1.00 15.46 ? 7   TRP A NE1 1 
ATOM   61   C CE2 . TRP A 1 7   ? 2.015   -0.853  12.313  1.00 14.95 ? 7   TRP A CE2 1 
ATOM   62   C CE3 . TRP A 1 7   ? 3.759   -2.528  12.413  1.00 16.29 ? 7   TRP A CE3 1 
ATOM   63   C CZ2 . TRP A 1 7   ? 1.370   -1.388  13.425  1.00 17.18 ? 7   TRP A CZ2 1 
ATOM   64   C CZ3 . TRP A 1 7   ? 3.123   -3.057  13.517  1.00 14.99 ? 7   TRP A CZ3 1 
ATOM   65   C CH2 . TRP A 1 7   ? 1.935   -2.490  14.013  1.00 15.46 ? 7   TRP A CH2 1 
ATOM   66   N N   . ARG A 1 8   ? 8.104   -0.151  9.488   1.00 17.68 ? 8   ARG A N   1 
ATOM   67   C CA  . ARG A 1 8   ? 9.346   -0.628  8.902   1.00 19.35 ? 8   ARG A CA  1 
ATOM   68   C C   . ARG A 1 8   ? 10.253  -1.048  10.057  1.00 20.78 ? 8   ARG A C   1 
ATOM   69   O O   . ARG A 1 8   ? 10.888  -2.096  10.009  1.00 21.11 ? 8   ARG A O   1 
ATOM   70   C CB  . ARG A 1 8   ? 10.029  0.467   8.087   1.00 17.62 ? 8   ARG A CB  1 
ATOM   71   C CG  . ARG A 1 8   ? 9.216   0.957   6.904   1.00 17.49 ? 8   ARG A CG  1 
ATOM   72   C CD  . ARG A 1 8   ? 9.870   2.173   6.261   1.00 16.73 ? 8   ARG A CD  1 
ATOM   73   N NE  . ARG A 1 8   ? 10.005  3.282   7.196   1.00 15.93 ? 8   ARG A NE  1 
ATOM   74   C CZ  . ARG A 1 8   ? 10.566  4.450   6.894   1.00 15.72 ? 8   ARG A CZ  1 
ATOM   75   N NH1 . ARG A 1 8   ? 11.038  4.668   5.669   1.00 15.63 ? 8   ARG A NH1 1 
ATOM   76   N NH2 . ARG A 1 8   ? 10.686  5.381   7.828   1.00 15.54 ? 8   ARG A NH2 1 
ATOM   77   N N   . ALA A 1 9   ? 10.258  -0.236  11.110  1.00 20.82 ? 9   ALA A N   1 
ATOM   78   C CA  . ALA A 1 9   ? 11.071  -0.482  12.291  1.00 22.59 ? 9   ALA A CA  1 
ATOM   79   C C   . ALA A 1 9   ? 10.541  -1.667  13.070  1.00 23.49 ? 9   ALA A C   1 
ATOM   80   O O   . ALA A 1 9   ? 11.264  -2.270  13.858  1.00 26.71 ? 9   ALA A O   1 
ATOM   81   C CB  . ALA A 1 9   ? 11.081  0.734   13.180  1.00 19.83 ? 9   ALA A CB  1 
ATOM   82   N N   . LYS A 1 10  ? 9.269   -1.979  12.883  1.00 23.69 ? 10  LYS A N   1 
ATOM   83   C CA  . LYS A 1 10  ? 8.679   -3.099  13.590  1.00 23.29 ? 10  LYS A CA  1 
ATOM   84   C C   . LYS A 1 10  ? 8.736   -4.378  12.760  1.00 22.23 ? 10  LYS A C   1 
ATOM   85   O O   . LYS A 1 10  ? 8.094   -5.376  13.100  1.00 24.11 ? 10  LYS A O   1 
ATOM   86   C CB  . LYS A 1 10  ? 7.258   -2.752  14.020  1.00 25.77 ? 10  LYS A CB  1 
ATOM   87   C CG  . LYS A 1 10  ? 7.183   -1.401  14.705  1.00 29.54 ? 10  LYS A CG  1 
ATOM   88   C CD  . LYS A 1 10  ? 5.851   -1.159  15.355  1.00 33.60 ? 10  LYS A CD  1 
ATOM   89   C CE  . LYS A 1 10  ? 5.713   -2.016  16.588  1.00 37.15 ? 10  LYS A CE  1 
ATOM   90   N NZ  . LYS A 1 10  ? 4.470   -1.694  17.339  1.00 41.31 ? 10  LYS A NZ  1 
ATOM   91   N N   . GLY A 1 11  ? 9.484   -4.338  11.665  1.00 18.41 ? 11  GLY A N   1 
ATOM   92   C CA  . GLY A 1 11  ? 9.647   -5.505  10.816  1.00 17.85 ? 11  GLY A CA  1 
ATOM   93   C C   . GLY A 1 11  ? 8.459   -6.005  10.013  1.00 17.69 ? 11  GLY A C   1 
ATOM   94   O O   . GLY A 1 11  ? 8.489   -7.139  9.524   1.00 17.82 ? 11  GLY A O   1 
ATOM   95   N N   . ALA A 1 12  ? 7.477   -5.135  9.782   1.00 16.22 ? 12  ALA A N   1 
ATOM   96   C CA  . ALA A 1 12  ? 6.266   -5.485  9.043   1.00 13.28 ? 12  ALA A CA  1 
ATOM   97   C C   . ALA A 1 12  ? 6.277   -4.988  7.593   1.00 13.65 ? 12  ALA A C   1 
ATOM   98   O O   . ALA A 1 12  ? 5.275   -5.101  6.890   1.00 14.37 ? 12  ALA A O   1 
ATOM   99   C CB  . ALA A 1 12  ? 5.049   -4.925  9.774   1.00 12.30 ? 12  ALA A CB  1 
ATOM   100  N N   . VAL A 1 13  ? 7.408   -4.471  7.124   1.00 10.33 ? 13  VAL A N   1 
ATOM   101  C CA  . VAL A 1 13  ? 7.473   -3.957  5.764   1.00 9.65  ? 13  VAL A CA  1 
ATOM   102  C C   . VAL A 1 13  ? 8.628   -4.556  4.983   1.00 10.38 ? 13  VAL A C   1 
ATOM   103  O O   . VAL A 1 13  ? 9.763   -4.533  5.442   1.00 15.84 ? 13  VAL A O   1 
ATOM   104  C CB  . VAL A 1 13  ? 7.590   -2.388  5.800   1.00 10.24 ? 13  VAL A CB  1 
ATOM   105  C CG1 . VAL A 1 13  ? 7.506   -1.799  4.375   1.00 8.89  ? 13  VAL A CG1 1 
ATOM   106  C CG2 . VAL A 1 13  ? 6.528   -1.782  6.710   1.00 9.72  ? 13  VAL A CG2 1 
ATOM   107  N N   . THR A 1 14  ? 8.339   -5.133  3.823   1.00 11.37 ? 14  THR A N   1 
ATOM   108  C CA  . THR A 1 14  ? 9.372   -5.701  2.979   1.00 10.49 ? 14  THR A CA  1 
ATOM   109  C C   . THR A 1 14  ? 10.051  -4.546  2.209   1.00 12.95 ? 14  THR A C   1 
ATOM   110  O O   . THR A 1 14  ? 9.588   -3.403  2.260   1.00 14.01 ? 14  THR A O   1 
ATOM   111  C CB  . THR A 1 14  ? 8.768   -6.678  1.976   1.00 11.24 ? 14  THR A CB  1 
ATOM   112  O OG1 . THR A 1 14  ? 7.877   -5.977  1.087   1.00 10.31 ? 14  THR A OG1 1 
ATOM   113  C CG2 . THR A 1 14  ? 8.011   -7.788  2.718   1.00 11.85 ? 14  THR A CG2 1 
ATOM   114  N N   . PRO A 1 15  ? 11.200  -4.813  1.578   1.00 14.05 ? 15  PRO A N   1 
ATOM   115  C CA  . PRO A 1 15  ? 11.932  -3.799  0.808   1.00 14.68 ? 15  PRO A CA  1 
ATOM   116  C C   . PRO A 1 15  ? 11.109  -3.159  -0.326  1.00 14.85 ? 15  PRO A C   1 
ATOM   117  O O   . PRO A 1 15  ? 10.179  -3.769  -0.865  1.00 13.34 ? 15  PRO A O   1 
ATOM   118  C CB  . PRO A 1 15  ? 13.114  -4.601  0.253   1.00 14.41 ? 15  PRO A CB  1 
ATOM   119  C CG  . PRO A 1 15  ? 13.410  -5.539  1.386   1.00 15.24 ? 15  PRO A CG  1 
ATOM   120  C CD  . PRO A 1 15  ? 12.022  -6.030  1.744   1.00 14.98 ? 15  PRO A CD  1 
ATOM   121  N N   . VAL A 1 16  ? 11.477  -1.929  -0.682  1.00 12.94 ? 16  VAL A N   1 
ATOM   122  C CA  . VAL A 1 16  ? 10.814  -1.187  -1.753  1.00 12.55 ? 16  VAL A CA  1 
ATOM   123  C C   . VAL A 1 16  ? 10.933  -1.924  -3.053  1.00 11.99 ? 16  VAL A C   1 
ATOM   124  O O   . VAL A 1 16  ? 11.980  -2.463  -3.397  1.00 14.92 ? 16  VAL A O   1 
ATOM   125  C CB  . VAL A 1 16  ? 11.371  0.254   -1.896  1.00 10.51 ? 16  VAL A CB  1 
ATOM   126  C CG1 . VAL A 1 16  ? 10.788  0.948   -3.110  1.00 11.99 ? 16  VAL A CG1 1 
ATOM   127  C CG2 . VAL A 1 16  ? 10.999  1.036   -0.681  1.00 12.44 ? 16  VAL A CG2 1 
ATOM   128  N N   . LYS A 1 17  ? 9.823   -1.993  -3.764  1.00 11.91 ? 17  LYS A N   1 
ATOM   129  C CA  . LYS A 1 17  ? 9.779   -2.684  -5.033  1.00 11.42 ? 17  LYS A CA  1 
ATOM   130  C C   . LYS A 1 17  ? 9.519   -1.643  -6.127  1.00 12.97 ? 17  LYS A C   1 
ATOM   131  O O   . LYS A 1 17  ? 9.333   -0.458  -5.841  1.00 12.21 ? 17  LYS A O   1 
ATOM   132  C CB  . LYS A 1 17  ? 8.676   -3.754  -5.005  1.00 11.73 ? 17  LYS A CB  1 
ATOM   133  C CG  . LYS A 1 17  ? 8.620   -4.578  -3.695  1.00 15.10 ? 17  LYS A CG  1 
ATOM   134  C CD  . LYS A 1 17  ? 7.622   -5.735  -3.820  1.00 18.33 ? 17  LYS A CD  1 
ATOM   135  C CE  . LYS A 1 17  ? 7.421   -6.489  -2.492  1.00 21.51 ? 17  LYS A CE  1 
ATOM   136  N NZ  . LYS A 1 17  ? 6.467   -7.652  -2.601  1.00 17.30 ? 17  LYS A NZ  1 
ATOM   137  N N   . ASN A 1 18  ? 9.531   -2.087  -7.372  1.00 12.83 ? 18  ASN A N   1 
ATOM   138  C CA  . ASN A 1 18  ? 9.310   -1.192  -8.508  1.00 16.26 ? 18  ASN A CA  1 
ATOM   139  C C   . ASN A 1 18  ? 8.325   -1.809  -9.502  1.00 15.73 ? 18  ASN A C   1 
ATOM   140  O O   . ASN A 1 18  ? 8.604   -2.859  -10.100 1.00 16.80 ? 18  ASN A O   1 
ATOM   141  C CB  . ASN A 1 18  ? 10.651  -0.915  -9.186  1.00 17.26 ? 18  ASN A CB  1 
ATOM   142  C CG  . ASN A 1 18  ? 10.593  0.228   -10.184 1.00 19.39 ? 18  ASN A CG  1 
ATOM   143  O OD1 . ASN A 1 18  ? 11.627  0.743   -10.577 1.00 23.49 ? 18  ASN A OD1 1 
ATOM   144  N ND2 . ASN A 1 18  ? 9.401   0.652   -10.561 1.00 15.82 ? 18  ASN A ND2 1 
ATOM   145  N N   . GLN A 1 19  ? 7.193   -1.141  -9.705  1.00 13.51 ? 19  GLN A N   1 
ATOM   146  C CA  . GLN A 1 19  ? 6.165   -1.641  -10.627 1.00 13.73 ? 19  GLN A CA  1 
ATOM   147  C C   . GLN A 1 19  ? 6.571   -1.568  -12.090 1.00 13.10 ? 19  GLN A C   1 
ATOM   148  O O   . GLN A 1 19  ? 5.951   -2.171  -12.967 1.00 13.16 ? 19  GLN A O   1 
ATOM   149  C CB  . GLN A 1 19  ? 4.843   -0.906  -10.393 1.00 14.23 ? 19  GLN A CB  1 
ATOM   150  C CG  . GLN A 1 19  ? 4.898   0.553   -10.656 1.00 14.06 ? 19  GLN A CG  1 
ATOM   151  C CD  . GLN A 1 19  ? 3.630   1.246   -10.241 1.00 14.93 ? 19  GLN A CD  1 
ATOM   152  O OE1 . GLN A 1 19  ? 3.406   1.513   -9.068  1.00 16.13 ? 19  GLN A OE1 1 
ATOM   153  N NE2 . GLN A 1 19  ? 2.783   1.542   -11.211 1.00 15.96 ? 19  GLN A NE2 1 
ATOM   154  N N   . GLY A 1 20  ? 7.657   -0.857  -12.346 1.00 13.08 ? 20  GLY A N   1 
ATOM   155  C CA  . GLY A 1 20  ? 8.132   -0.737  -13.704 1.00 13.68 ? 20  GLY A CA  1 
ATOM   156  C C   . GLY A 1 20  ? 7.112   0.024   -14.514 1.00 14.82 ? 20  GLY A C   1 
ATOM   157  O O   . GLY A 1 20  ? 6.359   0.853   -13.991 1.00 15.02 ? 20  GLY A O   1 
ATOM   158  N N   . ALA A 1 21  ? 7.092   -0.257  -15.806 1.00 17.19 ? 21  ALA A N   1 
ATOM   159  C CA  . ALA A 1 21  ? 6.175   0.401   -16.707 1.00 19.75 ? 21  ALA A CA  1 
ATOM   160  C C   . ALA A 1 21  ? 4.884   -0.411  -16.805 1.00 20.47 ? 21  ALA A C   1 
ATOM   161  O O   . ALA A 1 21  ? 4.525   -0.918  -17.873 1.00 24.06 ? 21  ALA A O   1 
ATOM   162  C CB  . ALA A 1 21  ? 6.830   0.571   -18.078 1.00 22.54 ? 21  ALA A CB  1 
ATOM   163  N N   . CYS A 1 22  ? 4.199   -0.551  -15.680 1.00 18.08 ? 22  CYS A N   1 
ATOM   164  C CA  . CYS A 1 22  ? 2.959   -1.303  -15.637 1.00 14.77 ? 22  CYS A CA  1 
ATOM   165  C C   . CYS A 1 22  ? 2.135   -0.618  -14.572 1.00 13.68 ? 22  CYS A C   1 
ATOM   166  O O   . CYS A 1 22  ? 2.660   -0.304  -13.497 1.00 14.17 ? 22  CYS A O   1 
ATOM   167  C CB  . CYS A 1 22  ? 3.276   -2.738  -15.225 1.00 16.86 ? 22  CYS A CB  1 
ATOM   168  S SG  . CYS A 1 22  ? 1.844   -3.755  -14.764 1.00 12.45 ? 22  CYS A SG  1 
ATOM   169  N N   . GLY A 1 23  ? 0.871   -0.313  -14.883 1.00 11.61 ? 23  GLY A N   1 
ATOM   170  C CA  . GLY A 1 23  ? 0.003   0.350   -13.921 1.00 12.02 ? 23  GLY A CA  1 
ATOM   171  C C   . GLY A 1 23  ? -0.576  -0.629  -12.915 1.00 11.06 ? 23  GLY A C   1 
ATOM   172  O O   . GLY A 1 23  ? -1.788  -0.786  -12.828 1.00 10.51 ? 23  GLY A O   1 
ATOM   173  N N   . SER A 1 24  ? 0.307   -1.256  -12.148 1.00 11.49 ? 24  SER A N   1 
ATOM   174  C CA  . SER A 1 24  ? -0.052  -2.256  -11.144 1.00 11.27 ? 24  SER A CA  1 
ATOM   175  C C   . SER A 1 24  ? 0.043   -1.753  -9.707  1.00 11.46 ? 24  SER A C   1 
ATOM   176  O O   . SER A 1 24  ? 0.052   -2.548  -8.743  1.00 11.37 ? 24  SER A O   1 
ATOM   177  C CB  . SER A 1 24  ? 0.850   -3.472  -11.341 1.00 12.59 ? 24  SER A CB  1 
ATOM   178  O OG  . SER A 1 24  ? 2.212   -3.079  -11.358 1.00 13.61 ? 24  SER A OG  1 
HETATM 179  N N   . SCH A 1 25  ? 0.042   -0.429  -9.548  1.00 10.58 ? 25  SCH A N   1 
HETATM 180  C CA  . SCH A 1 25  ? 0.125   0.191   -8.236  1.00 9.74  ? 25  SCH A CA  1 
HETATM 181  C CB  . SCH A 1 25  ? -0.018  1.714   -8.362  1.00 12.09 ? 25  SCH A CB  1 
HETATM 182  S SG  . SCH A 1 25  ? -1.633  2.256   -9.007  1.00 15.61 ? 25  SCH A SG  1 
HETATM 183  S SD  . SCH A 1 25  ? -1.412  2.278   -10.992 1.00 20.71 ? 25  SCH A SD  1 
HETATM 184  C CE  . SCH A 1 25  ? -1.069  4.039   -11.334 1.00 23.18 ? 25  SCH A CE  1 
HETATM 185  C C   . SCH A 1 25  ? -0.895  -0.376  -7.244  1.00 9.76  ? 25  SCH A C   1 
HETATM 186  O O   . SCH A 1 25  ? -0.596  -0.505  -6.052  1.00 10.14 ? 25  SCH A O   1 
ATOM   187  N N   . TRP A 1 26  ? -2.114  -0.633  -7.733  1.00 9.54  ? 26  TRP A N   1 
ATOM   188  C CA  . TRP A 1 26  ? -3.220  -1.197  -6.947  1.00 10.49 ? 26  TRP A CA  1 
ATOM   189  C C   . TRP A 1 26  ? -2.809  -2.561  -6.330  1.00 10.19 ? 26  TRP A C   1 
ATOM   190  O O   . TRP A 1 26  ? -3.098  -2.825  -5.179  1.00 12.14 ? 26  TRP A O   1 
ATOM   191  C CB  . TRP A 1 26  ? -4.471  -1.356  -7.836  1.00 6.83  ? 26  TRP A CB  1 
ATOM   192  C CG  . TRP A 1 26  ? -4.224  -2.130  -9.090  1.00 7.78  ? 26  TRP A CG  1 
ATOM   193  C CD1 . TRP A 1 26  ? -3.705  -1.657  -10.264 1.00 4.53  ? 26  TRP A CD1 1 
ATOM   194  C CD2 . TRP A 1 26  ? -4.444  -3.539  -9.287  1.00 9.11  ? 26  TRP A CD2 1 
ATOM   195  N NE1 . TRP A 1 26  ? -3.580  -2.680  -11.173 1.00 8.30  ? 26  TRP A NE1 1 
ATOM   196  C CE2 . TRP A 1 26  ? -4.024  -3.840  -10.603 1.00 9.30  ? 26  TRP A CE2 1 
ATOM   197  C CE3 . TRP A 1 26  ? -4.949  -4.567  -8.474  1.00 10.17 ? 26  TRP A CE3 1 
ATOM   198  C CZ2 . TRP A 1 26  ? -4.094  -5.135  -11.124 1.00 8.43  ? 26  TRP A CZ2 1 
ATOM   199  C CZ3 . TRP A 1 26  ? -5.014  -5.858  -9.006  1.00 7.82  ? 26  TRP A CZ3 1 
ATOM   200  C CH2 . TRP A 1 26  ? -4.590  -6.120  -10.312 1.00 7.66  ? 26  TRP A CH2 1 
ATOM   201  N N   . ALA A 1 27  ? -2.109  -3.384  -7.117  1.00 10.45 ? 27  ALA A N   1 
ATOM   202  C CA  . ALA A 1 27  ? -1.612  -4.689  -6.686  1.00 9.10  ? 27  ALA A CA  1 
ATOM   203  C C   . ALA A 1 27  ? -0.498  -4.499  -5.649  1.00 9.91  ? 27  ALA A C   1 
ATOM   204  O O   . ALA A 1 27  ? -0.481  -5.167  -4.615  1.00 10.20 ? 27  ALA A O   1 
ATOM   205  C CB  . ALA A 1 27  ? -1.124  -5.492  -7.874  1.00 7.42  ? 27  ALA A CB  1 
ATOM   206  N N   . PHE A 1 28  ? 0.437   -3.590  -5.905  1.00 8.97  ? 28  PHE A N   1 
ATOM   207  C CA  . PHE A 1 28  ? 1.510   -3.335  -4.959  1.00 9.49  ? 28  PHE A CA  1 
ATOM   208  C C   . PHE A 1 28  ? 1.008   -2.872  -3.594  1.00 9.98  ? 28  PHE A C   1 
ATOM   209  O O   . PHE A 1 28  ? 1.479   -3.317  -2.566  1.00 10.72 ? 28  PHE A O   1 
ATOM   210  C CB  . PHE A 1 28  ? 2.552   -2.338  -5.515  1.00 7.63  ? 28  PHE A CB  1 
ATOM   211  C CG  . PHE A 1 28  ? 3.499   -2.983  -6.482  1.00 7.21  ? 28  PHE A CG  1 
ATOM   212  C CD1 . PHE A 1 28  ? 3.106   -3.272  -7.773  1.00 5.35  ? 28  PHE A CD1 1 
ATOM   213  C CD2 . PHE A 1 28  ? 4.763   -3.386  -6.072  1.00 8.86  ? 28  PHE A CD2 1 
ATOM   214  C CE1 . PHE A 1 28  ? 3.948   -3.949  -8.648  1.00 9.59  ? 28  PHE A CE1 1 
ATOM   215  C CE2 . PHE A 1 28  ? 5.606   -4.058  -6.928  1.00 8.03  ? 28  PHE A CE2 1 
ATOM   216  C CZ  . PHE A 1 28  ? 5.202   -4.341  -8.225  1.00 8.95  ? 28  PHE A CZ  1 
ATOM   217  N N   . SER A 1 29  ? 0.029   -1.966  -3.600  1.00 8.39  ? 29  SER A N   1 
ATOM   218  C CA  . SER A 1 29  ? -0.536  -1.420  -2.368  1.00 7.62  ? 29  SER A CA  1 
ATOM   219  C C   . SER A 1 29  ? -1.246  -2.542  -1.583  1.00 7.99  ? 29  SER A C   1 
ATOM   220  O O   . SER A 1 29  ? -1.036  -2.689  -0.387  1.00 10.75 ? 29  SER A O   1 
ATOM   221  C CB  . SER A 1 29  ? -1.492  -0.272  -2.692  1.00 6.78  ? 29  SER A CB  1 
ATOM   222  O OG  A SER A 1 29  ? -2.084  0.288   -1.558  0.58 5.41  ? 29  SER A OG  1 
ATOM   223  O OG  B SER A 1 29  ? -2.480  -0.557  -3.572  0.42 8.76  ? 29  SER A OG  1 
ATOM   224  N N   . THR A 1 30  ? -2.060  -3.340  -2.257  1.00 9.61  ? 30  THR A N   1 
ATOM   225  C CA  . THR A 1 30  ? -2.767  -4.427  -1.609  1.00 10.59 ? 30  THR A CA  1 
ATOM   226  C C   . THR A 1 30  ? -1.756  -5.419  -1.029  1.00 7.04  ? 30  THR A C   1 
ATOM   227  O O   . THR A 1 30  ? -1.840  -5.753  0.154   1.00 8.38  ? 30  THR A O   1 
ATOM   228  C CB  . THR A 1 30  ? -3.751  -5.122  -2.559  1.00 8.29  ? 30  THR A CB  1 
ATOM   229  O OG1 . THR A 1 30  ? -4.854  -4.243  -2.721  1.00 11.10 ? 30  THR A OG1 1 
ATOM   230  C CG2 . THR A 1 30  ? -4.269  -6.459  -1.953  1.00 9.95  ? 30  THR A CG2 1 
ATOM   231  N N   . ILE A 1 31  ? -0.777  -5.832  -1.832  1.00 7.63  ? 31  ILE A N   1 
ATOM   232  C CA  . ILE A 1 31  ? 0.257   -6.759  -1.351  1.00 9.66  ? 31  ILE A CA  1 
ATOM   233  C C   . ILE A 1 31  ? 1.013   -6.233  -0.110  1.00 10.80 ? 31  ILE A C   1 
ATOM   234  O O   . ILE A 1 31  ? 1.181   -6.960  0.888   1.00 9.36  ? 31  ILE A O   1 
ATOM   235  C CB  . ILE A 1 31  ? 1.223   -7.206  -2.458  1.00 8.14  ? 31  ILE A CB  1 
ATOM   236  C CG1 . ILE A 1 31  ? 0.518   -8.173  -3.429  1.00 12.34 ? 31  ILE A CG1 1 
ATOM   237  C CG2 . ILE A 1 31  ? 2.454   -7.866  -1.875  1.00 11.45 ? 31  ILE A CG2 1 
ATOM   238  C CD1 . ILE A 1 31  ? -0.197  -9.364  -2.772  1.00 11.70 ? 31  ILE A CD1 1 
ATOM   239  N N   . ALA A 1 32  ? 1.425   -4.967  -0.118  1.00 8.23  ? 32  ALA A N   1 
ATOM   240  C CA  . ALA A 1 32  ? 2.118   -4.424  1.038   1.00 8.32  ? 32  ALA A CA  1 
ATOM   241  C C   . ALA A 1 32  ? 1.285   -4.516  2.312   1.00 8.16  ? 32  ALA A C   1 
ATOM   242  O O   . ALA A 1 32  ? 1.809   -4.833  3.383   1.00 8.75  ? 32  ALA A O   1 
ATOM   243  C CB  . ALA A 1 32  ? 2.554   -3.005  0.791   1.00 7.72  ? 32  ALA A CB  1 
ATOM   244  N N   . THR A 1 33  ? -0.018  -4.269  2.229   1.00 8.07  ? 33  THR A N   1 
ATOM   245  C CA  . THR A 1 33  ? -0.839  -4.370  3.436   1.00 10.88 ? 33  THR A CA  1 
ATOM   246  C C   . THR A 1 33  ? -1.002  -5.806  3.936   1.00 8.27  ? 33  THR A C   1 
ATOM   247  O O   . THR A 1 33  ? -1.111  -6.038  5.144   1.00 9.56  ? 33  THR A O   1 
ATOM   248  C CB  . THR A 1 33  ? -2.249  -3.711  3.280   1.00 11.70 ? 33  THR A CB  1 
ATOM   249  O OG1 . THR A 1 33  ? -3.017  -4.392  2.281   1.00 12.55 ? 33  THR A OG1 1 
ATOM   250  C CG2 . THR A 1 33  ? -2.085  -2.252  2.910   1.00 11.26 ? 33  THR A CG2 1 
ATOM   251  N N   . VAL A 1 34  ? -1.031  -6.745  2.992   1.00 11.78 ? 34  VAL A N   1 
ATOM   252  C CA  . VAL A 1 34  ? -1.175  -8.171  3.304   1.00 13.10 ? 34  VAL A CA  1 
ATOM   253  C C   . VAL A 1 34  ? 0.127   -8.701  3.912   1.00 12.23 ? 34  VAL A C   1 
ATOM   254  O O   . VAL A 1 34  ? 0.096   -9.443  4.892   1.00 11.59 ? 34  VAL A O   1 
ATOM   255  C CB  . VAL A 1 34  ? -1.615  -8.987  2.060   1.00 12.04 ? 34  VAL A CB  1 
ATOM   256  C CG1 . VAL A 1 34  ? -1.764  -10.471 2.428   1.00 12.52 ? 34  VAL A CG1 1 
ATOM   257  C CG2 . VAL A 1 34  ? -2.928  -8.429  1.529   1.00 12.72 ? 34  VAL A CG2 1 
ATOM   258  N N   . GLU A 1 35  ? 1.262   -8.264  3.370   1.00 12.15 ? 35  GLU A N   1 
ATOM   259  C CA  . GLU A 1 35  ? 2.570   -8.641  3.895   1.00 11.35 ? 35  GLU A CA  1 
ATOM   260  C C   . GLU A 1 35  ? 2.656   -8.120  5.327   1.00 13.58 ? 35  GLU A C   1 
ATOM   261  O O   . GLU A 1 35  ? 3.135   -8.821  6.235   1.00 13.98 ? 35  GLU A O   1 
ATOM   262  C CB  . GLU A 1 35  ? 3.690   -8.026  3.057   1.00 8.14  ? 35  GLU A CB  1 
ATOM   263  C CG  . GLU A 1 35  ? 3.829   -8.616  1.664   1.00 8.03  ? 35  GLU A CG  1 
ATOM   264  C CD  . GLU A 1 35  ? 4.850   -7.885  0.819   1.00 8.22  ? 35  GLU A CD  1 
ATOM   265  O OE1 . GLU A 1 35  ? 5.201   -6.744  1.168   1.00 10.94 ? 35  GLU A OE1 1 
ATOM   266  O OE2 . GLU A 1 35  ? 5.301   -8.449  -0.196  1.00 10.12 ? 35  GLU A OE2 1 
ATOM   267  N N   . GLY A 1 36  ? 2.131   -6.910  5.538   1.00 10.71 ? 36  GLY A N   1 
ATOM   268  C CA  . GLY A 1 36  ? 2.151   -6.318  6.858   1.00 9.47  ? 36  GLY A CA  1 
ATOM   269  C C   . GLY A 1 36  ? 1.284   -7.052  7.874   1.00 11.85 ? 36  GLY A C   1 
ATOM   270  O O   . GLY A 1 36  ? 1.753   -7.358  8.974   1.00 12.57 ? 36  GLY A O   1 
ATOM   271  N N   . ILE A 1 37  ? 0.019   -7.322  7.537   1.00 11.31 ? 37  ILE A N   1 
ATOM   272  C CA  . ILE A 1 37  ? -0.866  -8.018  8.480   1.00 13.14 ? 37  ILE A CA  1 
ATOM   273  C C   . ILE A 1 37  ? -0.406  -9.455  8.741   1.00 12.29 ? 37  ILE A C   1 
ATOM   274  O O   . ILE A 1 37  ? -0.512  -9.953  9.869   1.00 12.70 ? 37  ILE A O   1 
ATOM   275  C CB  . ILE A 1 37  ? -2.370  -7.969  8.055   1.00 12.70 ? 37  ILE A CB  1 
ATOM   276  C CG1 . ILE A 1 37  ? -3.252  -8.255  9.270   1.00 13.60 ? 37  ILE A CG1 1 
ATOM   277  C CG2 . ILE A 1 37  ? -2.670  -8.904  6.894   1.00 9.81  ? 37  ILE A CG2 1 
ATOM   278  C CD1 . ILE A 1 37  ? -3.095  -7.232  10.396  1.00 13.85 ? 37  ILE A CD1 1 
ATOM   279  N N   . ASN A 1 38  ? 0.127   -10.108 7.720   1.00 12.14 ? 38  ASN A N   1 
ATOM   280  C CA  . ASN A 1 38  ? 0.635   -11.467 7.901   1.00 14.22 ? 38  ASN A CA  1 
ATOM   281  C C   . ASN A 1 38  ? 1.746   -11.475 8.965   1.00 16.90 ? 38  ASN A C   1 
ATOM   282  O O   . ASN A 1 38  ? 1.748   -12.312 9.870   1.00 16.08 ? 38  ASN A O   1 
ATOM   283  C CB  . ASN A 1 38  ? 1.151   -12.014 6.580   1.00 14.48 ? 38  ASN A CB  1 
ATOM   284  C CG  . ASN A 1 38  ? 1.632   -13.442 6.694   1.00 17.80 ? 38  ASN A CG  1 
ATOM   285  O OD1 . ASN A 1 38  ? 0.929   -14.292 7.215   1.00 16.85 ? 38  ASN A OD1 1 
ATOM   286  N ND2 . ASN A 1 38  ? 2.832   -13.709 6.205   1.00 17.41 ? 38  ASN A ND2 1 
ATOM   287  N N   . LYS A 1 39  ? 2.662   -10.510 8.897   1.00 16.26 ? 39  LYS A N   1 
ATOM   288  C CA  . LYS A 1 39  ? 3.735   -10.410 9.869   1.00 15.80 ? 39  LYS A CA  1 
ATOM   289  C C   . LYS A 1 39  ? 3.186   -10.099 11.251  1.00 16.24 ? 39  LYS A C   1 
ATOM   290  O O   . LYS A 1 39  ? 3.594   -10.689 12.248  1.00 16.03 ? 39  LYS A O   1 
ATOM   291  C CB  . LYS A 1 39  ? 4.724   -9.332  9.438   1.00 15.63 ? 39  LYS A CB  1 
ATOM   292  C CG  . LYS A 1 39  ? 5.505   -8.755  10.587  1.00 19.21 ? 39  LYS A CG  1 
ATOM   293  C CD  . LYS A 1 39  ? 6.578   -9.694  11.083  1.00 21.69 ? 39  LYS A CD  1 
ATOM   294  C CE  . LYS A 1 39  ? 7.156   -9.232  12.397  1.00 22.46 ? 39  LYS A CE  1 
ATOM   295  N NZ  A LYS A 1 39  ? 8.282   -10.038 12.824  0.54 23.28 ? 39  LYS A NZ  1 
ATOM   296  N NZ  B LYS A 1 39  ? 6.216   -9.099  13.481  0.46 23.20 ? 39  LYS A NZ  1 
ATOM   297  N N   . ILE A 1 40  ? 2.264   -9.152  11.323  1.00 15.45 ? 40  ILE A N   1 
ATOM   298  C CA  . ILE A 1 40  ? 1.679   -8.779  12.604  1.00 17.14 ? 40  ILE A CA  1 
ATOM   299  C C   . ILE A 1 40  ? 0.958   -9.960  13.274  1.00 17.50 ? 40  ILE A C   1 
ATOM   300  O O   . ILE A 1 40  ? 1.024   -10.115 14.489  1.00 20.21 ? 40  ILE A O   1 
ATOM   301  C CB  . ILE A 1 40  ? 0.706   -7.547  12.458  1.00 15.74 ? 40  ILE A CB  1 
ATOM   302  C CG1 . ILE A 1 40  ? 1.508   -6.282  12.107  1.00 16.61 ? 40  ILE A CG1 1 
ATOM   303  C CG2 . ILE A 1 40  ? -0.061  -7.282  13.757  1.00 17.48 ? 40  ILE A CG2 1 
ATOM   304  C CD1 . ILE A 1 40  ? 0.669   -5.173  11.367  1.00 12.90 ? 40  ILE A CD1 1 
ATOM   305  N N   . VAL A 1 41  ? 0.285   -10.788 12.484  1.00 18.79 ? 41  VAL A N   1 
ATOM   306  C CA  . VAL A 1 41  ? -0.467  -11.933 13.018  1.00 19.80 ? 41  VAL A CA  1 
ATOM   307  C C   . VAL A 1 41  ? 0.397   -13.190 13.274  1.00 20.69 ? 41  VAL A C   1 
ATOM   308  O O   . VAL A 1 41  ? 0.369   -13.759 14.371  1.00 22.67 ? 41  VAL A O   1 
ATOM   309  C CB  . VAL A 1 41  ? -1.679  -12.260 12.103  1.00 20.00 ? 41  VAL A CB  1 
ATOM   310  C CG1 . VAL A 1 41  ? -2.343  -13.589 12.520  1.00 20.83 ? 41  VAL A CG1 1 
ATOM   311  C CG2 . VAL A 1 41  ? -2.689  -11.110 12.156  1.00 14.95 ? 41  VAL A CG2 1 
ATOM   312  N N   . THR A 1 42  ? 1.192   -13.580 12.291  1.00 19.42 ? 42  THR A N   1 
ATOM   313  C CA  . THR A 1 42  ? 2.035   -14.758 12.405  1.00 20.78 ? 42  THR A CA  1 
ATOM   314  C C   . THR A 1 42  ? 3.471   -14.550 12.898  1.00 22.79 ? 42  THR A C   1 
ATOM   315  O O   . THR A 1 42  ? 4.111   -15.501 13.341  1.00 25.88 ? 42  THR A O   1 
ATOM   316  C CB  . THR A 1 42  ? 2.109   -15.489 11.072  1.00 20.11 ? 42  THR A CB  1 
ATOM   317  O OG1 . THR A 1 42  ? 3.037   -14.814 10.209  1.00 22.05 ? 42  THR A OG1 1 
ATOM   318  C CG2 . THR A 1 42  ? 0.728   -15.536 10.420  1.00 19.35 ? 42  THR A CG2 1 
ATOM   319  N N   . GLY A 1 43  ? 3.989   -13.332 12.788  1.00 23.00 ? 43  GLY A N   1 
ATOM   320  C CA  . GLY A 1 43  ? 5.348   -13.053 13.209  1.00 20.62 ? 43  GLY A CA  1 
ATOM   321  C C   . GLY A 1 43  ? 6.342   -13.245 12.075  1.00 21.94 ? 43  GLY A C   1 
ATOM   322  O O   . GLY A 1 43  ? 7.524   -12.937 12.239  1.00 23.49 ? 43  GLY A O   1 
ATOM   323  N N   . ASN A 1 44  ? 5.876   -13.723 10.922  1.00 20.60 ? 44  ASN A N   1 
ATOM   324  C CA  . ASN A 1 44  ? 6.753   -13.959 9.773   1.00 22.97 ? 44  ASN A CA  1 
ATOM   325  C C   . ASN A 1 44  ? 6.544   -12.926 8.670   1.00 21.71 ? 44  ASN A C   1 
ATOM   326  O O   . ASN A 1 44  ? 5.410   -12.668 8.253   1.00 22.76 ? 44  ASN A O   1 
ATOM   327  C CB  . ASN A 1 44  ? 6.484   -15.337 9.129   1.00 27.94 ? 44  ASN A CB  1 
ATOM   328  C CG  . ASN A 1 44  ? 6.563   -16.501 10.120  1.00 32.22 ? 44  ASN A CG  1 
ATOM   329  O OD1 . ASN A 1 44  ? 7.579   -16.692 10.794  1.00 34.68 ? 44  ASN A OD1 1 
ATOM   330  N ND2 . ASN A 1 44  ? 5.489   -17.299 10.191  1.00 32.24 ? 44  ASN A ND2 1 
ATOM   331  N N   . LEU A 1 45  ? 7.637   -12.386 8.153   1.00 20.79 ? 45  LEU A N   1 
ATOM   332  C CA  . LEU A 1 45  ? 7.551   -11.419 7.067   1.00 19.18 ? 45  LEU A CA  1 
ATOM   333  C C   . LEU A 1 45  ? 7.857   -12.148 5.767   1.00 19.04 ? 45  LEU A C   1 
ATOM   334  O O   . LEU A 1 45  ? 8.970   -12.627 5.558   1.00 19.51 ? 45  LEU A O   1 
ATOM   335  C CB  . LEU A 1 45  ? 8.537   -10.269 7.264   1.00 19.42 ? 45  LEU A CB  1 
ATOM   336  C CG  . LEU A 1 45  ? 8.418   -9.189  6.177   1.00 20.62 ? 45  LEU A CG  1 
ATOM   337  C CD1 . LEU A 1 45  ? 7.121   -8.412  6.384   1.00 18.69 ? 45  LEU A CD1 1 
ATOM   338  C CD2 . LEU A 1 45  ? 9.613   -8.251  6.225   1.00 20.94 ? 45  LEU A CD2 1 
ATOM   339  N N   . LEU A 1 46  ? 6.826   -12.328 4.951   1.00 19.43 ? 46  LEU A N   1 
ATOM   340  C CA  . LEU A 1 46  ? 6.949   -12.990 3.660   1.00 19.43 ? 46  LEU A CA  1 
ATOM   341  C C   . LEU A 1 46  ? 6.700   -11.968 2.571   1.00 18.72 ? 46  LEU A C   1 
ATOM   342  O O   . LEU A 1 46  ? 5.876   -11.076 2.762   1.00 19.28 ? 46  LEU A O   1 
ATOM   343  C CB  . LEU A 1 46  ? 5.859   -14.055 3.506   1.00 23.05 ? 46  LEU A CB  1 
ATOM   344  C CG  . LEU A 1 46  ? 5.902   -15.349 4.303   1.00 27.37 ? 46  LEU A CG  1 
ATOM   345  C CD1 . LEU A 1 46  ? 4.788   -16.261 3.802   1.00 28.20 ? 46  LEU A CD1 1 
ATOM   346  C CD2 . LEU A 1 46  ? 7.252   -16.024 4.077   1.00 30.15 ? 46  LEU A CD2 1 
ATOM   347  N N   . GLU A 1 47  ? 7.386   -12.103 1.445   1.00 17.94 ? 47  GLU A N   1 
ATOM   348  C CA  . GLU A 1 47  ? 7.148   -11.215 0.309   1.00 20.54 ? 47  GLU A CA  1 
ATOM   349  C C   . GLU A 1 47  ? 6.113   -11.925 -0.557  1.00 19.37 ? 47  GLU A C   1 
ATOM   350  O O   . GLU A 1 47  ? 6.348   -13.062 -1.018  1.00 18.17 ? 47  GLU A O   1 
ATOM   351  C CB  . GLU A 1 47  ? 8.409   -10.973 -0.504  1.00 23.48 ? 47  GLU A CB  1 
ATOM   352  C CG  . GLU A 1 47  ? 9.304   -9.926  0.084   1.00 30.16 ? 47  GLU A CG  1 
ATOM   353  C CD  . GLU A 1 47  ? 10.460  -9.593  -0.815  1.00 33.89 ? 47  GLU A CD  1 
ATOM   354  O OE1 . GLU A 1 47  ? 10.246  -9.428  -2.037  1.00 37.99 ? 47  GLU A OE1 1 
ATOM   355  O OE2 . GLU A 1 47  ? 11.590  -9.492  -0.291  1.00 38.66 ? 47  GLU A OE2 1 
ATOM   356  N N   . LEU A 1 48  ? 4.979   -11.256 -0.776  1.00 16.27 ? 48  LEU A N   1 
ATOM   357  C CA  . LEU A 1 48  ? 3.876   -11.818 -1.544  1.00 14.25 ? 48  LEU A CA  1 
ATOM   358  C C   . LEU A 1 48  ? 3.851   -11.381 -3.013  1.00 15.05 ? 48  LEU A C   1 
ATOM   359  O O   . LEU A 1 48  ? 4.588   -10.473 -3.407  1.00 12.73 ? 48  LEU A O   1 
ATOM   360  C CB  . LEU A 1 48  ? 2.556   -11.580 -0.800  1.00 12.61 ? 48  LEU A CB  1 
ATOM   361  C CG  . LEU A 1 48  ? 2.672   -12.111 0.643   1.00 13.73 ? 48  LEU A CG  1 
ATOM   362  C CD1 . LEU A 1 48  ? 1.506   -11.691 1.522   1.00 13.43 ? 48  LEU A CD1 1 
ATOM   363  C CD2 . LEU A 1 48  ? 2.826   -13.644 0.607   1.00 14.27 ? 48  LEU A CD2 1 
ATOM   364  N N   . SER A 1 49  ? 3.047   -12.071 -3.821  1.00 12.99 ? 49  SER A N   1 
ATOM   365  C CA  . SER A 1 49  ? 3.011   -11.853 -5.260  1.00 12.46 ? 49  SER A CA  1 
ATOM   366  C C   . SER A 1 49  ? 2.061   -10.812 -5.816  1.00 14.01 ? 49  SER A C   1 
ATOM   367  O O   . SER A 1 49  ? 0.845   -11.015 -5.815  1.00 13.78 ? 49  SER A O   1 
ATOM   368  C CB  . SER A 1 49  ? 2.721   -13.172 -5.974  1.00 12.42 ? 49  SER A CB  1 
ATOM   369  O OG  . SER A 1 49  ? 2.704   -13.006 -7.386  1.00 12.99 ? 49  SER A OG  1 
ATOM   370  N N   . GLU A 1 50  ? 2.630   -9.731  -6.354  1.00 13.46 ? 50  GLU A N   1 
ATOM   371  C CA  . GLU A 1 50  ? 1.822   -8.699  -6.998  1.00 11.82 ? 50  GLU A CA  1 
ATOM   372  C C   . GLU A 1 50  ? 1.398   -9.276  -8.339  1.00 11.38 ? 50  GLU A C   1 
ATOM   373  O O   . GLU A 1 50  ? 0.261   -9.059  -8.784  1.00 11.02 ? 50  GLU A O   1 
ATOM   374  C CB  . GLU A 1 50  ? 2.627   -7.417  -7.224  1.00 11.91 ? 50  GLU A CB  1 
ATOM   375  C CG  . GLU A 1 50  ? 2.867   -6.634  -5.948  1.00 11.27 ? 50  GLU A CG  1 
ATOM   376  C CD  . GLU A 1 50  ? 4.106   -7.073  -5.196  1.00 8.75  ? 50  GLU A CD  1 
ATOM   377  O OE1 . GLU A 1 50  ? 4.865   -7.918  -5.697  1.00 12.40 ? 50  GLU A OE1 1 
ATOM   378  O OE2 . GLU A 1 50  ? 4.326   -6.559  -4.095  1.00 11.05 ? 50  GLU A OE2 1 
ATOM   379  N N   . GLN A 1 51  ? 2.273   -10.085 -8.940  1.00 8.99  ? 51  GLN A N   1 
ATOM   380  C CA  . GLN A 1 51  ? 1.988   -10.665 -10.239 1.00 9.35  ? 51  GLN A CA  1 
ATOM   381  C C   . GLN A 1 51  ? 0.698   -11.494 -10.248 1.00 10.33 ? 51  GLN A C   1 
ATOM   382  O O   . GLN A 1 51  ? -0.029  -11.489 -11.242 1.00 11.80 ? 51  GLN A O   1 
ATOM   383  C CB  . GLN A 1 51  ? 3.162   -11.515 -10.735 1.00 9.71  ? 51  GLN A CB  1 
ATOM   384  C CG  . GLN A 1 51  ? 3.024   -11.944 -12.169 1.00 11.18 ? 51  GLN A CG  1 
ATOM   385  C CD  . GLN A 1 51  ? 3.060   -10.766 -13.134 1.00 12.74 ? 51  GLN A CD  1 
ATOM   386  O OE1 . GLN A 1 51  ? 3.823   -9.827  -12.943 1.00 17.40 ? 51  GLN A OE1 1 
ATOM   387  N NE2 . GLN A 1 51  ? 2.261   -10.825 -14.181 1.00 12.57 ? 51  GLN A NE2 1 
ATOM   388  N N   . GLU A 1 52  ? 0.419   -12.207 -9.153  1.00 11.29 ? 52  GLU A N   1 
ATOM   389  C CA  . GLU A 1 52  ? -0.784  -13.025 -9.081  1.00 11.35 ? 52  GLU A CA  1 
ATOM   390  C C   . GLU A 1 52  ? -2.030  -12.139 -9.190  1.00 12.23 ? 52  GLU A C   1 
ATOM   391  O O   . GLU A 1 52  ? -3.002  -12.509 -9.870  1.00 13.90 ? 52  GLU A O   1 
ATOM   392  C CB  . GLU A 1 52  ? -0.858  -13.833 -7.785  1.00 11.29 ? 52  GLU A CB  1 
ATOM   393  C CG  . GLU A 1 52  ? -2.127  -14.700 -7.757  1.00 14.22 ? 52  GLU A CG  1 
ATOM   394  C CD  . GLU A 1 52  ? -2.191  -15.622 -6.583  1.00 14.88 ? 52  GLU A CD  1 
ATOM   395  O OE1 . GLU A 1 52  ? -1.119  -16.003 -6.072  1.00 15.04 ? 52  GLU A OE1 1 
ATOM   396  O OE2 . GLU A 1 52  ? -3.311  -15.983 -6.184  1.00 17.11 ? 52  GLU A OE2 1 
ATOM   397  N N   . LEU A 1 53  ? -2.025  -11.001 -8.486  1.00 11.30 ? 53  LEU A N   1 
ATOM   398  C CA  . LEU A 1 53  ? -3.145  -10.069 -8.554  1.00 10.11 ? 53  LEU A CA  1 
ATOM   399  C C   . LEU A 1 53  ? -3.273  -9.498  -9.982  1.00 11.71 ? 53  LEU A C   1 
ATOM   400  O O   . LEU A 1 53  ? -4.366  -9.469  -10.557 1.00 13.32 ? 53  LEU A O   1 
ATOM   401  C CB  . LEU A 1 53  ? -2.958  -8.939  -7.528  1.00 10.93 ? 53  LEU A CB  1 
ATOM   402  C CG  . LEU A 1 53  ? -3.105  -9.329  -6.057  1.00 13.37 ? 53  LEU A CG  1 
ATOM   403  C CD1 . LEU A 1 53  ? -2.986  -8.118  -5.159  1.00 11.22 ? 53  LEU A CD1 1 
ATOM   404  C CD2 . LEU A 1 53  ? -4.449  -9.986  -5.837  1.00 17.11 ? 53  LEU A CD2 1 
ATOM   405  N N   . VAL A 1 54  ? -2.150  -9.096  -10.567 1.00 11.98 ? 54  VAL A N   1 
ATOM   406  C CA  . VAL A 1 54  ? -2.137  -8.538  -11.919 1.00 12.17 ? 54  VAL A CA  1 
ATOM   407  C C   . VAL A 1 54  ? -2.791  -9.500  -12.909 1.00 14.36 ? 54  VAL A C   1 
ATOM   408  O O   . VAL A 1 54  ? -3.688  -9.117  -13.664 1.00 12.38 ? 54  VAL A O   1 
ATOM   409  C CB  . VAL A 1 54  ? -0.676  -8.166  -12.365 1.00 11.41 ? 54  VAL A CB  1 
ATOM   410  C CG1 . VAL A 1 54  ? -0.599  -7.921  -13.862 1.00 10.23 ? 54  VAL A CG1 1 
ATOM   411  C CG2 . VAL A 1 54  ? -0.199  -6.934  -11.619 1.00 9.18  ? 54  VAL A CG2 1 
ATOM   412  N N   . ASP A 1 55  ? -2.383  -10.764 -12.847 1.00 13.82 ? 55  ASP A N   1 
ATOM   413  C CA  . ASP A 1 55  ? -2.912  -11.780 -13.740 1.00 13.38 ? 55  ASP A CA  1 
ATOM   414  C C   . ASP A 1 55  ? -4.298  -12.313 -13.358 1.00 13.01 ? 55  ASP A C   1 
ATOM   415  O O   . ASP A 1 55  ? -5.115  -12.613 -14.228 1.00 15.41 ? 55  ASP A O   1 
ATOM   416  C CB  . ASP A 1 55  ? -1.985  -13.005 -13.746 1.00 14.56 ? 55  ASP A CB  1 
ATOM   417  C CG  . ASP A 1 55  ? -0.597  -12.731 -14.274 1.00 16.25 ? 55  ASP A CG  1 
ATOM   418  O OD1 . ASP A 1 55  ? -0.379  -11.768 -15.029 1.00 17.83 ? 55  ASP A OD1 1 
ATOM   419  O OD2 . ASP A 1 55  ? 0.287   -13.548 -13.948 1.00 16.71 ? 55  ASP A OD2 1 
ATOM   420  N N   . CYS A 1 56  ? -4.544  -12.441 -12.056 1.00 13.06 ? 56  CYS A N   1 
ATOM   421  C CA  . CYS A 1 56  ? -5.748  -13.076 -11.549 1.00 13.32 ? 56  CYS A CA  1 
ATOM   422  C C   . CYS A 1 56  ? -6.959  -12.296 -11.108 1.00 14.21 ? 56  CYS A C   1 
ATOM   423  O O   . CYS A 1 56  ? -8.046  -12.871 -11.073 1.00 14.54 ? 56  CYS A O   1 
ATOM   424  C CB  . CYS A 1 56  ? -5.354  -14.090 -10.470 1.00 12.71 ? 56  CYS A CB  1 
ATOM   425  S SG  . CYS A 1 56  ? -3.995  -15.157 -11.036 1.00 15.78 ? 56  CYS A SG  1 
ATOM   426  N N   . ASP A 1 57  ? -6.794  -11.043 -10.686 1.00 12.77 ? 57  ASP A N   1 
ATOM   427  C CA  . ASP A 1 57  ? -7.952  -10.245 -10.301 1.00 12.34 ? 57  ASP A CA  1 
ATOM   428  C C   . ASP A 1 57  ? -8.622  -9.812  -11.612 1.00 15.58 ? 57  ASP A C   1 
ATOM   429  O O   . ASP A 1 57  ? -8.211  -8.833  -12.233 1.00 14.27 ? 57  ASP A O   1 
ATOM   430  C CB  . ASP A 1 57  ? -7.532  -9.029  -9.499  1.00 10.70 ? 57  ASP A CB  1 
ATOM   431  C CG  . ASP A 1 57  ? -8.697  -8.130  -9.161  1.00 11.15 ? 57  ASP A CG  1 
ATOM   432  O OD1 . ASP A 1 57  ? -9.866  -8.411  -9.520  1.00 12.67 ? 57  ASP A OD1 1 
ATOM   433  O OD2 . ASP A 1 57  ? -8.451  -7.132  -8.496  1.00 10.23 ? 57  ASP A OD2 1 
ATOM   434  N N   . LYS A 1 58  ? -9.659  -10.547 -12.002 1.00 15.34 ? 58  LYS A N   1 
ATOM   435  C CA  . LYS A 1 58  ? -10.377 -10.312 -13.242 1.00 16.47 ? 58  LYS A CA  1 
ATOM   436  C C   . LYS A 1 58  ? -11.204 -9.038  -13.252 1.00 14.55 ? 58  LYS A C   1 
ATOM   437  O O   . LYS A 1 58  ? -11.716 -8.640  -14.288 1.00 16.71 ? 58  LYS A O   1 
ATOM   438  C CB  . LYS A 1 58  ? -11.254 -11.530 -13.559 1.00 18.91 ? 58  LYS A CB  1 
ATOM   439  C CG  . LYS A 1 58  ? -12.471 -11.701 -12.672 0.00 19.35 ? 58  LYS A CG  1 
ATOM   440  C CD  . LYS A 1 58  ? -12.700 -13.165 -12.333 0.00 20.56 ? 58  LYS A CD  1 
ATOM   441  C CE  . LYS A 1 58  ? -12.564 -14.068 -13.550 0.00 21.21 ? 58  LYS A CE  1 
ATOM   442  N NZ  . LYS A 1 58  ? -11.467 -15.058 -13.362 0.00 21.86 ? 58  LYS A NZ  1 
ATOM   443  N N   . HIS A 1 59  ? -11.351 -8.423  -12.089 1.00 14.43 ? 59  HIS A N   1 
ATOM   444  C CA  . HIS A 1 59  ? -12.091 -7.189  -11.968 1.00 15.98 ? 59  HIS A CA  1 
ATOM   445  C C   . HIS A 1 59  ? -11.209 -5.977  -12.202 1.00 15.21 ? 59  HIS A C   1 
ATOM   446  O O   . HIS A 1 59  ? -11.709 -4.872  -12.359 1.00 17.62 ? 59  HIS A O   1 
ATOM   447  C CB  . HIS A 1 59  ? -12.756 -7.120  -10.609 1.00 18.36 ? 59  HIS A CB  1 
ATOM   448  C CG  . HIS A 1 59  ? -13.830 -8.139  -10.447 1.00 25.74 ? 59  HIS A CG  1 
ATOM   449  N ND1 . HIS A 1 59  ? -13.819 -9.099  -9.455  1.00 28.89 ? 59  HIS A ND1 1 
ATOM   450  C CD2 . HIS A 1 59  ? -14.905 -8.415  -11.224 1.00 29.11 ? 59  HIS A CD2 1 
ATOM   451  C CE1 . HIS A 1 59  ? -14.832 -9.926  -9.635  1.00 30.29 ? 59  HIS A CE1 1 
ATOM   452  N NE2 . HIS A 1 59  ? -15.505 -9.533  -10.699 1.00 31.77 ? 59  HIS A NE2 1 
ATOM   453  N N   . SER A 1 60  ? -9.903  -6.198  -12.221 1.00 12.86 ? 60  SER A N   1 
ATOM   454  C CA  . SER A 1 60  ? -8.949  -5.136  -12.448 1.00 11.81 ? 60  SER A CA  1 
ATOM   455  C C   . SER A 1 60  ? -8.453  -5.218  -13.867 1.00 10.61 ? 60  SER A C   1 
ATOM   456  O O   . SER A 1 60  ? -8.860  -6.083  -14.617 1.00 12.87 ? 60  SER A O   1 
ATOM   457  C CB  . SER A 1 60  ? -7.823  -5.204  -11.430 1.00 6.21  ? 60  SER A CB  1 
ATOM   458  O OG  . SER A 1 60  ? -8.294  -4.738  -10.177 1.00 8.60  ? 60  SER A OG  1 
ATOM   459  N N   . TYR A 1 61  ? -7.577  -4.306  -14.250 1.00 13.86 ? 61  TYR A N   1 
ATOM   460  C CA  . TYR A 1 61  ? -7.097  -4.254  -15.620 1.00 14.71 ? 61  TYR A CA  1 
ATOM   461  C C   . TYR A 1 61  ? -5.636  -4.509  -15.821 1.00 15.14 ? 61  TYR A C   1 
ATOM   462  O O   . TYR A 1 61  ? -5.027  -3.968  -16.759 1.00 14.67 ? 61  TYR A O   1 
ATOM   463  C CB  . TYR A 1 61  ? -7.461  -2.911  -16.242 1.00 15.46 ? 61  TYR A CB  1 
ATOM   464  C CG  . TYR A 1 61  ? -8.921  -2.690  -16.218 1.00 17.64 ? 61  TYR A CG  1 
ATOM   465  C CD1 . TYR A 1 61  ? -9.705  -3.168  -17.252 1.00 20.78 ? 61  TYR A CD1 1 
ATOM   466  C CD2 . TYR A 1 61  ? -9.543  -2.101  -15.119 1.00 19.48 ? 61  TYR A CD2 1 
ATOM   467  C CE1 . TYR A 1 61  ? -11.069 -3.076  -17.205 1.00 24.74 ? 61  TYR A CE1 1 
ATOM   468  C CE2 . TYR A 1 61  ? -10.921 -2.003  -15.053 1.00 21.44 ? 61  TYR A CE2 1 
ATOM   469  C CZ  . TYR A 1 61  ? -11.675 -2.504  -16.104 1.00 24.66 ? 61  TYR A CZ  1 
ATOM   470  O OH  . TYR A 1 61  ? -13.049 -2.465  -16.082 1.00 29.27 ? 61  TYR A OH  1 
ATOM   471  N N   . GLY A 1 62  ? -5.077  -5.368  -14.976 1.00 13.73 ? 62  GLY A N   1 
ATOM   472  C CA  . GLY A 1 62  ? -3.671  -5.700  -15.092 1.00 12.11 ? 62  GLY A CA  1 
ATOM   473  C C   . GLY A 1 62  ? -2.785  -4.480  -14.959 1.00 10.35 ? 62  GLY A C   1 
ATOM   474  O O   . GLY A 1 62  ? -2.751  -3.809  -13.929 1.00 10.89 ? 62  GLY A O   1 
ATOM   475  N N   . CYS A 1 63  ? -2.070  -4.201  -16.035 1.00 11.54 ? 63  CYS A N   1 
ATOM   476  C CA  . CYS A 1 63  ? -1.165  -3.062  -16.090 1.00 11.99 ? 63  CYS A CA  1 
ATOM   477  C C   . CYS A 1 63  ? -1.870  -1.772  -16.473 1.00 12.75 ? 63  CYS A C   1 
ATOM   478  O O   . CYS A 1 63  ? -1.222  -0.755  -16.653 1.00 12.69 ? 63  CYS A O   1 
ATOM   479  C CB  . CYS A 1 63  ? -0.047  -3.326  -17.092 1.00 13.22 ? 63  CYS A CB  1 
ATOM   480  S SG  . CYS A 1 63  ? 1.187   -4.540  -16.505 1.00 16.16 ? 63  CYS A SG  1 
ATOM   481  N N   . LYS A 1 64  ? -3.183  -1.820  -16.632 1.00 13.29 ? 64  LYS A N   1 
ATOM   482  C CA  . LYS A 1 64  ? -3.916  -0.619  -17.005 1.00 15.59 ? 64  LYS A CA  1 
ATOM   483  C C   . LYS A 1 64  ? -4.753  -0.084  -15.859 1.00 15.49 ? 64  LYS A C   1 
ATOM   484  O O   . LYS A 1 64  ? -5.706  0.658   -16.079 1.00 19.00 ? 64  LYS A O   1 
ATOM   485  C CB  . LYS A 1 64  ? -4.774  -0.875  -18.245 1.00 13.03 ? 64  LYS A CB  1 
ATOM   486  C CG  . LYS A 1 64  ? -3.964  -1.081  -19.481 1.00 13.43 ? 64  LYS A CG  1 
ATOM   487  C CD  . LYS A 1 64  ? -4.848  -1.351  -20.664 1.00 18.16 ? 64  LYS A CD  1 
ATOM   488  C CE  . LYS A 1 64  ? -4.047  -1.815  -21.872 1.00 20.45 ? 64  LYS A CE  1 
ATOM   489  N NZ  . LYS A 1 64  ? -4.926  -1.989  -23.058 0.00 20.55 ? 64  LYS A NZ  1 
ATOM   490  N N   . GLY A 1 65  ? -4.393  -0.460  -14.636 1.00 13.17 ? 65  GLY A N   1 
ATOM   491  C CA  . GLY A 1 65  ? -5.132  0.011   -13.484 1.00 11.56 ? 65  GLY A CA  1 
ATOM   492  C C   . GLY A 1 65  ? -5.962  -1.069  -12.831 1.00 10.94 ? 65  GLY A C   1 
ATOM   493  O O   . GLY A 1 65  ? -6.165  -2.132  -13.398 1.00 13.07 ? 65  GLY A O   1 
ATOM   494  N N   . GLY A 1 66  ? -6.463  -0.776  -11.641 1.00 11.21 ? 66  GLY A N   1 
ATOM   495  C CA  . GLY A 1 66  ? -7.248  -1.742  -10.908 1.00 11.16 ? 66  GLY A CA  1 
ATOM   496  C C   . GLY A 1 66  ? -7.833  -1.135  -9.662  1.00 13.15 ? 66  GLY A C   1 
ATOM   497  O O   . GLY A 1 66  ? -7.711  0.077   -9.446  1.00 14.60 ? 66  GLY A O   1 
ATOM   498  N N   . TYR A 1 67  ? -8.353  -1.979  -8.767  1.00 11.73 ? 67  TYR A N   1 
ATOM   499  C CA  . TYR A 1 67  ? -9.031  -1.487  -7.571  1.00 11.29 ? 67  TYR A CA  1 
ATOM   500  C C   . TYR A 1 67  ? -8.510  -2.030  -6.252  1.00 11.81 ? 67  TYR A C   1 
ATOM   501  O O   . TYR A 1 67  ? -8.023  -3.152  -6.188  1.00 11.63 ? 67  TYR A O   1 
ATOM   502  C CB  . TYR A 1 67  ? -10.536 -1.835  -7.672  1.00 13.97 ? 67  TYR A CB  1 
ATOM   503  C CG  . TYR A 1 67  ? -11.192 -1.398  -8.966  1.00 13.44 ? 67  TYR A CG  1 
ATOM   504  C CD1 . TYR A 1 67  ? -11.185 -2.228  -10.083 1.00 12.13 ? 67  TYR A CD1 1 
ATOM   505  C CD2 . TYR A 1 67  ? -11.753 -0.120  -9.088  1.00 14.62 ? 67  TYR A CD2 1 
ATOM   506  C CE1 . TYR A 1 67  ? -11.704 -1.794  -11.300 1.00 14.63 ? 67  TYR A CE1 1 
ATOM   507  C CE2 . TYR A 1 67  ? -12.279 0.323   -10.299 1.00 14.30 ? 67  TYR A CE2 1 
ATOM   508  C CZ  . TYR A 1 67  ? -12.246 -0.521  -11.401 1.00 15.48 ? 67  TYR A CZ  1 
ATOM   509  O OH  . TYR A 1 67  ? -12.736 -0.098  -12.617 1.00 15.55 ? 67  TYR A OH  1 
ATOM   510  N N   . GLN A 1 68  ? -8.686  -1.247  -5.197  1.00 9.71  ? 68  GLN A N   1 
ATOM   511  C CA  . GLN A 1 68  ? -8.268  -1.643  -3.868  1.00 11.54 ? 68  GLN A CA  1 
ATOM   512  C C   . GLN A 1 68  ? -9.215  -2.739  -3.371  1.00 14.25 ? 68  GLN A C   1 
ATOM   513  O O   . GLN A 1 68  ? -8.769  -3.781  -2.897  1.00 14.77 ? 68  GLN A O   1 
ATOM   514  C CB  . GLN A 1 68  ? -8.351  -0.463  -2.912  1.00 9.94  ? 68  GLN A CB  1 
ATOM   515  C CG  . GLN A 1 68  ? -7.274  0.625   -3.101  1.00 7.59  ? 68  GLN A CG  1 
ATOM   516  C CD  . GLN A 1 68  ? -7.610  1.852   -2.294  1.00 9.07  ? 68  GLN A CD  1 
ATOM   517  O OE1 . GLN A 1 68  ? -8.635  2.492   -2.530  1.00 13.47 ? 68  GLN A OE1 1 
ATOM   518  N NE2 . GLN A 1 68  ? -6.801  2.153   -1.302  1.00 10.07 ? 68  GLN A NE2 1 
ATOM   519  N N   . THR A 1 69  ? -10.520 -2.502  -3.511  1.00 13.85 ? 69  THR A N   1 
ATOM   520  C CA  . THR A 1 69  ? -11.550 -3.440  -3.054  1.00 13.16 ? 69  THR A CA  1 
ATOM   521  C C   . THR A 1 69  ? -11.501 -4.814  -3.719  1.00 13.67 ? 69  THR A C   1 
ATOM   522  O O   . THR A 1 69  ? -11.499 -5.843  -3.036  1.00 15.00 ? 69  THR A O   1 
ATOM   523  C CB  . THR A 1 69  ? -12.965 -2.861  -3.257  1.00 12.32 ? 69  THR A CB  1 
ATOM   524  O OG1 . THR A 1 69  ? -13.166 -2.556  -4.643  1.00 14.20 ? 69  THR A OG1 1 
ATOM   525  C CG2 . THR A 1 69  ? -13.152 -1.614  -2.436  1.00 11.65 ? 69  THR A CG2 1 
ATOM   526  N N   . THR A 1 70  ? -11.432 -4.844  -5.044  1.00 12.36 ? 70  THR A N   1 
ATOM   527  C CA  . THR A 1 70  ? -11.439 -6.115  -5.736  1.00 13.14 ? 70  THR A CA  1 
ATOM   528  C C   . THR A 1 70  ? -10.173 -6.934  -5.506  1.00 13.45 ? 70  THR A C   1 
ATOM   529  O O   . THR A 1 70  ? -10.242 -8.171  -5.422  1.00 14.35 ? 70  THR A O   1 
ATOM   530  C CB  . THR A 1 70  ? -11.704 -5.955  -7.256  1.00 12.09 ? 70  THR A CB  1 
ATOM   531  O OG1 . THR A 1 70  ? -10.602 -5.297  -7.870  1.00 12.78 ? 70  THR A OG1 1 
ATOM   532  C CG2 . THR A 1 70  ? -12.974 -5.153  -7.502  1.00 15.42 ? 70  THR A CG2 1 
ATOM   533  N N   . SER A 1 71  ? -9.033  -6.256  -5.357  1.00 11.73 ? 71  SER A N   1 
ATOM   534  C CA  . SER A 1 71  ? -7.765  -6.952  -5.154  1.00 9.84  ? 71  SER A CA  1 
ATOM   535  C C   . SER A 1 71  ? -7.693  -7.500  -3.721  1.00 9.63  ? 71  SER A C   1 
ATOM   536  O O   . SER A 1 71  ? -7.265  -8.639  -3.520  1.00 12.99 ? 71  SER A O   1 
ATOM   537  C CB  . SER A 1 71  ? -6.569  -6.053  -5.542  1.00 9.46  ? 71  SER A CB  1 
ATOM   538  O OG  . SER A 1 71  ? -6.511  -4.900  -4.736  1.00 9.81  ? 71  SER A OG  1 
ATOM   539  N N   . LEU A 1 72  ? -8.174  -6.734  -2.748  1.00 8.41  ? 72  LEU A N   1 
ATOM   540  C CA  . LEU A 1 72  ? -8.213  -7.188  -1.359  1.00 10.19 ? 72  LEU A CA  1 
ATOM   541  C C   . LEU A 1 72  ? -9.226  -8.343  -1.261  1.00 13.54 ? 72  LEU A C   1 
ATOM   542  O O   . LEU A 1 72  ? -8.984  -9.330  -0.559  1.00 14.93 ? 72  LEU A O   1 
ATOM   543  C CB  . LEU A 1 72  ? -8.617  -6.067  -0.406  1.00 10.08 ? 72  LEU A CB  1 
ATOM   544  C CG  . LEU A 1 72  ? -7.520  -5.058  -0.022  1.00 10.84 ? 72  LEU A CG  1 
ATOM   545  C CD1 . LEU A 1 72  ? -8.110  -3.834  0.630   1.00 9.88  ? 72  LEU A CD1 1 
ATOM   546  C CD2 . LEU A 1 72  ? -6.508  -5.731  0.905   1.00 12.27 ? 72  LEU A CD2 1 
ATOM   547  N N   . GLN A 1 73  ? -10.343 -8.239  -1.980  1.00 13.10 ? 73  GLN A N   1 
ATOM   548  C CA  . GLN A 1 73  ? -11.345 -9.309  -1.958  1.00 15.81 ? 73  GLN A CA  1 
ATOM   549  C C   . GLN A 1 73  ? -10.744 -10.599 -2.530  1.00 14.47 ? 73  GLN A C   1 
ATOM   550  O O   . GLN A 1 73  ? -11.016 -11.692 -2.037  1.00 15.74 ? 73  GLN A O   1 
ATOM   551  C CB  . GLN A 1 73  ? -12.602 -8.915  -2.738  1.00 18.40 ? 73  GLN A CB  1 
ATOM   552  C CG  . GLN A 1 73  ? -13.779 -9.893  -2.550  1.00 22.33 ? 73  GLN A CG  1 
ATOM   553  C CD  . GLN A 1 73  ? -14.187 -10.041 -1.080  1.00 26.18 ? 73  GLN A CD  1 
ATOM   554  O OE1 . GLN A 1 73  ? -14.618 -9.091  -0.432  1.00 28.33 ? 73  GLN A OE1 1 
ATOM   555  N NE2 . GLN A 1 73  ? -14.057 -11.257 -0.556  1.00 26.77 ? 73  GLN A NE2 1 
ATOM   556  N N   . TYR A 1 74  ? -9.933  -10.462 -3.569  1.00 13.14 ? 74  TYR A N   1 
ATOM   557  C CA  . TYR A 1 74  ? -9.284  -11.592 -4.196  1.00 12.00 ? 74  TYR A CA  1 
ATOM   558  C C   . TYR A 1 74  ? -8.460  -12.364 -3.171  1.00 14.13 ? 74  TYR A C   1 
ATOM   559  O O   . TYR A 1 74  ? -8.492  -13.593 -3.142  1.00 14.66 ? 74  TYR A O   1 
ATOM   560  C CB  . TYR A 1 74  ? -8.354  -11.135 -5.317  1.00 11.91 ? 74  TYR A CB  1 
ATOM   561  C CG  . TYR A 1 74  ? -7.610  -12.281 -5.948  1.00 13.00 ? 74  TYR A CG  1 
ATOM   562  C CD1 . TYR A 1 74  ? -6.451  -12.801 -5.364  1.00 14.60 ? 74  TYR A CD1 1 
ATOM   563  C CD2 . TYR A 1 74  ? -8.076  -12.880 -7.102  1.00 12.65 ? 74  TYR A CD2 1 
ATOM   564  C CE1 . TYR A 1 74  ? -5.782  -13.892 -5.920  1.00 12.10 ? 74  TYR A CE1 1 
ATOM   565  C CE2 . TYR A 1 74  ? -7.410  -13.969 -7.656  1.00 12.57 ? 74  TYR A CE2 1 
ATOM   566  C CZ  . TYR A 1 74  ? -6.269  -14.461 -7.061  1.00 10.85 ? 74  TYR A CZ  1 
ATOM   567  O OH  . TYR A 1 74  ? -5.618  -15.510 -7.656  1.00 12.46 ? 74  TYR A OH  1 
ATOM   568  N N   . VAL A 1 75  ? -7.694  -11.649 -2.359  1.00 11.16 ? 75  VAL A N   1 
ATOM   569  C CA  . VAL A 1 75  ? -6.855  -12.311 -1.363  1.00 13.50 ? 75  VAL A CA  1 
ATOM   570  C C   . VAL A 1 75  ? -7.699  -12.964 -0.258  1.00 14.32 ? 75  VAL A C   1 
ATOM   571  O O   . VAL A 1 75  ? -7.344  -14.033 0.247   1.00 15.59 ? 75  VAL A O   1 
ATOM   572  C CB  . VAL A 1 75  ? -5.773  -11.338 -0.770  1.00 14.61 ? 75  VAL A CB  1 
ATOM   573  C CG1 . VAL A 1 75  ? -4.836  -12.084 0.206   1.00 13.92 ? 75  VAL A CG1 1 
ATOM   574  C CG2 . VAL A 1 75  ? -4.943  -10.717 -1.907  1.00 13.13 ? 75  VAL A CG2 1 
ATOM   575  N N   . ALA A 1 76  ? -8.821  -12.329 0.089   1.00 14.21 ? 76  ALA A N   1 
ATOM   576  C CA  . ALA A 1 76  ? -9.735  -12.833 1.111   1.00 14.56 ? 76  ALA A CA  1 
ATOM   577  C C   . ALA A 1 76  ? -10.376 -14.139 0.629   1.00 17.39 ? 76  ALA A C   1 
ATOM   578  O O   . ALA A 1 76  ? -10.568 -15.070 1.408   1.00 18.40 ? 76  ALA A O   1 
ATOM   579  C CB  . ALA A 1 76  ? -10.815 -11.798 1.398   1.00 16.14 ? 76  ALA A CB  1 
ATOM   580  N N   . ASN A 1 77  ? -10.637 -14.218 -0.672  1.00 17.27 ? 77  ASN A N   1 
ATOM   581  C CA  . ASN A 1 77  ? -11.258 -15.395 -1.269  1.00 20.68 ? 77  ASN A CA  1 
ATOM   582  C C   . ASN A 1 77  ? -10.281 -16.488 -1.632  1.00 21.53 ? 77  ASN A C   1 
ATOM   583  O O   . ASN A 1 77  ? -10.535 -17.661 -1.376  1.00 23.08 ? 77  ASN A O   1 
ATOM   584  C CB  . ASN A 1 77  ? -11.999 -15.050 -2.570  1.00 19.91 ? 77  ASN A CB  1 
ATOM   585  C CG  . ASN A 1 77  ? -13.272 -14.266 -2.349  1.00 22.27 ? 77  ASN A CG  1 
ATOM   586  O OD1 . ASN A 1 77  ? -13.758 -14.112 -1.231  1.00 26.44 ? 77  ASN A OD1 1 
ATOM   587  N ND2 . ASN A 1 77  ? -13.839 -13.783 -3.435  1.00 25.24 ? 77  ASN A ND2 1 
ATOM   588  N N   . ASN A 1 78  ? -9.173  -16.102 -2.249  1.00 20.20 ? 78  ASN A N   1 
ATOM   589  C CA  . ASN A 1 78  ? -8.215  -17.071 -2.761  1.00 20.15 ? 78  ASN A CA  1 
ATOM   590  C C   . ASN A 1 78  ? -6.858  -17.165 -2.123  1.00 18.67 ? 78  ASN A C   1 
ATOM   591  O O   . ASN A 1 78  ? -6.104  -18.091 -2.438  1.00 18.97 ? 78  ASN A O   1 
ATOM   592  C CB  . ASN A 1 78  ? -7.985  -16.799 -4.258  1.00 22.87 ? 78  ASN A CB  1 
ATOM   593  C CG  . ASN A 1 78  ? -9.288  -16.632 -5.037  1.00 27.43 ? 78  ASN A CG  1 
ATOM   594  O OD1 . ASN A 1 78  ? -9.717  -15.511 -5.325  1.00 29.17 ? 78  ASN A OD1 1 
ATOM   595  N ND2 . ASN A 1 78  ? -9.928  -17.749 -5.370  1.00 26.34 ? 78  ASN A ND2 1 
ATOM   596  N N   . GLY A 1 79  ? -6.535  -16.237 -1.237  1.00 15.76 ? 79  GLY A N   1 
ATOM   597  C CA  . GLY A 1 79  ? -5.203  -16.242 -0.683  1.00 15.34 ? 79  GLY A CA  1 
ATOM   598  C C   . GLY A 1 79  ? -4.278  -15.752 -1.796  1.00 15.29 ? 79  GLY A C   1 
ATOM   599  O O   . GLY A 1 79  ? -4.720  -15.550 -2.953  1.00 15.61 ? 79  GLY A O   1 
ATOM   600  N N   . VAL A 1 80  ? -3.006  -15.539 -1.464  1.00 13.44 ? 80  VAL A N   1 
ATOM   601  C CA  . VAL A 1 80  ? -2.010  -15.099 -2.443  1.00 14.26 ? 80  VAL A CA  1 
ATOM   602  C C   . VAL A 1 80  ? -0.682  -15.864 -2.230  1.00 13.51 ? 80  VAL A C   1 
ATOM   603  O O   . VAL A 1 80  ? -0.313  -16.185 -1.095  1.00 16.05 ? 80  VAL A O   1 
ATOM   604  C CB  . VAL A 1 80  ? -1.790  -13.544 -2.367  1.00 13.91 ? 80  VAL A CB  1 
ATOM   605  C CG1 . VAL A 1 80  ? -1.170  -13.134 -1.046  1.00 12.30 ? 80  VAL A CG1 1 
ATOM   606  C CG2 . VAL A 1 80  ? -0.948  -13.087 -3.514  1.00 16.21 ? 80  VAL A CG2 1 
ATOM   607  N N   . HIS A 1 81  ? -0.013  -16.198 -3.329  1.00 13.45 ? 81  HIS A N   1 
ATOM   608  C CA  . HIS A 1 81  ? 1.254   -16.918 -3.305  1.00 15.33 ? 81  HIS A CA  1 
ATOM   609  C C   . HIS A 1 81  ? 2.424   -15.998 -3.017  1.00 17.37 ? 81  HIS A C   1 
ATOM   610  O O   . HIS A 1 81  ? 2.294   -14.766 -3.063  1.00 16.33 ? 81  HIS A O   1 
ATOM   611  C CB  . HIS A 1 81  ? 1.506   -17.630 -4.628  1.00 14.94 ? 81  HIS A CB  1 
ATOM   612  C CG  . HIS A 1 81  ? 0.628   -18.823 -4.849  1.00 19.94 ? 81  HIS A CG  1 
ATOM   613  N ND1 . HIS A 1 81  ? -0.672  -18.723 -5.301  1.00 20.18 ? 81  HIS A ND1 1 
ATOM   614  C CD2 . HIS A 1 81  ? 0.871   -20.147 -4.705  1.00 21.68 ? 81  HIS A CD2 1 
ATOM   615  C CE1 . HIS A 1 81  ? -1.187  -19.933 -5.428  1.00 22.84 ? 81  HIS A CE1 1 
ATOM   616  N NE2 . HIS A 1 81  ? -0.274  -20.816 -5.072  1.00 20.57 ? 81  HIS A NE2 1 
ATOM   617  N N   . THR A 1 82  ? 3.564   -16.600 -2.698  1.00 15.30 ? 82  THR A N   1 
ATOM   618  C CA  . THR A 1 82  ? 4.775   -15.842 -2.410  1.00 15.77 ? 82  THR A CA  1 
ATOM   619  C C   . THR A 1 82  ? 5.337   -15.371 -3.745  1.00 14.40 ? 82  THR A C   1 
ATOM   620  O O   . THR A 1 82  ? 5.073   -15.981 -4.798  1.00 15.05 ? 82  THR A O   1 
ATOM   621  C CB  . THR A 1 82  ? 5.841   -16.718 -1.704  1.00 14.94 ? 82  THR A CB  1 
ATOM   622  O OG1 . THR A 1 82  ? 6.247   -17.777 -2.582  1.00 15.40 ? 82  THR A OG1 1 
ATOM   623  C CG2 . THR A 1 82  ? 5.274   -17.300 -0.413  1.00 18.07 ? 82  THR A CG2 1 
ATOM   624  N N   . SER A 1 83  ? 6.125   -14.300 -3.712  1.00 15.68 ? 83  SER A N   1 
ATOM   625  C CA  . SER A 1 83  ? 6.704   -13.778 -4.941  1.00 16.36 ? 83  SER A CA  1 
ATOM   626  C C   . SER A 1 83  ? 7.801   -14.697 -5.443  1.00 16.20 ? 83  SER A C   1 
ATOM   627  O O   . SER A 1 83  ? 8.098   -14.696 -6.626  1.00 16.81 ? 83  SER A O   1 
ATOM   628  C CB  . SER A 1 83  ? 7.251   -12.381 -4.721  1.00 16.74 ? 83  SER A CB  1 
ATOM   629  O OG  . SER A 1 83  ? 8.042   -12.387 -3.563  1.00 21.00 ? 83  SER A OG  1 
ATOM   630  N N   . LYS A 1 84  ? 8.415   -15.467 -4.545  1.00 16.97 ? 84  LYS A N   1 
ATOM   631  C CA  . LYS A 1 84  ? 9.475   -16.417 -4.942  1.00 19.90 ? 84  LYS A CA  1 
ATOM   632  C C   . LYS A 1 84  ? 8.899   -17.365 -5.970  1.00 19.63 ? 84  LYS A C   1 
ATOM   633  O O   . LYS A 1 84  ? 9.505   -17.657 -7.003  1.00 21.98 ? 84  LYS A O   1 
ATOM   634  C CB  . LYS A 1 84  ? 9.904   -17.283 -3.747  1.00 22.84 ? 84  LYS A CB  1 
ATOM   635  C CG  . LYS A 1 84  ? 10.898  -16.662 -2.809  1.00 26.85 ? 84  LYS A CG  1 
ATOM   636  C CD  . LYS A 1 84  ? 12.201  -16.389 -3.521  0.00 25.81 ? 84  LYS A CD  1 
ATOM   637  C CE  . LYS A 1 84  ? 13.203  -15.737 -2.599  0.00 26.18 ? 84  LYS A CE  1 
ATOM   638  N NZ  . LYS A 1 84  ? 14.373  -15.284 -3.382  0.00 26.12 ? 84  LYS A NZ  1 
ATOM   639  N N   . VAL A 1 85  ? 7.702   -17.831 -5.641  1.00 20.33 ? 85  VAL A N   1 
ATOM   640  C CA  . VAL A 1 85  ? 6.906   -18.774 -6.410  1.00 20.13 ? 85  VAL A CA  1 
ATOM   641  C C   . VAL A 1 85  ? 6.218   -18.146 -7.632  1.00 19.78 ? 85  VAL A C   1 
ATOM   642  O O   . VAL A 1 85  ? 6.149   -18.764 -8.690  1.00 20.70 ? 85  VAL A O   1 
ATOM   643  C CB  . VAL A 1 85  ? 5.882   -19.416 -5.417  1.00 21.37 ? 85  VAL A CB  1 
ATOM   644  C CG1 . VAL A 1 85  ? 4.568   -19.680 -6.047  1.00 24.81 ? 85  VAL A CG1 1 
ATOM   645  C CG2 . VAL A 1 85  ? 6.457   -20.681 -4.793  1.00 22.67 ? 85  VAL A CG2 1 
ATOM   646  N N   . TYR A 1 86  ? 5.754   -16.905 -7.504  1.00 18.62 ? 86  TYR A N   1 
ATOM   647  C CA  . TYR A 1 86  ? 5.036   -16.227 -8.597  1.00 17.30 ? 86  TYR A CA  1 
ATOM   648  C C   . TYR A 1 86  ? 5.646   -14.817 -8.730  1.00 17.44 ? 86  TYR A C   1 
ATOM   649  O O   . TYR A 1 86  ? 5.023   -13.820 -8.356  1.00 16.18 ? 86  TYR A O   1 
ATOM   650  C CB  . TYR A 1 86  ? 3.546   -16.156 -8.207  1.00 15.26 ? 86  TYR A CB  1 
ATOM   651  C CG  . TYR A 1 86  ? 2.536   -16.068 -9.335  1.00 13.85 ? 86  TYR A CG  1 
ATOM   652  C CD1 . TYR A 1 86  ? 2.881   -15.533 -10.580 1.00 13.70 ? 86  TYR A CD1 1 
ATOM   653  C CD2 . TYR A 1 86  ? 1.206   -16.459 -9.131  1.00 14.05 ? 86  TYR A CD2 1 
ATOM   654  C CE1 . TYR A 1 86  ? 1.923   -15.380 -11.598 1.00 13.97 ? 86  TYR A CE1 1 
ATOM   655  C CE2 . TYR A 1 86  ? 0.237   -16.306 -10.137 1.00 15.40 ? 86  TYR A CE2 1 
ATOM   656  C CZ  . TYR A 1 86  ? 0.603   -15.767 -11.370 1.00 13.98 ? 86  TYR A CZ  1 
ATOM   657  O OH  . TYR A 1 86  ? -0.335  -15.616 -12.368 1.00 17.58 ? 86  TYR A OH  1 
ATOM   658  N N   . PRO A 1 87  ? 6.868   -14.720 -9.283  1.00 17.81 ? 87  PRO A N   1 
ATOM   659  C CA  . PRO A 1 87  ? 7.569   -13.441 -9.451  1.00 17.53 ? 87  PRO A CA  1 
ATOM   660  C C   . PRO A 1 87  ? 6.938   -12.414 -10.390 1.00 16.38 ? 87  PRO A C   1 
ATOM   661  O O   . PRO A 1 87  ? 6.212   -12.742 -11.321 1.00 14.66 ? 87  PRO A O   1 
ATOM   662  C CB  . PRO A 1 87  ? 8.963   -13.875 -9.900  1.00 18.69 ? 87  PRO A CB  1 
ATOM   663  C CG  . PRO A 1 87  ? 8.674   -15.106 -10.716 1.00 19.91 ? 87  PRO A CG  1 
ATOM   664  C CD  . PRO A 1 87  ? 7.625   -15.823 -9.913  1.00 18.63 ? 87  PRO A CD  1 
ATOM   665  N N   . TYR A 1 88  ? 7.267   -11.154 -10.130 1.00 17.32 ? 88  TYR A N   1 
ATOM   666  C CA  . TYR A 1 88  ? 6.738   -10.030 -10.894 1.00 18.44 ? 88  TYR A CA  1 
ATOM   667  C C   . TYR A 1 88  ? 7.342   -9.914  -12.291 1.00 19.92 ? 88  TYR A C   1 
ATOM   668  O O   . TYR A 1 88  ? 8.551   -10.013 -12.449 1.00 23.02 ? 88  TYR A O   1 
ATOM   669  C CB  . TYR A 1 88  ? 6.972   -8.734  -10.108 1.00 17.00 ? 88  TYR A CB  1 
ATOM   670  C CG  . TYR A 1 88  ? 6.290   -7.531  -10.716 1.00 17.34 ? 88  TYR A CG  1 
ATOM   671  C CD1 . TYR A 1 88  ? 4.898   -7.474  -10.813 1.00 16.27 ? 88  TYR A CD1 1 
ATOM   672  C CD2 . TYR A 1 88  ? 7.033   -6.442  -11.191 1.00 16.77 ? 88  TYR A CD2 1 
ATOM   673  C CE1 . TYR A 1 88  ? 4.265   -6.374  -11.358 1.00 15.47 ? 88  TYR A CE1 1 
ATOM   674  C CE2 . TYR A 1 88  ? 6.398   -5.331  -11.744 1.00 13.05 ? 88  TYR A CE2 1 
ATOM   675  C CZ  . TYR A 1 88  ? 5.019   -5.308  -11.820 1.00 14.26 ? 88  TYR A CZ  1 
ATOM   676  O OH  . TYR A 1 88  ? 4.362   -4.220  -12.344 1.00 12.73 ? 88  TYR A OH  1 
ATOM   677  N N   . GLN A 1 89  ? 6.506   -9.675  -13.297 1.00 19.98 ? 89  GLN A N   1 
ATOM   678  C CA  . GLN A 1 89  ? 6.979   -9.532  -14.668 1.00 20.13 ? 89  GLN A CA  1 
ATOM   679  C C   . GLN A 1 89  ? 6.653   -8.181  -15.332 1.00 19.54 ? 89  GLN A C   1 
ATOM   680  O O   . GLN A 1 89  ? 7.049   -7.952  -16.473 1.00 19.08 ? 89  GLN A O   1 
ATOM   681  C CB  . GLN A 1 89  ? 6.450   -10.685 -15.523 1.00 21.96 ? 89  GLN A CB  1 
ATOM   682  C CG  . GLN A 1 89  ? 7.062   -12.042 -15.182 1.00 25.65 ? 89  GLN A CG  1 
ATOM   683  C CD  . GLN A 1 89  ? 6.400   -13.179 -15.937 1.00 27.87 ? 89  GLN A CD  1 
ATOM   684  O OE1 . GLN A 1 89  ? 5.382   -13.716 -15.499 1.00 29.06 ? 89  GLN A OE1 1 
ATOM   685  N NE2 . GLN A 1 89  ? 6.957   -13.535 -17.092 1.00 29.49 ? 89  GLN A NE2 1 
ATOM   686  N N   . ALA A 1 90  ? 5.949   -7.293  -14.624 1.00 19.52 ? 90  ALA A N   1 
ATOM   687  C CA  . ALA A 1 90  ? 5.555   -5.977  -15.154 1.00 20.07 ? 90  ALA A CA  1 
ATOM   688  C C   . ALA A 1 90  ? 4.748   -6.084  -16.450 1.00 20.86 ? 90  ALA A C   1 
ATOM   689  O O   . ALA A 1 90  ? 4.875   -5.246  -17.347 1.00 23.14 ? 90  ALA A O   1 
ATOM   690  C CB  . ALA A 1 90  ? 6.791   -5.089  -15.361 1.00 18.84 ? 90  ALA A CB  1 
ATOM   691  N N   . LYS A 1 91  ? 3.920   -7.122  -16.539 1.00 20.17 ? 91  LYS A N   1 
ATOM   692  C CA  . LYS A 1 91  ? 3.097   -7.397  -17.715 1.00 19.46 ? 91  LYS A CA  1 
ATOM   693  C C   . LYS A 1 91  ? 2.012   -8.335  -17.252 1.00 18.79 ? 91  LYS A C   1 
ATOM   694  O O   . LYS A 1 91  ? 2.213   -9.089  -16.307 1.00 20.01 ? 91  LYS A O   1 
ATOM   695  C CB  . LYS A 1 91  ? 3.928   -8.116  -18.782 1.00 20.86 ? 91  LYS A CB  1 
ATOM   696  C CG  . LYS A 1 91  ? 4.158   -7.340  -20.061 1.00 25.26 ? 91  LYS A CG  1 
ATOM   697  C CD  . LYS A 1 91  ? 5.416   -7.811  -20.775 0.00 23.05 ? 91  LYS A CD  1 
ATOM   698  C CE  . LYS A 1 91  ? 6.212   -6.627  -21.300 0.00 23.21 ? 91  LYS A CE  1 
ATOM   699  N NZ  . LYS A 1 91  ? 7.481   -7.043  -21.957 0.00 22.57 ? 91  LYS A NZ  1 
ATOM   700  N N   . GLN A 1 92  ? 0.861   -8.297  -17.900 1.00 19.56 ? 92  GLN A N   1 
ATOM   701  C CA  . GLN A 1 92  ? -0.219  -9.183  -17.518 1.00 19.85 ? 92  GLN A CA  1 
ATOM   702  C C   . GLN A 1 92  ? -0.227  -10.404 -18.424 1.00 22.12 ? 92  GLN A C   1 
ATOM   703  O O   . GLN A 1 92  ? -0.092  -10.299 -19.649 1.00 21.43 ? 92  GLN A O   1 
ATOM   704  C CB  . GLN A 1 92  ? -1.575  -8.486  -17.575 1.00 20.10 ? 92  GLN A CB  1 
ATOM   705  C CG  . GLN A 1 92  ? -2.702  -9.377  -17.069 1.00 22.21 ? 92  GLN A CG  1 
ATOM   706  C CD  . GLN A 1 92  ? -4.077  -8.762  -17.234 1.00 24.67 ? 92  GLN A CD  1 
ATOM   707  O OE1 . GLN A 1 92  ? -4.924  -8.878  -16.352 1.00 25.32 ? 92  GLN A OE1 1 
ATOM   708  N NE2 . GLN A 1 92  ? -4.308  -8.101  -18.361 1.00 25.54 ? 92  GLN A NE2 1 
ATOM   709  N N   . TYR A 1 93  ? -0.304  -11.570 -17.794 1.00 22.91 ? 93  TYR A N   1 
ATOM   710  C CA  . TYR A 1 93  ? -0.345  -12.842 -18.502 1.00 24.45 ? 93  TYR A CA  1 
ATOM   711  C C   . TYR A 1 93  ? -1.571  -13.583 -17.986 1.00 24.96 ? 93  TYR A C   1 
ATOM   712  O O   . TYR A 1 93  ? -2.400  -13.021 -17.260 1.00 25.02 ? 93  TYR A O   1 
ATOM   713  C CB  . TYR A 1 93  ? 0.911   -13.672 -18.206 1.00 25.09 ? 93  TYR A CB  1 
ATOM   714  C CG  . TYR A 1 93  ? 2.195   -13.046 -18.690 1.00 28.37 ? 93  TYR A CG  1 
ATOM   715  C CD1 . TYR A 1 93  ? 2.604   -13.187 -20.015 1.00 30.54 ? 93  TYR A CD1 1 
ATOM   716  C CD2 . TYR A 1 93  ? 2.988   -12.276 -17.836 1.00 28.23 ? 93  TYR A CD2 1 
ATOM   717  C CE1 . TYR A 1 93  ? 3.768   -12.571 -20.481 1.00 31.79 ? 93  TYR A CE1 1 
ATOM   718  C CE2 . TYR A 1 93  ? 4.153   -11.661 -18.294 1.00 30.06 ? 93  TYR A CE2 1 
ATOM   719  C CZ  . TYR A 1 93  ? 4.534   -11.811 -19.618 1.00 30.73 ? 93  TYR A CZ  1 
ATOM   720  O OH  . TYR A 1 93  ? 5.671   -11.199 -20.099 1.00 36.31 ? 93  TYR A OH  1 
ATOM   721  N N   . LYS A 1 94  ? -1.667  -14.857 -18.338 1.00 26.52 ? 94  LYS A N   1 
ATOM   722  C CA  . LYS A 1 94  ? -2.783  -15.678 -17.895 1.00 25.32 ? 94  LYS A CA  1 
ATOM   723  C C   . LYS A 1 94  ? -2.594  -15.910 -16.401 1.00 22.30 ? 94  LYS A C   1 
ATOM   724  O O   . LYS A 1 94  ? -1.456  -15.916 -15.912 1.00 22.06 ? 94  LYS A O   1 
ATOM   725  C CB  . LYS A 1 94  ? -2.743  -17.044 -18.588 1.00 29.15 ? 94  LYS A CB  1 
ATOM   726  C CG  . LYS A 1 94  ? -2.248  -17.052 -20.028 1.00 34.36 ? 94  LYS A CG  1 
ATOM   727  C CD  . LYS A 1 94  ? -2.051  -18.510 -20.468 1.00 36.96 ? 94  LYS A CD  1 
ATOM   728  C CE  . LYS A 1 94  ? -1.681  -18.655 -21.932 0.00 35.84 ? 94  LYS A CE  1 
ATOM   729  N NZ  . LYS A 1 94  ? -1.661  -20.096 -22.341 0.00 36.07 ? 94  LYS A NZ  1 
ATOM   730  N N   . CYS A 1 95  ? -3.696  -16.050 -15.676 1.00 20.45 ? 95  CYS A N   1 
ATOM   731  C CA  . CYS A 1 95  ? -3.619  -16.333 -14.254 1.00 20.90 ? 95  CYS A CA  1 
ATOM   732  C C   . CYS A 1 95  ? -2.989  -17.721 -14.129 1.00 22.60 ? 95  CYS A C   1 
ATOM   733  O O   . CYS A 1 95  ? -3.440  -18.686 -14.759 1.00 21.04 ? 95  CYS A O   1 
ATOM   734  C CB  . CYS A 1 95  ? -4.995  -16.331 -13.618 1.00 18.15 ? 95  CYS A CB  1 
ATOM   735  S SG  . CYS A 1 95  ? -4.948  -16.753 -11.858 1.00 18.27 ? 95  CYS A SG  1 
ATOM   736  N N   . ARG A 1 96  ? -1.908  -17.792 -13.363 1.00 22.93 ? 96  ARG A N   1 
ATOM   737  C CA  . ARG A 1 96  ? -1.196  -19.040 -13.175 1.00 24.65 ? 96  ARG A CA  1 
ATOM   738  C C   . ARG A 1 96  ? -1.153  -19.464 -11.709 1.00 26.31 ? 96  ARG A C   1 
ATOM   739  O O   . ARG A 1 96  ? -0.341  -20.300 -11.320 1.00 26.71 ? 96  ARG A O   1 
ATOM   740  C CB  . ARG A 1 96  ? 0.207   -18.886 -13.770 1.00 24.44 ? 96  ARG A CB  1 
ATOM   741  C CG  . ARG A 1 96  ? 0.178   -18.700 -15.303 1.00 27.42 ? 96  ARG A CG  1 
ATOM   742  C CD  . ARG A 1 96  ? 1.394   -17.946 -15.832 1.00 29.46 ? 96  ARG A CD  1 
ATOM   743  N NE  . ARG A 1 96  ? 1.471   -16.566 -15.348 1.00 29.78 ? 96  ARG A NE  1 
ATOM   744  C CZ  . ARG A 1 96  ? 2.504   -15.758 -15.575 1.00 30.55 ? 96  ARG A CZ  1 
ATOM   745  N NH1 . ARG A 1 96  ? 3.545   -16.194 -16.275 1.00 32.35 ? 96  ARG A NH1 1 
ATOM   746  N NH2 . ARG A 1 96  ? 2.510   -14.519 -15.099 1.00 29.38 ? 96  ARG A NH2 1 
ATOM   747  N N   . ALA A 1 97  ? -2.094  -18.947 -10.925 1.00 26.92 ? 97  ALA A N   1 
ATOM   748  C CA  . ALA A 1 97  ? -2.177  -19.217 -9.501  1.00 29.60 ? 97  ALA A CA  1 
ATOM   749  C C   . ALA A 1 97  ? -2.291  -20.680 -9.120  1.00 33.22 ? 97  ALA A C   1 
ATOM   750  O O   . ALA A 1 97  ? -1.715  -21.106 -8.119  1.00 34.33 ? 97  ALA A O   1 
ATOM   751  C CB  . ALA A 1 97  ? -3.330  -18.446 -8.899  1.00 27.65 ? 97  ALA A CB  1 
ATOM   752  N N   . THR A 1 98  ? -3.034  -21.448 -9.908  1.00 37.11 ? 98  THR A N   1 
ATOM   753  C CA  . THR A 1 98  ? -3.246  -22.863 -9.604  1.00 40.96 ? 98  THR A CA  1 
ATOM   754  C C   . THR A 1 98  ? -2.041  -23.812 -9.749  1.00 41.33 ? 98  THR A C   1 
ATOM   755  O O   . THR A 1 98  ? -1.877  -24.721 -8.939  1.00 43.48 ? 98  THR A O   1 
ATOM   756  C CB  . THR A 1 98  ? -4.489  -23.421 -10.364 1.00 42.19 ? 98  THR A CB  1 
ATOM   757  O OG1 . THR A 1 98  ? -4.384  -23.141 -11.770 1.00 44.28 ? 98  THR A OG1 1 
ATOM   758  C CG2 . THR A 1 98  ? -5.761  -22.777 -9.828  1.00 43.12 ? 98  THR A CG2 1 
ATOM   759  N N   . ASP A 1 99  ? -1.179  -23.567 -10.735 1.00 40.78 ? 99  ASP A N   1 
ATOM   760  C CA  . ASP A 1 99  ? -0.006  -24.407 -10.973 0.00 40.31 ? 99  ASP A CA  1 
ATOM   761  C C   . ASP A 1 99  ? 1.111   -24.093 -9.976  0.00 39.28 ? 99  ASP A C   1 
ATOM   762  O O   . ASP A 1 99  ? 2.200   -24.668 -10.038 0.00 38.70 ? 99  ASP A O   1 
ATOM   763  C CB  . ASP A 1 99  ? 0.498   -24.182 -12.401 0.00 41.88 ? 99  ASP A CB  1 
ATOM   764  C CG  . ASP A 1 99  ? -0.632  -24.085 -13.413 0.00 43.20 ? 99  ASP A CG  1 
ATOM   765  O OD1 . ASP A 1 99  ? -1.304  -25.109 -13.661 0.00 44.05 ? 99  ASP A OD1 1 
ATOM   766  O OD2 . ASP A 1 99  ? -0.857  -22.980 -13.949 0.00 43.92 ? 99  ASP A OD2 1 
ATOM   767  N N   . LYS A 1 100 ? 0.820   -23.188 -9.054  1.00 37.39 ? 100 LYS A N   1 
ATOM   768  C CA  . LYS A 1 100 ? 1.766   -22.731 -8.036  1.00 38.29 ? 100 LYS A CA  1 
ATOM   769  C C   . LYS A 1 100 ? 1.739   -23.490 -6.693  1.00 38.55 ? 100 LYS A C   1 
ATOM   770  O O   . LYS A 1 100 ? 0.680   -23.866 -6.197  1.00 40.13 ? 100 LYS A O   1 
ATOM   771  C CB  . LYS A 1 100 ? 1.533   -21.236 -7.778  1.00 37.67 ? 100 LYS A CB  1 
ATOM   772  C CG  . LYS A 1 100 ? 2.501   -20.272 -8.447  1.00 34.81 ? 100 LYS A CG  1 
ATOM   773  C CD  . LYS A 1 100 ? 2.652   -20.513 -9.913  1.00 34.18 ? 100 LYS A CD  1 
ATOM   774  C CE  . LYS A 1 100 ? 3.725   -19.609 -10.481 1.00 34.12 ? 100 LYS A CE  1 
ATOM   775  N NZ  . LYS A 1 100 ? 3.933   -19.883 -11.917 1.00 35.46 ? 100 LYS A NZ  1 
ATOM   776  N N   . PRO A 1 101 ? 2.940   -23.724 -6.101  1.00 38.64 ? 101 PRO A N   1 
ATOM   777  C CA  . PRO A 1 101 ? 3.110   -24.401 -4.805  1.00 37.83 ? 101 PRO A CA  1 
ATOM   778  C C   . PRO A 1 101 ? 3.297   -23.362 -3.720  1.00 37.60 ? 101 PRO A C   1 
ATOM   779  O O   . PRO A 1 101 ? 2.981   -22.176 -3.918  1.00 37.56 ? 101 PRO A O   1 
ATOM   780  C CB  . PRO A 1 101 ? 4.433   -25.135 -5.012  1.00 38.68 ? 101 PRO A CB  1 
ATOM   781  C CG  . PRO A 1 101 ? 5.227   -24.115 -5.748  1.00 38.75 ? 101 PRO A CG  1 
ATOM   782  C CD  . PRO A 1 101 ? 4.227   -23.609 -6.793  1.00 38.39 ? 101 PRO A CD  1 
ATOM   783  N N   . GLY A 1 102 ? 3.944   -23.782 -2.630  1.00 36.06 ? 102 GLY A N   1 
ATOM   784  C CA  . GLY A 1 102 ? 4.195   -22.899 -1.507  1.00 30.56 ? 102 GLY A CA  1 
ATOM   785  C C   . GLY A 1 102 ? 2.877   -22.544 -0.868  1.00 27.65 ? 102 GLY A C   1 
ATOM   786  O O   . GLY A 1 102 ? 1.818   -22.929 -1.377  1.00 29.23 ? 102 GLY A O   1 
ATOM   787  N N   . PRO A 1 103 ? 2.894   -21.825 0.255   1.00 24.31 ? 103 PRO A N   1 
ATOM   788  C CA  . PRO A 1 103 ? 1.623   -21.480 0.879   1.00 22.23 ? 103 PRO A CA  1 
ATOM   789  C C   . PRO A 1 103 ? 0.905   -20.322 0.184   1.00 22.18 ? 103 PRO A C   1 
ATOM   790  O O   . PRO A 1 103 ? 1.518   -19.526 -0.548  1.00 21.36 ? 103 PRO A O   1 
ATOM   791  C CB  . PRO A 1 103 ? 2.039   -21.091 2.284   1.00 21.75 ? 103 PRO A CB  1 
ATOM   792  C CG  . PRO A 1 103 ? 3.352   -20.447 2.063   1.00 22.43 ? 103 PRO A CG  1 
ATOM   793  C CD  . PRO A 1 103 ? 4.028   -21.327 1.050   1.00 23.34 ? 103 PRO A CD  1 
ATOM   794  N N   . LYS A 1 104 ? -0.401  -20.263 0.434   1.00 20.69 ? 104 LYS A N   1 
ATOM   795  C CA  . LYS A 1 104 ? -1.287  -19.225 -0.067  1.00 18.43 ? 104 LYS A CA  1 
ATOM   796  C C   . LYS A 1 104 ? -1.696  -18.481 1.203   1.00 17.82 ? 104 LYS A C   1 
ATOM   797  O O   . LYS A 1 104 ? -2.330  -19.058 2.099   1.00 19.50 ? 104 LYS A O   1 
ATOM   798  C CB  . LYS A 1 104 ? -2.514  -19.840 -0.751  1.00 17.00 ? 104 LYS A CB  1 
ATOM   799  C CG  . LYS A 1 104 ? -2.176  -20.652 -1.956  1.00 21.27 ? 104 LYS A CG  1 
ATOM   800  C CD  . LYS A 1 104 ? -3.375  -21.053 -2.768  1.00 27.97 ? 104 LYS A CD  1 
ATOM   801  C CE  . LYS A 1 104 ? -4.328  -21.931 -2.032  1.00 31.16 ? 104 LYS A CE  1 
ATOM   802  N NZ  . LYS A 1 104 ? -5.094  -22.847 -2.951  1.00 34.61 ? 104 LYS A NZ  1 
ATOM   803  N N   . VAL A 1 105 ? -1.232  -17.246 1.339   1.00 14.84 ? 105 VAL A N   1 
ATOM   804  C CA  . VAL A 1 105 ? -1.562  -16.451 2.503   1.00 15.10 ? 105 VAL A CA  1 
ATOM   805  C C   . VAL A 1 105 ? -2.953  -15.872 2.266   1.00 16.73 ? 105 VAL A C   1 
ATOM   806  O O   . VAL A 1 105 ? -3.211  -15.260 1.209   1.00 18.68 ? 105 VAL A O   1 
ATOM   807  C CB  . VAL A 1 105 ? -0.520  -15.327 2.722   1.00 13.15 ? 105 VAL A CB  1 
ATOM   808  C CG1 . VAL A 1 105 ? -0.901  -14.441 3.894   1.00 10.73 ? 105 VAL A CG1 1 
ATOM   809  C CG2 . VAL A 1 105 ? 0.846   -15.941 2.931   1.00 14.56 ? 105 VAL A CG2 1 
ATOM   810  N N   . LYS A 1 106 ? -3.848  -16.062 3.233   1.00 16.37 ? 106 LYS A N   1 
ATOM   811  C CA  . LYS A 1 106 ? -5.205  -15.575 3.097   1.00 16.92 ? 106 LYS A CA  1 
ATOM   812  C C   . LYS A 1 106 ? -5.504  -14.565 4.177   1.00 14.67 ? 106 LYS A C   1 
ATOM   813  O O   . LYS A 1 106 ? -4.799  -14.507 5.187   1.00 16.19 ? 106 LYS A O   1 
ATOM   814  C CB  . LYS A 1 106 ? -6.193  -16.753 3.199   1.00 21.73 ? 106 LYS A CB  1 
ATOM   815  C CG  . LYS A 1 106 ? -7.552  -16.505 2.551   1.00 25.60 ? 106 LYS A CG  1 
ATOM   816  C CD  . LYS A 1 106 ? -8.479  -17.732 2.614   1.00 28.91 ? 106 LYS A CD  1 
ATOM   817  C CE  . LYS A 1 106 ? -9.459  -17.659 3.796   1.00 31.71 ? 106 LYS A CE  1 
ATOM   818  N NZ  . LYS A 1 106 ? -10.444 -16.513 3.748   1.00 29.40 ? 106 LYS A NZ  1 
ATOM   819  N N   . ILE A 1 107 ? -6.495  -13.708 3.928   1.00 15.18 ? 107 ILE A N   1 
ATOM   820  C CA  . ILE A 1 107 ? -6.947  -12.719 4.927   1.00 14.79 ? 107 ILE A CA  1 
ATOM   821  C C   . ILE A 1 107 ? -8.418  -13.041 5.136   1.00 13.41 ? 107 ILE A C   1 
ATOM   822  O O   . ILE A 1 107 ? -9.025  -13.741 4.329   1.00 15.46 ? 107 ILE A O   1 
ATOM   823  C CB  . ILE A 1 107 ? -6.796  -11.210 4.464   1.00 15.55 ? 107 ILE A CB  1 
ATOM   824  C CG1 . ILE A 1 107 ? -7.582  -10.952 3.162   1.00 15.85 ? 107 ILE A CG1 1 
ATOM   825  C CG2 . ILE A 1 107 ? -5.309  -10.837 4.359   1.00 15.93 ? 107 ILE A CG2 1 
ATOM   826  C CD1 . ILE A 1 107 ? -7.560  -9.518  2.659   1.00 15.04 ? 107 ILE A CD1 1 
ATOM   827  N N   . THR A 1 108 ? -8.980  -12.568 6.225   1.00 14.75 ? 108 THR A N   1 
ATOM   828  C CA  . THR A 1 108 ? -10.378 -12.838 6.513   1.00 18.78 ? 108 THR A CA  1 
ATOM   829  C C   . THR A 1 108 ? -11.295 -11.879 5.722   1.00 19.75 ? 108 THR A C   1 
ATOM   830  O O   . THR A 1 108 ? -12.332 -12.284 5.190   1.00 18.76 ? 108 THR A O   1 
ATOM   831  C CB  . THR A 1 108 ? -10.608 -12.769 8.026   1.00 19.01 ? 108 THR A CB  1 
ATOM   832  O OG1 . THR A 1 108 ? -9.722  -13.698 8.676   1.00 21.93 ? 108 THR A OG1 1 
ATOM   833  C CG2 . THR A 1 108 ? -12.039 -13.095 8.368   1.00 23.19 ? 108 THR A CG2 1 
ATOM   834  N N   . GLY A 1 109 ? -10.874 -10.622 5.614   1.00 18.57 ? 109 GLY A N   1 
ATOM   835  C CA  . GLY A 1 109 ? -11.631 -9.632  4.874   1.00 15.66 ? 109 GLY A CA  1 
ATOM   836  C C   . GLY A 1 109 ? -10.887 -8.320  4.958   1.00 15.46 ? 109 GLY A C   1 
ATOM   837  O O   . GLY A 1 109 ? -9.736  -8.285  5.363   1.00 14.56 ? 109 GLY A O   1 
ATOM   838  N N   . TYR A 1 110 ? -11.539 -7.229  4.607   1.00 15.33 ? 110 TYR A N   1 
ATOM   839  C CA  . TYR A 1 110 ? -10.878 -5.932  4.680   1.00 16.52 ? 110 TYR A CA  1 
ATOM   840  C C   . TYR A 1 110 ? -11.918 -4.898  5.082   1.00 16.55 ? 110 TYR A C   1 
ATOM   841  O O   . TYR A 1 110 ? -13.111 -5.156  4.979   1.00 16.03 ? 110 TYR A O   1 
ATOM   842  C CB  . TYR A 1 110 ? -10.274 -5.584  3.324   1.00 15.63 ? 110 TYR A CB  1 
ATOM   843  C CG  . TYR A 1 110 ? -11.317 -5.409  2.253   1.00 19.45 ? 110 TYR A CG  1 
ATOM   844  C CD1 . TYR A 1 110 ? -11.907 -4.163  2.035   1.00 20.94 ? 110 TYR A CD1 1 
ATOM   845  C CD2 . TYR A 1 110 ? -11.726 -6.483  1.463   1.00 20.10 ? 110 TYR A CD2 1 
ATOM   846  C CE1 . TYR A 1 110 ? -12.878 -3.982  1.055   1.00 21.31 ? 110 TYR A CE1 1 
ATOM   847  C CE2 . TYR A 1 110 ? -12.701 -6.309  0.473   1.00 21.95 ? 110 TYR A CE2 1 
ATOM   848  C CZ  . TYR A 1 110 ? -13.266 -5.051  0.281   1.00 21.18 ? 110 TYR A CZ  1 
ATOM   849  O OH  . TYR A 1 110 ? -14.214 -4.845  -0.683  1.00 24.53 ? 110 TYR A OH  1 
ATOM   850  N N   . LYS A 1 111 ? -11.474 -3.757  5.589   1.00 16.87 ? 111 LYS A N   1 
ATOM   851  C CA  . LYS A 1 111 ? -12.391 -2.705  5.996   1.00 18.76 ? 111 LYS A CA  1 
ATOM   852  C C   . LYS A 1 111 ? -11.927 -1.386  5.420   1.00 18.71 ? 111 LYS A C   1 
ATOM   853  O O   . LYS A 1 111 ? -10.774 -1.243  5.035   1.00 17.98 ? 111 LYS A O   1 
ATOM   854  C CB  . LYS A 1 111 ? -12.421 -2.573  7.506   1.00 22.46 ? 111 LYS A CB  1 
ATOM   855  C CG  . LYS A 1 111 ? -12.922 -3.795  8.219   1.00 30.97 ? 111 LYS A CG  1 
ATOM   856  C CD  . LYS A 1 111 ? -13.032 -3.509  9.712   1.00 39.17 ? 111 LYS A CD  1 
ATOM   857  C CE  . LYS A 1 111 ? -13.232 -4.783  10.538  1.00 43.67 ? 111 LYS A CE  1 
ATOM   858  N NZ  . LYS A 1 111 ? -13.168 -4.505  12.022  1.00 48.43 ? 111 LYS A NZ  1 
ATOM   859  N N   . ARG A 1 112 ? -12.832 -0.420  5.405   1.00 17.79 ? 112 ARG A N   1 
ATOM   860  C CA  . ARG A 1 112 ? -12.542 0.906   4.919   1.00 17.84 ? 112 ARG A CA  1 
ATOM   861  C C   . ARG A 1 112 ? -12.409 1.797   6.127   1.00 17.34 ? 112 ARG A C   1 
ATOM   862  O O   . ARG A 1 112 ? -13.164 1.670   7.102   1.00 17.64 ? 112 ARG A O   1 
ATOM   863  C CB  . ARG A 1 112 ? -13.672 1.416   4.020   1.00 19.84 ? 112 ARG A CB  1 
ATOM   864  C CG  . ARG A 1 112 ? -13.568 2.888   3.654   1.00 22.64 ? 112 ARG A CG  1 
ATOM   865  C CD  . ARG A 1 112 ? -13.527 3.080   2.169   1.00 25.45 ? 112 ARG A CD  1 
ATOM   866  N NE  . ARG A 1 112 ? -13.424 4.489   1.824   1.00 27.93 ? 112 ARG A NE  1 
ATOM   867  C CZ  . ARG A 1 112 ? -14.099 5.070   0.840   1.00 26.95 ? 112 ARG A CZ  1 
ATOM   868  N NH1 . ARG A 1 112 ? -14.935 4.375   0.088   1.00 28.69 ? 112 ARG A NH1 1 
ATOM   869  N NH2 . ARG A 1 112 ? -13.932 6.353   0.613   1.00 26.55 ? 112 ARG A NH2 1 
ATOM   870  N N   . VAL A 1 113 ? -11.382 2.635   6.108   1.00 15.21 ? 113 VAL A N   1 
ATOM   871  C CA  . VAL A 1 113 ? -11.156 3.576   7.200   1.00 14.90 ? 113 VAL A CA  1 
ATOM   872  C C   . VAL A 1 113 ? -12.128 4.742   6.923   1.00 14.88 ? 113 VAL A C   1 
ATOM   873  O O   . VAL A 1 113 ? -12.263 5.169   5.768   1.00 14.57 ? 113 VAL A O   1 
ATOM   874  C CB  . VAL A 1 113 ? -9.690  4.111   7.165   1.00 13.54 ? 113 VAL A CB  1 
ATOM   875  C CG1 . VAL A 1 113 ? -9.451  5.110   8.280   1.00 13.45 ? 113 VAL A CG1 1 
ATOM   876  C CG2 . VAL A 1 113 ? -8.690  2.953   7.281   1.00 15.33 ? 113 VAL A CG2 1 
ATOM   877  N N   . PRO A 1 114 ? -12.892 5.178   7.945   1.00 15.23 ? 114 PRO A N   1 
ATOM   878  C CA  . PRO A 1 114 ? -13.816 6.300   7.724   1.00 15.92 ? 114 PRO A CA  1 
ATOM   879  C C   . PRO A 1 114 ? -12.996 7.437   7.120   1.00 15.81 ? 114 PRO A C   1 
ATOM   880  O O   . PRO A 1 114 ? -11.990 7.849   7.668   1.00 16.80 ? 114 PRO A O   1 
ATOM   881  C CB  . PRO A 1 114 ? -14.324 6.640   9.132   1.00 16.48 ? 114 PRO A CB  1 
ATOM   882  C CG  . PRO A 1 114 ? -13.613 5.728   10.065  1.00 18.73 ? 114 PRO A CG  1 
ATOM   883  C CD  . PRO A 1 114 ? -13.089 4.570   9.269   1.00 16.33 ? 114 PRO A CD  1 
ATOM   884  N N   . SER A 1 115 ? -13.410 7.850   5.932   1.00 16.25 ? 115 SER A N   1 
ATOM   885  C CA  . SER A 1 115 ? -12.756 8.875   5.146   1.00 15.28 ? 115 SER A CA  1 
ATOM   886  C C   . SER A 1 115 ? -12.632 10.262  5.727   1.00 15.94 ? 115 SER A C   1 
ATOM   887  O O   . SER A 1 115 ? -13.303 10.634  6.707   1.00 16.80 ? 115 SER A O   1 
ATOM   888  C CB  . SER A 1 115 ? -13.424 8.968   3.785   1.00 14.10 ? 115 SER A CB  1 
ATOM   889  O OG  A SER A 1 115 ? -13.451 7.737   3.135   0.62 10.51 ? 115 SER A OG  1 
ATOM   890  O OG  B SER A 1 115 ? -14.781 9.275   3.880   0.38 16.43 ? 115 SER A OG  1 
ATOM   891  N N   . ASN A 1 116 ? -11.733 11.017  5.095   1.00 18.06 ? 116 ASN A N   1 
ATOM   892  C CA  . ASN A 1 116 ? -11.472 12.424  5.400   1.00 16.50 ? 116 ASN A CA  1 
ATOM   893  C C   . ASN A 1 116 ? -11.357 12.811  6.846   1.00 16.63 ? 116 ASN A C   1 
ATOM   894  O O   . ASN A 1 116 ? -11.854 13.856  7.257   1.00 17.28 ? 116 ASN A O   1 
ATOM   895  C CB  . ASN A 1 116 ? -12.532 13.268  4.719   1.00 16.34 ? 116 ASN A CB  1 
ATOM   896  C CG  . ASN A 1 116 ? -12.637 12.973  3.241   1.00 18.11 ? 116 ASN A CG  1 
ATOM   897  O OD1 . ASN A 1 116 ? -13.666 13.229  2.641   1.00 26.25 ? 116 ASN A OD1 1 
ATOM   898  N ND2 . ASN A 1 116 ? -11.593 12.422  2.652   1.00 18.44 ? 116 ASN A ND2 1 
HETATM 899  N N   . SCH A 1 117 ? -10.573 12.045  7.593   1.00 16.99 ? 117 SCH A N   1 
HETATM 900  C CA  . SCH A 1 117 ? -10.435 12.296  8.999   1.00 16.63 ? 117 SCH A CA  1 
HETATM 901  C CB  . SCH A 1 117 ? -11.548 11.555  9.713   1.00 18.68 ? 117 SCH A CB  1 
HETATM 902  S SG  . SCH A 1 117 ? -11.515 11.753  11.491  1.00 21.92 ? 117 SCH A SG  1 
HETATM 903  S SD  . SCH A 1 117 ? -11.723 13.743  11.786  1.00 30.44 ? 117 SCH A SD  1 
HETATM 904  C CE  . SCH A 1 117 ? -13.455 14.063  11.298  1.00 29.58 ? 117 SCH A CE  1 
HETATM 905  C C   . SCH A 1 117 ? -9.086  11.813  9.476   1.00 16.49 ? 117 SCH A C   1 
HETATM 906  O O   . SCH A 1 117 ? -8.797  10.629  9.423   1.00 17.28 ? 117 SCH A O   1 
ATOM   907  N N   . GLU A 1 118 ? -8.258  12.743  9.941   1.00 15.86 ? 118 GLU A N   1 
ATOM   908  C CA  . GLU A 1 118 ? -6.921  12.434  10.414  1.00 15.68 ? 118 GLU A CA  1 
ATOM   909  C C   . GLU A 1 118 ? -6.938  11.439  11.561  1.00 16.37 ? 118 GLU A C   1 
ATOM   910  O O   . GLU A 1 118 ? -6.131  10.502  11.594  1.00 15.25 ? 118 GLU A O   1 
ATOM   911  C CB  . GLU A 1 118 ? -6.219  13.689  10.897  1.00 15.11 ? 118 GLU A CB  1 
ATOM   912  C CG  . GLU A 1 118 ? -4.786  13.441  11.296  1.00 14.21 ? 118 GLU A CG  1 
ATOM   913  C CD  . GLU A 1 118 ? -4.190  14.574  12.104  1.00 15.59 ? 118 GLU A CD  1 
ATOM   914  O OE1 . GLU A 1 118 ? -4.945  15.328  12.749  1.00 16.47 ? 118 GLU A OE1 1 
ATOM   915  O OE2 . GLU A 1 118 ? -2.946  14.693  12.118  1.00 18.06 ? 118 GLU A OE2 1 
ATOM   916  N N   . THR A 1 119 ? -7.835  11.666  12.513  1.00 15.54 ? 119 THR A N   1 
ATOM   917  C CA  . THR A 1 119 ? -7.938  10.794  13.681  1.00 18.86 ? 119 THR A CA  1 
ATOM   918  C C   . THR A 1 119 ? -8.239  9.337   13.354  1.00 17.32 ? 119 THR A C   1 
ATOM   919  O O   . THR A 1 119 ? -7.635  8.443   13.940  1.00 21.87 ? 119 THR A O   1 
ATOM   920  C CB  . THR A 1 119 ? -8.965  11.328  14.685  1.00 20.12 ? 119 THR A CB  1 
ATOM   921  O OG1 . THR A 1 119 ? -8.585  12.657  15.055  1.00 24.72 ? 119 THR A OG1 1 
ATOM   922  C CG2 . THR A 1 119 ? -8.975  10.464  15.941  1.00 22.10 ? 119 THR A CG2 1 
ATOM   923  N N   . SER A 1 120 ? -9.171  9.098   12.444  1.00 16.20 ? 120 SER A N   1 
ATOM   924  C CA  . SER A 1 120 ? -9.522  7.741   12.053  1.00 16.88 ? 120 SER A CA  1 
ATOM   925  C C   . SER A 1 120 ? -8.339  7.113   11.341  1.00 16.12 ? 120 SER A C   1 
ATOM   926  O O   . SER A 1 120 ? -7.999  5.964   11.586  1.00 14.43 ? 120 SER A O   1 
ATOM   927  C CB  . SER A 1 120 ? -10.743 7.751   11.132  1.00 17.58 ? 120 SER A CB  1 
ATOM   928  O OG  . SER A 1 120 ? -11.835 8.354   11.799  1.00 24.10 ? 120 SER A OG  1 
ATOM   929  N N   . PHE A 1 121 ? -7.694  7.901   10.485  1.00 16.14 ? 121 PHE A N   1 
ATOM   930  C CA  . PHE A 1 121 ? -6.544  7.449   9.722   1.00 13.64 ? 121 PHE A CA  1 
ATOM   931  C C   . PHE A 1 121 ? -5.438  6.978   10.665  1.00 13.54 ? 121 PHE A C   1 
ATOM   932  O O   . PHE A 1 121 ? -4.900  5.889   10.500  1.00 11.48 ? 121 PHE A O   1 
ATOM   933  C CB  . PHE A 1 121 ? -6.030  8.601   8.836   1.00 13.31 ? 121 PHE A CB  1 
ATOM   934  C CG  . PHE A 1 121 ? -5.015  8.186   7.800   1.00 13.35 ? 121 PHE A CG  1 
ATOM   935  C CD1 . PHE A 1 121 ? -5.424  7.730   6.547   1.00 13.91 ? 121 PHE A CD1 1 
ATOM   936  C CD2 . PHE A 1 121 ? -3.644  8.247   8.072   1.00 12.29 ? 121 PHE A CD2 1 
ATOM   937  C CE1 . PHE A 1 121 ? -4.491  7.341   5.577   1.00 13.46 ? 121 PHE A CE1 1 
ATOM   938  C CE2 . PHE A 1 121 ? -2.705  7.859   7.106   1.00 9.70  ? 121 PHE A CE2 1 
ATOM   939  C CZ  . PHE A 1 121 ? -3.127  7.407   5.866   1.00 10.73 ? 121 PHE A CZ  1 
ATOM   940  N N   . LEU A 1 122 ? -5.085  7.811   11.633  1.00 12.52 ? 122 LEU A N   1 
ATOM   941  C CA  . LEU A 1 122 ? -4.016  7.470   12.565  1.00 13.78 ? 122 LEU A CA  1 
ATOM   942  C C   . LEU A 1 122 ? -4.386  6.292   13.443  1.00 15.00 ? 122 LEU A C   1 
ATOM   943  O O   . LEU A 1 122 ? -3.528  5.471   13.762  1.00 15.46 ? 122 LEU A O   1 
ATOM   944  C CB  . LEU A 1 122 ? -3.650  8.664   13.446  1.00 13.97 ? 122 LEU A CB  1 
ATOM   945  C CG  . LEU A 1 122 ? -3.080  9.880   12.709  1.00 12.42 ? 122 LEU A CG  1 
ATOM   946  C CD1 . LEU A 1 122 ? -2.739  10.949  13.701  1.00 13.64 ? 122 LEU A CD1 1 
ATOM   947  C CD2 . LEU A 1 122 ? -1.875  9.483   11.892  1.00 15.19 ? 122 LEU A CD2 1 
ATOM   948  N N   . GLY A 1 123 ? -5.647  6.241   13.863  1.00 14.17 ? 123 GLY A N   1 
ATOM   949  C CA  . GLY A 1 123 ? -6.123  5.151   14.702  1.00 15.67 ? 123 GLY A CA  1 
ATOM   950  C C   . GLY A 1 123 ? -5.974  3.806   14.009  1.00 16.44 ? 123 GLY A C   1 
ATOM   951  O O   . GLY A 1 123 ? -5.610  2.806   14.635  1.00 17.07 ? 123 GLY A O   1 
ATOM   952  N N   . ALA A 1 124 ? -6.232  3.780   12.704  1.00 14.26 ? 124 ALA A N   1 
ATOM   953  C CA  . ALA A 1 124 ? -6.104  2.553   11.943  1.00 13.34 ? 124 ALA A CA  1 
ATOM   954  C C   . ALA A 1 124 ? -4.645  2.269   11.599  1.00 14.16 ? 124 ALA A C   1 
ATOM   955  O O   . ALA A 1 124 ? -4.208  1.138   11.682  1.00 14.68 ? 124 ALA A O   1 
ATOM   956  C CB  . ALA A 1 124 ? -6.955  2.619   10.687  1.00 13.10 ? 124 ALA A CB  1 
ATOM   957  N N   . LEU A 1 125 ? -3.872  3.298   11.248  1.00 11.89 ? 125 LEU A N   1 
ATOM   958  C CA  . LEU A 1 125 ? -2.472  3.099   10.901  1.00 12.49 ? 125 LEU A CA  1 
ATOM   959  C C   . LEU A 1 125 ? -1.658  2.645   12.118  1.00 11.19 ? 125 LEU A C   1 
ATOM   960  O O   . LEU A 1 125 ? -0.627  1.984   11.973  1.00 12.10 ? 125 LEU A O   1 
ATOM   961  C CB  . LEU A 1 125 ? -1.890  4.376   10.261  1.00 12.16 ? 125 LEU A CB  1 
ATOM   962  C CG  . LEU A 1 125 ? -0.427  4.408   9.808   1.00 11.77 ? 125 LEU A CG  1 
ATOM   963  C CD1 . LEU A 1 125 ? -0.079  3.221   8.917   1.00 9.87  ? 125 LEU A CD1 1 
ATOM   964  C CD2 . LEU A 1 125 ? -0.178  5.717   9.057   1.00 12.38 ? 125 LEU A CD2 1 
ATOM   965  N N   . ALA A 1 126 ? -2.118  2.994   13.310  1.00 11.04 ? 126 ALA A N   1 
ATOM   966  C CA  . ALA A 1 126 ? -1.425  2.567   14.517  1.00 13.88 ? 126 ALA A CA  1 
ATOM   967  C C   . ALA A 1 126 ? -1.536  1.042   14.689  1.00 16.42 ? 126 ALA A C   1 
ATOM   968  O O   . ALA A 1 126 ? -0.768  0.442   15.450  1.00 18.88 ? 126 ALA A O   1 
ATOM   969  C CB  . ALA A 1 126 ? -1.993  3.263   15.726  1.00 12.44 ? 126 ALA A CB  1 
ATOM   970  N N   . ASN A 1 127 ? -2.491  0.421   13.994  1.00 17.68 ? 127 ASN A N   1 
ATOM   971  C CA  . ASN A 1 127 ? -2.699  -1.035  14.081  1.00 16.32 ? 127 ASN A CA  1 
ATOM   972  C C   . ASN A 1 127 ? -2.045  -1.830  12.967  1.00 15.88 ? 127 ASN A C   1 
ATOM   973  O O   . ASN A 1 127 ? -1.681  -2.987  13.169  1.00 15.14 ? 127 ASN A O   1 
ATOM   974  C CB  . ASN A 1 127 ? -4.189  -1.382  14.103  1.00 18.36 ? 127 ASN A CB  1 
ATOM   975  C CG  . ASN A 1 127 ? -4.881  -0.901  15.358  1.00 22.41 ? 127 ASN A CG  1 
ATOM   976  O OD1 . ASN A 1 127 ? -4.285  -0.850  16.437  1.00 26.88 ? 127 ASN A OD1 1 
ATOM   977  N ND2 . ASN A 1 127 ? -6.150  -0.540  15.228  1.00 23.75 ? 127 ASN A ND2 1 
ATOM   978  N N   . GLN A 1 128 ? -1.925  -1.237  11.779  1.00 11.88 ? 128 GLN A N   1 
ATOM   979  C CA  . GLN A 1 128 ? -1.317  -1.924  10.644  1.00 13.22 ? 128 GLN A CA  1 
ATOM   980  C C   . GLN A 1 128 ? -1.203  -0.981  9.451   1.00 12.80 ? 128 GLN A C   1 
ATOM   981  O O   . GLN A 1 128 ? -1.881  0.049   9.407   1.00 14.44 ? 128 GLN A O   1 
ATOM   982  C CB  . GLN A 1 128 ? -2.193  -3.093  10.187  1.00 14.03 ? 128 GLN A CB  1 
ATOM   983  C CG  . GLN A 1 128 ? -3.484  -2.665  9.474   1.00 18.81 ? 128 GLN A CG  1 
ATOM   984  C CD  . GLN A 1 128 ? -4.684  -2.520  10.388  1.00 23.56 ? 128 GLN A CD  1 
ATOM   985  O OE1 . GLN A 1 128 ? -5.152  -1.420  10.674  1.00 28.50 ? 128 GLN A OE1 1 
ATOM   986  N NE2 . GLN A 1 128 ? -5.211  -3.641  10.829  1.00 23.77 ? 128 GLN A NE2 1 
ATOM   987  N N   . PRO A 1 129 ? -0.336  -1.325  8.474   1.00 12.49 ? 129 PRO A N   1 
ATOM   988  C CA  . PRO A 1 129 ? -0.198  -0.465  7.284   1.00 10.85 ? 129 PRO A CA  1 
ATOM   989  C C   . PRO A 1 129 ? -1.549  -0.398  6.540   1.00 13.20 ? 129 PRO A C   1 
ATOM   990  O O   . PRO A 1 129 ? -2.320  -1.387  6.516   1.00 10.57 ? 129 PRO A O   1 
ATOM   991  C CB  . PRO A 1 129 ? 0.839   -1.216  6.445   1.00 11.35 ? 129 PRO A CB  1 
ATOM   992  C CG  . PRO A 1 129 ? 1.698   -1.909  7.484   1.00 13.26 ? 129 PRO A CG  1 
ATOM   993  C CD  . PRO A 1 129 ? 0.692   -2.377  8.514   1.00 11.53 ? 129 PRO A CD  1 
ATOM   994  N N   . LEU A 1 130 ? -1.796  0.721   5.847   1.00 11.36 ? 130 LEU A N   1 
ATOM   995  C CA  . LEU A 1 130 ? -3.037  0.937   5.094   1.00 10.03 ? 130 LEU A CA  1 
ATOM   996  C C   . LEU A 1 130 ? -2.775  1.112   3.599   1.00 10.01 ? 130 LEU A C   1 
ATOM   997  O O   . LEU A 1 130 ? -1.690  1.536   3.190   1.00 10.46 ? 130 LEU A O   1 
ATOM   998  C CB  . LEU A 1 130 ? -3.767  2.189   5.596   1.00 9.59  ? 130 LEU A CB  1 
ATOM   999  C CG  . LEU A 1 130 ? -3.884  2.376   7.102   1.00 10.97 ? 130 LEU A CG  1 
ATOM   1000 C CD1 . LEU A 1 130 ? -4.491  3.733   7.427   1.00 10.27 ? 130 LEU A CD1 1 
ATOM   1001 C CD2 . LEU A 1 130 ? -4.722  1.242   7.698   1.00 12.78 ? 130 LEU A CD2 1 
ATOM   1002 N N   . SER A 1 131 ? -3.738  0.690   2.790   1.00 8.70  ? 131 SER A N   1 
ATOM   1003 C CA  . SER A 1 131 ? -3.685  0.848   1.343   1.00 9.33  ? 131 SER A CA  1 
ATOM   1004 C C   . SER A 1 131 ? -4.376  2.200   1.162   1.00 8.78  ? 131 SER A C   1 
ATOM   1005 O O   . SER A 1 131 ? -5.521  2.349   1.578   1.00 9.33  ? 131 SER A O   1 
ATOM   1006 C CB  . SER A 1 131 ? -4.535  -0.224  0.674   1.00 9.95  ? 131 SER A CB  1 
ATOM   1007 O OG  . SER A 1 131 ? -4.749  0.083   -0.692  1.00 11.01 ? 131 SER A OG  1 
ATOM   1008 N N   . VAL A 1 132 ? -3.699  3.181   0.564   1.00 9.02  ? 132 VAL A N   1 
ATOM   1009 C CA  . VAL A 1 132 ? -4.307  4.501   0.414   1.00 7.88  ? 132 VAL A CA  1 
ATOM   1010 C C   . VAL A 1 132 ? -4.163  4.994   -1.013  1.00 8.15  ? 132 VAL A C   1 
ATOM   1011 O O   . VAL A 1 132 ? -3.312  4.525   -1.773  1.00 8.59  ? 132 VAL A O   1 
ATOM   1012 C CB  . VAL A 1 132 ? -3.654  5.538   1.368   1.00 7.96  ? 132 VAL A CB  1 
ATOM   1013 C CG1 . VAL A 1 132 ? -3.751  5.087   2.814   1.00 9.13  ? 132 VAL A CG1 1 
ATOM   1014 C CG2 . VAL A 1 132 ? -2.209  5.813   0.967   1.00 9.91  ? 132 VAL A CG2 1 
ATOM   1015 N N   . LEU A 1 133 ? -5.021  5.922   -1.402  1.00 7.50  ? 133 LEU A N   1 
ATOM   1016 C CA  . LEU A 1 133 ? -4.927  6.464   -2.743  1.00 6.43  ? 133 LEU A CA  1 
ATOM   1017 C C   . LEU A 1 133 ? -4.475  7.919   -2.643  1.00 6.30  ? 133 LEU A C   1 
ATOM   1018 O O   . LEU A 1 133 ? -4.809  8.604   -1.686  1.00 7.40  ? 133 LEU A O   1 
ATOM   1019 C CB  . LEU A 1 133 ? -6.273  6.407   -3.444  1.00 8.33  ? 133 LEU A CB  1 
ATOM   1020 C CG  . LEU A 1 133 ? -6.850  5.032   -3.798  1.00 9.81  ? 133 LEU A CG  1 
ATOM   1021 C CD1 . LEU A 1 133 ? -8.078  5.248   -4.645  1.00 13.08 ? 133 LEU A CD1 1 
ATOM   1022 C CD2 . LEU A 1 133 ? -5.864  4.194   -4.578  1.00 7.17  ? 133 LEU A CD2 1 
ATOM   1023 N N   . VAL A 1 134 ? -3.716  8.363   -3.644  1.00 9.39  ? 134 VAL A N   1 
ATOM   1024 C CA  . VAL A 1 134 ? -3.218  9.734   -3.682  1.00 10.00 ? 134 VAL A CA  1 
ATOM   1025 C C   . VAL A 1 134 ? -3.165  10.209  -5.127  1.00 10.72 ? 134 VAL A C   1 
ATOM   1026 O O   . VAL A 1 134 ? -3.199  9.399   -6.068  1.00 9.51  ? 134 VAL A O   1 
ATOM   1027 C CB  . VAL A 1 134 ? -1.732  9.864   -3.128  1.00 10.23 ? 134 VAL A CB  1 
ATOM   1028 C CG1 . VAL A 1 134 ? -1.661  9.565   -1.614  1.00 10.80 ? 134 VAL A CG1 1 
ATOM   1029 C CG2 . VAL A 1 134 ? -0.765  8.987   -3.945  1.00 8.78  ? 134 VAL A CG2 1 
ATOM   1030 N N   . GLU A 1 135 ? -3.101  11.533  -5.293  1.00 11.30 ? 135 GLU A N   1 
ATOM   1031 C CA  . GLU A 1 135 ? -2.915  12.102  -6.619  1.00 9.62  ? 135 GLU A CA  1 
ATOM   1032 C C   . GLU A 1 135 ? -1.379  12.218  -6.725  1.00 8.29  ? 135 GLU A C   1 
ATOM   1033 O O   . GLU A 1 135 ? -0.764  13.040  -6.034  1.00 10.60 ? 135 GLU A O   1 
ATOM   1034 C CB  . GLU A 1 135 ? -3.523  13.491  -6.719  1.00 11.15 ? 135 GLU A CB  1 
ATOM   1035 C CG  . GLU A 1 135 ? -3.222  14.086  -8.093  1.00 12.90 ? 135 GLU A CG  1 
ATOM   1036 C CD  . GLU A 1 135 ? -3.403  15.571  -8.107  1.00 14.64 ? 135 GLU A CD  1 
ATOM   1037 O OE1 . GLU A 1 135 ? -4.561  16.000  -8.119  1.00 15.86 ? 135 GLU A OE1 1 
ATOM   1038 O OE2 . GLU A 1 135 ? -2.391  16.297  -8.041  1.00 16.60 ? 135 GLU A OE2 1 
ATOM   1039 N N   . ALA A 1 136 ? -0.759  11.361  -7.529  1.00 7.44  ? 136 ALA A N   1 
ATOM   1040 C CA  . ALA A 1 136 ? 0.693   11.357  -7.689  1.00 10.62 ? 136 ALA A CA  1 
ATOM   1041 C C   . ALA A 1 136 ? 1.128   11.806  -9.076  1.00 11.69 ? 136 ALA A C   1 
ATOM   1042 O O   . ALA A 1 136 ? 2.309   11.820  -9.373  1.00 14.05 ? 136 ALA A O   1 
ATOM   1043 C CB  . ALA A 1 136 ? 1.246   9.937   -7.424  1.00 11.59 ? 136 ALA A CB  1 
ATOM   1044 N N   . GLY A 1 137 ? 0.164   12.153  -9.924  1.00 14.34 ? 137 GLY A N   1 
ATOM   1045 C CA  . GLY A 1 137 ? 0.481   12.549  -11.295 1.00 14.06 ? 137 GLY A CA  1 
ATOM   1046 C C   . GLY A 1 137 ? 1.161   13.886  -11.516 1.00 14.13 ? 137 GLY A C   1 
ATOM   1047 O O   . GLY A 1 137 ? 1.759   14.081  -12.567 1.00 15.68 ? 137 GLY A O   1 
ATOM   1048 N N   . GLY A 1 138 ? 1.043   14.800  -10.561 1.00 15.14 ? 138 GLY A N   1 
ATOM   1049 C CA  . GLY A 1 138 ? 1.640   16.121  -10.690 1.00 17.28 ? 138 GLY A CA  1 
ATOM   1050 C C   . GLY A 1 138 ? 3.154   16.094  -10.680 1.00 19.11 ? 138 GLY A C   1 
ATOM   1051 O O   . GLY A 1 138 ? 3.761   15.241  -10.027 1.00 19.12 ? 138 GLY A O   1 
ATOM   1052 N N   . LYS A 1 139 ? 3.774   17.046  -11.379 1.00 18.65 ? 139 LYS A N   1 
ATOM   1053 C CA  . LYS A 1 139 ? 5.235   17.152  -11.445 1.00 17.49 ? 139 LYS A CA  1 
ATOM   1054 C C   . LYS A 1 139 ? 5.940   17.127  -10.080 1.00 14.48 ? 139 LYS A C   1 
ATOM   1055 O O   . LYS A 1 139 ? 6.906   16.403  -9.894  1.00 12.61 ? 139 LYS A O   1 
ATOM   1056 C CB  . LYS A 1 139 ? 5.636   18.428  -12.206 1.00 19.81 ? 139 LYS A CB  1 
ATOM   1057 C CG  . LYS A 1 139 ? 6.669   18.209  -13.269 1.00 23.40 ? 139 LYS A CG  1 
ATOM   1058 C CD  . LYS A 1 139 ? 6.254   17.084  -14.180 1.00 27.57 ? 139 LYS A CD  1 
ATOM   1059 C CE  . LYS A 1 139 ? 7.328   16.754  -15.189 1.00 30.95 ? 139 LYS A CE  1 
ATOM   1060 N NZ  . LYS A 1 139 ? 7.393   17.772  -16.247 1.00 32.67 ? 139 LYS A NZ  1 
ATOM   1061 N N   . PRO A 1 140 ? 5.466   17.922  -9.118  1.00 12.92 ? 140 PRO A N   1 
ATOM   1062 C CA  . PRO A 1 140 ? 6.114   17.929  -7.807  1.00 14.58 ? 140 PRO A CA  1 
ATOM   1063 C C   . PRO A 1 140 ? 6.209   16.545  -7.147  1.00 15.51 ? 140 PRO A C   1 
ATOM   1064 O O   . PRO A 1 140 ? 7.239   16.194  -6.566  1.00 14.04 ? 140 PRO A O   1 
ATOM   1065 C CB  . PRO A 1 140 ? 5.227   18.861  -6.987  1.00 14.25 ? 140 PRO A CB  1 
ATOM   1066 C CG  . PRO A 1 140 ? 4.669   19.791  -8.012  1.00 13.79 ? 140 PRO A CG  1 
ATOM   1067 C CD  . PRO A 1 140 ? 4.363   18.899  -9.174  1.00 12.44 ? 140 PRO A CD  1 
ATOM   1068 N N   . PHE A 1 141 ? 5.121   15.781  -7.215  1.00 15.02 ? 141 PHE A N   1 
ATOM   1069 C CA  . PHE A 1 141 ? 5.080   14.456  -6.601  1.00 14.02 ? 141 PHE A CA  1 
ATOM   1070 C C   . PHE A 1 141 ? 6.064   13.520  -7.300  1.00 13.31 ? 141 PHE A C   1 
ATOM   1071 O O   . PHE A 1 141 ? 6.857   12.840  -6.665  1.00 12.84 ? 141 PHE A O   1 
ATOM   1072 C CB  . PHE A 1 141 ? 3.654   13.898  -6.677  1.00 12.88 ? 141 PHE A CB  1 
ATOM   1073 C CG  . PHE A 1 141 ? 3.397   12.762  -5.726  1.00 11.96 ? 141 PHE A CG  1 
ATOM   1074 C CD1 . PHE A 1 141 ? 3.929   11.491  -5.969  1.00 11.21 ? 141 PHE A CD1 1 
ATOM   1075 C CD2 . PHE A 1 141 ? 2.629   12.963  -4.594  1.00 11.28 ? 141 PHE A CD2 1 
ATOM   1076 C CE1 . PHE A 1 141 ? 3.692   10.425  -5.075  1.00 11.73 ? 141 PHE A CE1 1 
ATOM   1077 C CE2 . PHE A 1 141 ? 2.387   11.907  -3.696  1.00 14.80 ? 141 PHE A CE2 1 
ATOM   1078 C CZ  . PHE A 1 141 ? 2.924   10.633  -3.947  1.00 8.48  ? 141 PHE A CZ  1 
ATOM   1079 N N   . GLN A 1 142 ? 6.057   13.559  -8.621  1.00 14.39 ? 142 GLN A N   1 
ATOM   1080 C CA  . GLN A 1 142 ? 6.924   12.726  -9.423  1.00 17.92 ? 142 GLN A CA  1 
ATOM   1081 C C   . GLN A 1 142 ? 8.397   12.940  -9.141  1.00 18.63 ? 142 GLN A C   1 
ATOM   1082 O O   . GLN A 1 142 ? 9.170   11.984  -9.108  1.00 17.25 ? 142 GLN A O   1 
ATOM   1083 C CB  . GLN A 1 142 ? 6.686   13.023  -10.893 1.00 21.49 ? 142 GLN A CB  1 
ATOM   1084 C CG  . GLN A 1 142 ? 5.280   12.807  -11.328 1.00 30.79 ? 142 GLN A CG  1 
ATOM   1085 C CD  . GLN A 1 142 ? 5.145   11.538  -12.090 1.00 36.47 ? 142 GLN A CD  1 
ATOM   1086 O OE1 . GLN A 1 142 ? 4.772   10.498  -11.534 1.00 41.29 ? 142 GLN A OE1 1 
ATOM   1087 N NE2 . GLN A 1 142 ? 5.506   11.587  -13.373 1.00 41.10 ? 142 GLN A NE2 1 
ATOM   1088 N N   . LEU A 1 143 ? 8.766   14.207  -8.969  1.00 18.64 ? 143 LEU A N   1 
ATOM   1089 C CA  . LEU A 1 143 ? 10.156  14.609  -8.748  1.00 19.63 ? 143 LEU A CA  1 
ATOM   1090 C C   . LEU A 1 143 ? 10.550  14.793  -7.290  1.00 17.98 ? 143 LEU A C   1 
ATOM   1091 O O   . LEU A 1 143 ? 11.616  15.325  -6.995  1.00 20.39 ? 143 LEU A O   1 
ATOM   1092 C CB  . LEU A 1 143 ? 10.459  15.901  -9.535  1.00 19.05 ? 143 LEU A CB  1 
ATOM   1093 C CG  . LEU A 1 143 ? 10.139  15.852  -11.032 1.00 20.12 ? 143 LEU A CG  1 
ATOM   1094 C CD1 . LEU A 1 143 ? 10.575  17.147  -11.660 1.00 20.14 ? 143 LEU A CD1 1 
ATOM   1095 C CD2 . LEU A 1 143 ? 10.815  14.661  -11.736 1.00 22.66 ? 143 LEU A CD2 1 
ATOM   1096 N N   . TYR A 1 144 ? 9.690   14.372  -6.368  1.00 17.01 ? 144 TYR A N   1 
ATOM   1097 C CA  . TYR A 1 144 ? 9.996   14.497  -4.947  1.00 13.88 ? 144 TYR A CA  1 
ATOM   1098 C C   . TYR A 1 144 ? 11.317  13.794  -4.636  1.00 14.72 ? 144 TYR A C   1 
ATOM   1099 O O   . TYR A 1 144 ? 11.555  12.675  -5.097  1.00 13.59 ? 144 TYR A O   1 
ATOM   1100 C CB  . TYR A 1 144 ? 8.884   13.860  -4.116  1.00 11.90 ? 144 TYR A CB  1 
ATOM   1101 C CG  . TYR A 1 144 ? 9.243   13.571  -2.673  1.00 10.10 ? 144 TYR A CG  1 
ATOM   1102 C CD1 . TYR A 1 144 ? 9.134   14.553  -1.716  1.00 9.63  ? 144 TYR A CD1 1 
ATOM   1103 C CD2 . TYR A 1 144 ? 9.617   12.283  -2.259  1.00 11.39 ? 144 TYR A CD2 1 
ATOM   1104 C CE1 . TYR A 1 144 ? 9.359   14.284  -0.390  1.00 10.34 ? 144 TYR A CE1 1 
ATOM   1105 C CE2 . TYR A 1 144 ? 9.858   12.011  -0.932  1.00 6.87  ? 144 TYR A CE2 1 
ATOM   1106 C CZ  . TYR A 1 144 ? 9.718   13.015  -0.006  1.00 8.93  ? 144 TYR A CZ  1 
ATOM   1107 O OH  . TYR A 1 144 ? 9.858   12.792  1.330   1.00 9.04  ? 144 TYR A OH  1 
ATOM   1108 N N   . LYS A 1 145 ? 12.151  14.447  -3.833  1.00 14.99 ? 145 LYS A N   1 
ATOM   1109 C CA  . LYS A 1 145 ? 13.440  13.874  -3.447  1.00 18.15 ? 145 LYS A CA  1 
ATOM   1110 C C   . LYS A 1 145 ? 13.533  13.665  -1.939  1.00 16.64 ? 145 LYS A C   1 
ATOM   1111 O O   . LYS A 1 145 ? 14.019  12.641  -1.489  1.00 20.81 ? 145 LYS A O   1 
ATOM   1112 C CB  . LYS A 1 145 ? 14.623  14.744  -3.927  1.00 18.92 ? 145 LYS A CB  1 
ATOM   1113 C CG  . LYS A 1 145 ? 14.809  14.845  -5.440  1.00 20.44 ? 145 LYS A CG  1 
ATOM   1114 C CD  . LYS A 1 145 ? 14.448  16.249  -5.903  0.00 21.92 ? 145 LYS A CD  1 
ATOM   1115 C CE  . LYS A 1 145 ? 15.648  16.963  -6.507  0.00 23.05 ? 145 LYS A CE  1 
ATOM   1116 N NZ  . LYS A 1 145 ? 15.486  18.445  -6.493  0.00 23.96 ? 145 LYS A NZ  1 
ATOM   1117 N N   . SER A 1 146 ? 13.084  14.628  -1.152  1.00 15.94 ? 146 SER A N   1 
ATOM   1118 C CA  . SER A 1 146 ? 13.156  14.488  0.287   1.00 16.55 ? 146 SER A CA  1 
ATOM   1119 C C   . SER A 1 146 ? 12.353  15.558  1.002   1.00 16.95 ? 146 SER A C   1 
ATOM   1120 O O   . SER A 1 146 ? 11.889  16.520  0.383   1.00 16.12 ? 146 SER A O   1 
ATOM   1121 C CB  . SER A 1 146 ? 14.615  14.554  0.757   1.00 22.35 ? 146 SER A CB  1 
ATOM   1122 O OG  . SER A 1 146 ? 15.191  15.841  0.542   1.00 22.84 ? 146 SER A OG  1 
ATOM   1123 N N   . GLY A 1 147 ? 12.233  15.386  2.312   1.00 16.18 ? 147 GLY A N   1 
ATOM   1124 C CA  . GLY A 1 147 ? 11.501  16.303  3.155   1.00 15.90 ? 147 GLY A CA  1 
ATOM   1125 C C   . GLY A 1 147 ? 10.038  15.942  3.270   1.00 15.99 ? 147 GLY A C   1 
ATOM   1126 O O   . GLY A 1 147 ? 9.573   14.972  2.672   1.00 15.77 ? 147 GLY A O   1 
ATOM   1127 N N   . VAL A 1 148 ? 9.313   16.725  4.055   1.00 15.72 ? 148 VAL A N   1 
ATOM   1128 C CA  . VAL A 1 148 ? 7.880   16.537  4.231   1.00 15.69 ? 148 VAL A CA  1 
ATOM   1129 C C   . VAL A 1 148 ? 7.180   17.214  3.035   1.00 16.62 ? 148 VAL A C   1 
ATOM   1130 O O   . VAL A 1 148 ? 7.157   18.437  2.929   1.00 16.31 ? 148 VAL A O   1 
ATOM   1131 C CB  . VAL A 1 148 ? 7.406   17.195  5.535   1.00 14.92 ? 148 VAL A CB  1 
ATOM   1132 C CG1 . VAL A 1 148 ? 5.908   17.042  5.686   1.00 12.22 ? 148 VAL A CG1 1 
ATOM   1133 C CG2 . VAL A 1 148 ? 8.148   16.610  6.737   1.00 13.65 ? 148 VAL A CG2 1 
ATOM   1134 N N   . PHE A 1 149 ? 6.660   16.415  2.116   1.00 14.52 ? 149 PHE A N   1 
ATOM   1135 C CA  . PHE A 1 149 ? 5.987   16.938  0.930   1.00 14.49 ? 149 PHE A CA  1 
ATOM   1136 C C   . PHE A 1 149 ? 4.607   17.501  1.276   1.00 15.86 ? 149 PHE A C   1 
ATOM   1137 O O   . PHE A 1 149 ? 3.827   16.866  1.974   1.00 14.88 ? 149 PHE A O   1 
ATOM   1138 C CB  . PHE A 1 149 ? 5.824   15.799  -0.066  1.00 12.38 ? 149 PHE A CB  1 
ATOM   1139 C CG  . PHE A 1 149 ? 5.246   16.215  -1.372  1.00 10.98 ? 149 PHE A CG  1 
ATOM   1140 C CD1 . PHE A 1 149 ? 6.048   16.834  -2.328  1.00 12.07 ? 149 PHE A CD1 1 
ATOM   1141 C CD2 . PHE A 1 149 ? 3.918   15.958  -1.675  1.00 9.71  ? 149 PHE A CD2 1 
ATOM   1142 C CE1 . PHE A 1 149 ? 5.530   17.179  -3.575  1.00 11.07 ? 149 PHE A CE1 1 
ATOM   1143 C CE2 . PHE A 1 149 ? 3.387   16.299  -2.918  1.00 9.65  ? 149 PHE A CE2 1 
ATOM   1144 C CZ  . PHE A 1 149 ? 4.194   16.910  -3.878  1.00 11.20 ? 149 PHE A CZ  1 
ATOM   1145 N N   . ASP A 1 150 ? 4.307   18.705  0.811   1.00 16.93 ? 150 ASP A N   1 
ATOM   1146 C CA  . ASP A 1 150 ? 2.986   19.250  1.061   1.00 19.18 ? 150 ASP A CA  1 
ATOM   1147 C C   . ASP A 1 150 ? 2.401   19.843  -0.185  1.00 19.28 ? 150 ASP A C   1 
ATOM   1148 O O   . ASP A 1 150 ? 1.550   20.728  -0.136  1.00 21.12 ? 150 ASP A O   1 
ATOM   1149 C CB  . ASP A 1 150 ? 2.903   20.175  2.295   1.00 25.38 ? 150 ASP A CB  1 
ATOM   1150 C CG  . ASP A 1 150 ? 3.628   21.474  2.143   1.00 29.98 ? 150 ASP A CG  1 
ATOM   1151 O OD1 . ASP A 1 150 ? 4.516   21.610  1.291   1.00 33.85 ? 150 ASP A OD1 1 
ATOM   1152 O OD2 . ASP A 1 150 ? 3.271   22.390  2.906   1.00 34.38 ? 150 ASP A OD2 1 
ATOM   1153 N N   . GLY A 1 151 ? 2.863   19.322  -1.308  1.00 17.16 ? 151 GLY A N   1 
ATOM   1154 C CA  . GLY A 1 151 ? 2.380   19.744  -2.587  1.00 16.80 ? 151 GLY A CA  1 
ATOM   1155 C C   . GLY A 1 151 ? 3.317   20.634  -3.381  1.00 16.67 ? 151 GLY A C   1 
ATOM   1156 O O   . GLY A 1 151 ? 4.499   20.727  -3.091  1.00 16.52 ? 151 GLY A O   1 
ATOM   1157 N N   . PRO A 1 152 ? 2.780   21.339  -4.387  1.00 19.16 ? 152 PRO A N   1 
ATOM   1158 C CA  . PRO A 1 152 ? 1.350   21.276  -4.703  1.00 19.12 ? 152 PRO A CA  1 
ATOM   1159 C C   . PRO A 1 152 ? 0.835   20.002  -5.402  1.00 17.02 ? 152 PRO A C   1 
ATOM   1160 O O   . PRO A 1 152 ? 1.537   19.363  -6.208  1.00 16.35 ? 152 PRO A O   1 
ATOM   1161 C CB  . PRO A 1 152 ? 1.141   22.529  -5.564  1.00 21.11 ? 152 PRO A CB  1 
ATOM   1162 C CG  . PRO A 1 152 ? 2.440   22.661  -6.290  1.00 21.14 ? 152 PRO A CG  1 
ATOM   1163 C CD  . PRO A 1 152 ? 3.467   22.349  -5.216  1.00 20.73 ? 152 PRO A CD  1 
ATOM   1164 N N   . CYS A 1 153 ? -0.387  19.626  -5.042  1.00 16.31 ? 153 CYS A N   1 
ATOM   1165 C CA  . CYS A 1 153 ? -1.066  18.468  -5.626  1.00 15.68 ? 153 CYS A CA  1 
ATOM   1166 C C   . CYS A 1 153 ? -2.538  18.662  -5.292  1.00 16.10 ? 153 CYS A C   1 
ATOM   1167 O O   . CYS A 1 153 ? -2.879  19.376  -4.330  1.00 16.67 ? 153 CYS A O   1 
ATOM   1168 C CB  . CYS A 1 153 ? -0.553  17.150  -5.021  1.00 12.30 ? 153 CYS A CB  1 
ATOM   1169 S SG  . CYS A 1 153 ? -0.740  17.137  -3.223  1.00 14.27 ? 153 CYS A SG  1 
ATOM   1170 N N   . GLY A 1 154 ? -3.402  18.125  -6.143  1.00 15.05 ? 154 GLY A N   1 
ATOM   1171 C CA  . GLY A 1 154 ? -4.826  18.220  -5.905  1.00 16.80 ? 154 GLY A CA  1 
ATOM   1172 C C   . GLY A 1 154 ? -5.292  16.922  -5.280  1.00 17.71 ? 154 GLY A C   1 
ATOM   1173 O O   . GLY A 1 154 ? -4.494  16.190  -4.669  1.00 17.80 ? 154 GLY A O   1 
ATOM   1174 N N   . THR A 1 155 ? -6.560  16.587  -5.484  1.00 16.80 ? 155 THR A N   1 
ATOM   1175 C CA  . THR A 1 155 ? -7.103  15.366  -4.917  1.00 16.13 ? 155 THR A CA  1 
ATOM   1176 C C   . THR A 1 155 ? -7.620  14.429  -5.981  1.00 16.70 ? 155 THR A C   1 
ATOM   1177 O O   . THR A 1 155 ? -8.441  13.565  -5.710  1.00 17.95 ? 155 THR A O   1 
ATOM   1178 C CB  . THR A 1 155 ? -8.194  15.674  -3.893  1.00 16.65 ? 155 THR A CB  1 
ATOM   1179 O OG1 . THR A 1 155 ? -9.203  16.475  -4.514  1.00 19.89 ? 155 THR A OG1 1 
ATOM   1180 C CG2 . THR A 1 155 ? -7.619  16.440  -2.734  1.00 17.36 ? 155 THR A CG2 1 
ATOM   1181 N N   . LYS A 1 156 ? -7.126  14.591  -7.202  1.00 15.92 ? 156 LYS A N   1 
ATOM   1182 C CA  . LYS A 1 156 ? -7.543  13.740  -8.304  1.00 17.40 ? 156 LYS A CA  1 
ATOM   1183 C C   . LYS A 1 156 ? -6.789  12.397  -8.238  1.00 15.45 ? 156 LYS A C   1 
ATOM   1184 O O   . LYS A 1 156 ? -5.833  12.162  -8.980  1.00 14.74 ? 156 LYS A O   1 
ATOM   1185 C CB  . LYS A 1 156 ? -7.299  14.440  -9.650  1.00 20.15 ? 156 LYS A CB  1 
ATOM   1186 C CG  . LYS A 1 156 ? -7.951  13.699  -10.793 1.00 27.51 ? 156 LYS A CG  1 
ATOM   1187 C CD  . LYS A 1 156 ? -7.783  14.377  -12.140 1.00 32.10 ? 156 LYS A CD  1 
ATOM   1188 C CE  . LYS A 1 156 ? -8.548  13.576  -13.201 1.00 35.85 ? 156 LYS A CE  1 
ATOM   1189 N NZ  . LYS A 1 156 ? -8.379  14.072  -14.595 1.00 37.36 ? 156 LYS A NZ  1 
ATOM   1190 N N   . LEU A 1 157 ? -7.244  11.530  -7.334  1.00 15.55 ? 157 LEU A N   1 
ATOM   1191 C CA  . LEU A 1 157 ? -6.632  10.223  -7.091  1.00 12.30 ? 157 LEU A CA  1 
ATOM   1192 C C   . LEU A 1 157 ? -6.323  9.434   -8.355  1.00 12.18 ? 157 LEU A C   1 
ATOM   1193 O O   . LEU A 1 157 ? -7.200  9.150   -9.175  1.00 14.42 ? 157 LEU A O   1 
ATOM   1194 C CB  . LEU A 1 157 ? -7.504  9.396   -6.144  1.00 11.97 ? 157 LEU A CB  1 
ATOM   1195 C CG  . LEU A 1 157 ? -8.022  10.100  -4.884  1.00 12.79 ? 157 LEU A CG  1 
ATOM   1196 C CD1 . LEU A 1 157 ? -8.950  9.184   -4.088  1.00 16.17 ? 157 LEU A CD1 1 
ATOM   1197 C CD2 . LEU A 1 157 ? -6.875  10.596  -4.024  1.00 11.83 ? 157 LEU A CD2 1 
ATOM   1198 N N   . ASP A 1 158 ? -5.075  8.997   -8.470  1.00 9.71  ? 158 ASP A N   1 
ATOM   1199 C CA  . ASP A 1 158 ? -4.651  8.260   -9.641  1.00 9.94  ? 158 ASP A CA  1 
ATOM   1200 C C   . ASP A 1 158 ? -3.540  7.268   -9.326  1.00 8.81  ? 158 ASP A C   1 
ATOM   1201 O O   . ASP A 1 158 ? -2.920  6.719   -10.240 1.00 11.48 ? 158 ASP A O   1 
ATOM   1202 C CB  . ASP A 1 158 ? -4.136  9.246   -10.702 1.00 13.21 ? 158 ASP A CB  1 
ATOM   1203 C CG  . ASP A 1 158 ? -2.952  10.113  -10.201 1.00 18.29 ? 158 ASP A CG  1 
ATOM   1204 O OD1 . ASP A 1 158 ? -2.341  9.803   -9.155  1.00 18.87 ? 158 ASP A OD1 1 
ATOM   1205 O OD2 . ASP A 1 158 ? -2.606  11.111  -10.866 1.00 19.99 ? 158 ASP A OD2 1 
ATOM   1206 N N   . HIS A 1 159 ? -3.255  7.075   -8.046  1.00 8.42  ? 159 HIS A N   1 
ATOM   1207 C CA  . HIS A 1 159 ? -2.163  6.196   -7.677  1.00 8.52  ? 159 HIS A CA  1 
ATOM   1208 C C   . HIS A 1 159 ? -2.431  5.561   -6.322  1.00 8.09  ? 159 HIS A C   1 
ATOM   1209 O O   . HIS A 1 159 ? -2.927  6.209   -5.429  1.00 9.93  ? 159 HIS A O   1 
ATOM   1210 C CB  . HIS A 1 159 ? -0.866  7.034   -7.634  1.00 8.88  ? 159 HIS A CB  1 
ATOM   1211 C CG  . HIS A 1 159 ? 0.388   6.233   -7.415  1.00 12.45 ? 159 HIS A CG  1 
ATOM   1212 N ND1 . HIS A 1 159 ? 0.706   5.112   -8.155  1.00 16.11 ? 159 HIS A ND1 1 
ATOM   1213 C CD2 . HIS A 1 159 ? 1.430   6.434   -6.573  1.00 12.00 ? 159 HIS A CD2 1 
ATOM   1214 C CE1 . HIS A 1 159 ? 1.891   4.660   -7.779  1.00 15.14 ? 159 HIS A CE1 1 
ATOM   1215 N NE2 . HIS A 1 159 ? 2.350   5.445   -6.820  1.00 12.41 ? 159 HIS A NE2 1 
ATOM   1216 N N   . ALA A 1 160 ? -2.094  4.282   -6.179  1.00 9.96  ? 160 ALA A N   1 
ATOM   1217 C CA  . ALA A 1 160 ? -2.283  3.583   -4.910  1.00 9.11  ? 160 ALA A CA  1 
ATOM   1218 C C   . ALA A 1 160 ? -0.918  3.325   -4.284  1.00 7.09  ? 160 ALA A C   1 
ATOM   1219 O O   . ALA A 1 160 ? -0.008  2.879   -4.973  1.00 9.68  ? 160 ALA A O   1 
ATOM   1220 C CB  . ALA A 1 160 ? -3.012  2.250   -5.153  1.00 10.47 ? 160 ALA A CB  1 
ATOM   1221 N N   . VAL A 1 161 ? -0.774  3.645   -3.004  1.00 6.62  ? 161 VAL A N   1 
ATOM   1222 C CA  . VAL A 1 161 ? 0.469   3.447   -2.278  1.00 7.43  ? 161 VAL A CA  1 
ATOM   1223 C C   . VAL A 1 161 ? 0.131   2.838   -0.911  1.00 8.55  ? 161 VAL A C   1 
ATOM   1224 O O   . VAL A 1 161 ? -1.044  2.557   -0.630  1.00 10.27 ? 161 VAL A O   1 
ATOM   1225 C CB  . VAL A 1 161 ? 1.237   4.781   -2.070  1.00 5.92  ? 161 VAL A CB  1 
ATOM   1226 C CG1 . VAL A 1 161 ? 1.715   5.308   -3.412  1.00 9.83  ? 161 VAL A CG1 1 
ATOM   1227 C CG2 . VAL A 1 161 ? 0.375   5.790   -1.303  1.00 6.26  ? 161 VAL A CG2 1 
ATOM   1228 N N   . THR A 1 162 ? 1.133   2.686   -0.048  1.00 8.70  ? 162 THR A N   1 
ATOM   1229 C CA  . THR A 1 162 ? 0.905   2.082   1.270   1.00 6.05  ? 162 THR A CA  1 
ATOM   1230 C C   . THR A 1 162 ? 1.383   2.998   2.385   1.00 8.39  ? 162 THR A C   1 
ATOM   1231 O O   . THR A 1 162 ? 2.529   3.464   2.356   1.00 11.09 ? 162 THR A O   1 
ATOM   1232 C CB  . THR A 1 162 ? 1.671   0.717   1.385   1.00 6.37  ? 162 THR A CB  1 
ATOM   1233 O OG1 . THR A 1 162 ? 1.470   -0.067  0.197   1.00 8.74  ? 162 THR A OG1 1 
ATOM   1234 C CG2 . THR A 1 162 ? 1.200   -0.063  2.628   1.00 7.15  ? 162 THR A CG2 1 
ATOM   1235 N N   . ALA A 1 163 ? 0.522   3.290   3.353   1.00 6.07  ? 163 ALA A N   1 
ATOM   1236 C CA  . ALA A 1 163 ? 0.922   4.119   4.470   1.00 8.70  ? 163 ALA A CA  1 
ATOM   1237 C C   . ALA A 1 163 ? 1.542   3.147   5.493   1.00 11.54 ? 163 ALA A C   1 
ATOM   1238 O O   . ALA A 1 163 ? 0.892   2.177   5.898   1.00 12.73 ? 163 ALA A O   1 
ATOM   1239 C CB  . ALA A 1 163 ? -0.273  4.828   5.057   1.00 7.87  ? 163 ALA A CB  1 
ATOM   1240 N N   . VAL A 1 164 ? 2.776   3.416   5.924   1.00 11.12 ? 164 VAL A N   1 
ATOM   1241 C CA  . VAL A 1 164 ? 3.453   2.516   6.853   1.00 12.81 ? 164 VAL A CA  1 
ATOM   1242 C C   . VAL A 1 164 ? 3.880   3.125   8.171   1.00 13.19 ? 164 VAL A C   1 
ATOM   1243 O O   . VAL A 1 164 ? 4.609   2.496   8.930   1.00 13.71 ? 164 VAL A O   1 
ATOM   1244 C CB  . VAL A 1 164 ? 4.663   1.815   6.179   1.00 10.79 ? 164 VAL A CB  1 
ATOM   1245 C CG1 . VAL A 1 164 ? 4.207   1.072   4.929   1.00 9.98  ? 164 VAL A CG1 1 
ATOM   1246 C CG2 . VAL A 1 164 ? 5.777   2.830   5.839   1.00 12.09 ? 164 VAL A CG2 1 
ATOM   1247 N N   . GLY A 1 165 ? 3.423   4.338   8.458   1.00 13.02 ? 165 GLY A N   1 
ATOM   1248 C CA  . GLY A 1 165 ? 3.769   4.976   9.710   1.00 12.76 ? 165 GLY A CA  1 
ATOM   1249 C C   . GLY A 1 165 ? 3.501   6.472   9.653   1.00 12.49 ? 165 GLY A C   1 
ATOM   1250 O O   . GLY A 1 165 ? 3.066   6.970   8.611   1.00 12.83 ? 165 GLY A O   1 
ATOM   1251 N N   . TYR A 1 166 ? 3.759   7.177   10.756  1.00 11.67 ? 166 TYR A N   1 
ATOM   1252 C CA  . TYR A 1 166 ? 3.556   8.622   10.851  1.00 13.15 ? 166 TYR A CA  1 
ATOM   1253 C C   . TYR A 1 166 ? 4.438   9.171   11.962  1.00 15.01 ? 166 TYR A C   1 
ATOM   1254 O O   . TYR A 1 166 ? 5.022   8.412   12.746  1.00 14.96 ? 166 TYR A O   1 
ATOM   1255 C CB  . TYR A 1 166 ? 2.084   8.944   11.127  1.00 12.09 ? 166 TYR A CB  1 
ATOM   1256 C CG  . TYR A 1 166 ? 1.514   8.344   12.401  1.00 12.58 ? 166 TYR A CG  1 
ATOM   1257 C CD1 . TYR A 1 166 ? 1.594   9.019   13.607  1.00 12.05 ? 166 TYR A CD1 1 
ATOM   1258 C CD2 . TYR A 1 166 ? 0.898   7.083   12.392  1.00 13.52 ? 166 TYR A CD2 1 
ATOM   1259 C CE1 . TYR A 1 166 ? 1.072   8.451   14.780  1.00 13.19 ? 166 TYR A CE1 1 
ATOM   1260 C CE2 . TYR A 1 166 ? 0.380   6.517   13.548  1.00 10.61 ? 166 TYR A CE2 1 
ATOM   1261 C CZ  . TYR A 1 166 ? 0.467   7.194   14.726  1.00 12.45 ? 166 TYR A CZ  1 
ATOM   1262 O OH  . TYR A 1 166 ? -0.075  6.640   15.859  1.00 15.67 ? 166 TYR A OH  1 
ATOM   1263 N N   . GLY A 1 167 ? 4.557   10.486  12.022  1.00 15.08 ? 167 GLY A N   1 
ATOM   1264 C CA  . GLY A 1 167 ? 5.359   11.101  13.055  1.00 14.97 ? 167 GLY A CA  1 
ATOM   1265 C C   . GLY A 1 167 ? 5.486   12.576  12.765  1.00 16.97 ? 167 GLY A C   1 
ATOM   1266 O O   . GLY A 1 167 ? 4.821   13.107  11.882  1.00 13.30 ? 167 GLY A O   1 
ATOM   1267 N N   . THR A 1 168 ? 6.365   13.250  13.479  1.00 18.33 ? 168 THR A N   1 
ATOM   1268 C CA  . THR A 1 168 ? 6.529   14.664  13.236  1.00 21.22 ? 168 THR A CA  1 
ATOM   1269 C C   . THR A 1 168 ? 7.997   15.002  13.168  1.00 21.33 ? 168 THR A C   1 
ATOM   1270 O O   . THR A 1 168 ? 8.831   14.338  13.787  1.00 21.88 ? 168 THR A O   1 
ATOM   1271 C CB  . THR A 1 168 ? 5.718   15.528  14.249  1.00 22.31 ? 168 THR A CB  1 
ATOM   1272 O OG1 . THR A 1 168 ? 6.500   16.631  14.722  1.00 24.73 ? 168 THR A OG1 1 
ATOM   1273 C CG2 . THR A 1 168 ? 5.225   14.704  15.386  1.00 23.79 ? 168 THR A CG2 1 
ATOM   1274 N N   . SER A 1 169 ? 8.312   15.994  12.347  1.00 21.00 ? 169 SER A N   1 
ATOM   1275 C CA  . SER A 1 169 ? 9.678   16.422  12.140  1.00 21.73 ? 169 SER A CA  1 
ATOM   1276 C C   . SER A 1 169 ? 9.753   17.903  11.802  1.00 21.98 ? 169 SER A C   1 
ATOM   1277 O O   . SER A 1 169 ? 9.045   18.368  10.916  1.00 19.60 ? 169 SER A O   1 
ATOM   1278 C CB  . SER A 1 169 ? 10.281  15.604  10.993  1.00 24.69 ? 169 SER A CB  1 
ATOM   1279 O OG  . SER A 1 169 ? 11.520  16.129  10.559  1.00 29.74 ? 169 SER A OG  1 
ATOM   1280 N N   . ASP A 1 170 ? 10.608  18.634  12.524  1.00 22.06 ? 170 ASP A N   1 
ATOM   1281 C CA  . ASP A 1 170 ? 10.831  20.061  12.279  1.00 21.22 ? 170 ASP A CA  1 
ATOM   1282 C C   . ASP A 1 170 ? 9.506   20.838  12.362  1.00 19.07 ? 170 ASP A C   1 
ATOM   1283 O O   . ASP A 1 170 ? 9.212   21.686  11.517  1.00 17.77 ? 170 ASP A O   1 
ATOM   1284 C CB  . ASP A 1 170 ? 11.491  20.209  10.888  1.00 22.59 ? 170 ASP A CB  1 
ATOM   1285 C CG  . ASP A 1 170 ? 12.156  21.575  10.668  1.00 25.44 ? 170 ASP A CG  1 
ATOM   1286 O OD1 . ASP A 1 170 ? 12.669  22.177  11.642  1.00 25.76 ? 170 ASP A OD1 1 
ATOM   1287 O OD2 . ASP A 1 170 ? 12.186  22.019  9.498   1.00 23.17 ? 170 ASP A OD2 1 
ATOM   1288 N N   . GLY A 1 171 ? 8.707   20.512  13.375  1.00 16.65 ? 171 GLY A N   1 
ATOM   1289 C CA  . GLY A 1 171 ? 7.412   21.148  13.559  1.00 15.85 ? 171 GLY A CA  1 
ATOM   1290 C C   . GLY A 1 171 ? 6.343   20.741  12.546  1.00 16.48 ? 171 GLY A C   1 
ATOM   1291 O O   . GLY A 1 171 ? 5.283   21.373  12.472  1.00 17.27 ? 171 GLY A O   1 
ATOM   1292 N N   . LYS A 1 172 ? 6.584   19.665  11.799  1.00 14.01 ? 172 LYS A N   1 
ATOM   1293 C CA  . LYS A 1 172 ? 5.636   19.216  10.789  1.00 14.17 ? 172 LYS A CA  1 
ATOM   1294 C C   . LYS A 1 172 ? 5.193   17.758  10.961  1.00 14.05 ? 172 LYS A C   1 
ATOM   1295 O O   . LYS A 1 172 ? 6.029   16.867  11.015  1.00 15.20 ? 172 LYS A O   1 
ATOM   1296 C CB  . LYS A 1 172 ? 6.252   19.384  9.396   1.00 14.31 ? 172 LYS A CB  1 
ATOM   1297 C CG  . LYS A 1 172 ? 6.515   20.845  9.014   1.00 18.13 ? 172 LYS A CG  1 
ATOM   1298 C CD  . LYS A 1 172 ? 7.238   20.989  7.685   1.00 17.69 ? 172 LYS A CD  1 
ATOM   1299 C CE  . LYS A 1 172 ? 8.737   20.746  7.828   1.00 17.37 ? 172 LYS A CE  1 
ATOM   1300 N NZ  . LYS A 1 172 ? 9.373   21.715  8.751   1.00 20.73 ? 172 LYS A NZ  1 
ATOM   1301 N N   . ASN A 1 173 ? 3.884   17.533  11.038  1.00 13.99 ? 173 ASN A N   1 
ATOM   1302 C CA  . ASN A 1 173 ? 3.315   16.177  11.154  1.00 13.15 ? 173 ASN A CA  1 
ATOM   1303 C C   . ASN A 1 173 ? 3.307   15.545  9.772   1.00 13.64 ? 173 ASN A C   1 
ATOM   1304 O O   . ASN A 1 173 ? 2.982   16.211  8.781   1.00 13.90 ? 173 ASN A O   1 
ATOM   1305 C CB  . ASN A 1 173 ? 1.895   16.234  11.674  1.00 14.41 ? 173 ASN A CB  1 
ATOM   1306 C CG  . ASN A 1 173 ? 1.837   16.620  13.112  1.00 15.78 ? 173 ASN A CG  1 
ATOM   1307 O OD1 . ASN A 1 173 ? 2.825   16.504  13.824  1.00 16.86 ? 173 ASN A OD1 1 
ATOM   1308 N ND2 . ASN A 1 173 ? 0.689   17.104  13.554  1.00 16.64 ? 173 ASN A ND2 1 
ATOM   1309 N N   . TYR A 1 174 ? 3.640   14.262  9.690   1.00 11.62 ? 174 TYR A N   1 
ATOM   1310 C CA  . TYR A 1 174 ? 3.689   13.597  8.403   1.00 11.43 ? 174 TYR A CA  1 
ATOM   1311 C C   . TYR A 1 174 ? 3.207   12.142  8.480   1.00 11.02 ? 174 TYR A C   1 
ATOM   1312 O O   . TYR A 1 174 ? 2.982   11.603  9.573   1.00 10.65 ? 174 TYR A O   1 
ATOM   1313 C CB  . TYR A 1 174 ? 5.113   13.653  7.824   1.00 13.22 ? 174 TYR A CB  1 
ATOM   1314 C CG  . TYR A 1 174 ? 6.159   12.952  8.666   1.00 16.48 ? 174 TYR A CG  1 
ATOM   1315 C CD1 . TYR A 1 174 ? 6.322   11.565  8.595   1.00 16.28 ? 174 TYR A CD1 1 
ATOM   1316 C CD2 . TYR A 1 174 ? 6.945   13.667  9.568   1.00 16.14 ? 174 TYR A CD2 1 
ATOM   1317 C CE1 . TYR A 1 174 ? 7.233   10.909  9.405   1.00 18.71 ? 174 TYR A CE1 1 
ATOM   1318 C CE2 . TYR A 1 174 ? 7.861   13.023  10.388  1.00 18.03 ? 174 TYR A CE2 1 
ATOM   1319 C CZ  . TYR A 1 174 ? 7.997   11.641  10.305  1.00 20.81 ? 174 TYR A CZ  1 
ATOM   1320 O OH  . TYR A 1 174 ? 8.854   10.988  11.156  1.00 22.81 ? 174 TYR A OH  1 
ATOM   1321 N N   . ILE A 1 175 ? 3.098   11.525  7.312   1.00 9.87  ? 175 ILE A N   1 
ATOM   1322 C CA  . ILE A 1 175 ? 2.668   10.141  7.150   1.00 11.88 ? 175 ILE A CA  1 
ATOM   1323 C C   . ILE A 1 175 ? 3.749   9.530   6.274   1.00 13.03 ? 175 ILE A C   1 
ATOM   1324 O O   . ILE A 1 175 ? 4.190   10.173  5.319   1.00 14.25 ? 175 ILE A O   1 
ATOM   1325 C CB  . ILE A 1 175 ? 1.317   10.083  6.356   1.00 11.54 ? 175 ILE A CB  1 
ATOM   1326 C CG1 . ILE A 1 175 ? 0.193   10.729  7.147   1.00 11.07 ? 175 ILE A CG1 1 
ATOM   1327 C CG2 . ILE A 1 175 ? 0.941   8.657   5.978   1.00 9.62  ? 175 ILE A CG2 1 
ATOM   1328 C CD1 . ILE A 1 175 ? -0.932  11.168  6.247   1.00 13.48 ? 175 ILE A CD1 1 
ATOM   1329 N N   . ILE A 1 176 ? 4.227   8.333   6.612   1.00 10.78 ? 176 ILE A N   1 
ATOM   1330 C CA  . ILE A 1 176 ? 5.244   7.676   5.793   1.00 10.71 ? 176 ILE A CA  1 
ATOM   1331 C C   . ILE A 1 176 ? 4.542   6.827   4.760   1.00 9.89  ? 176 ILE A C   1 
ATOM   1332 O O   . ILE A 1 176 ? 3.724   5.976   5.083   1.00 10.40 ? 176 ILE A O   1 
ATOM   1333 C CB  . ILE A 1 176 ? 6.221   6.784   6.604   1.00 9.32  ? 176 ILE A CB  1 
ATOM   1334 C CG1 . ILE A 1 176 ? 6.900   7.581   7.716   1.00 12.85 ? 176 ILE A CG1 1 
ATOM   1335 C CG2 . ILE A 1 176 ? 7.287   6.255   5.690   1.00 8.79  ? 176 ILE A CG2 1 
ATOM   1336 C CD1 . ILE A 1 176 ? 7.407   6.710   8.881   1.00 14.78 ? 176 ILE A CD1 1 
ATOM   1337 N N   . ILE A 1 177 ? 4.891   7.047   3.509   1.00 8.98  ? 177 ILE A N   1 
ATOM   1338 C CA  . ILE A 1 177 ? 4.284   6.351   2.395   1.00 9.76  ? 177 ILE A CA  1 
ATOM   1339 C C   . ILE A 1 177 ? 5.324   5.498   1.695   1.00 8.81  ? 177 ILE A C   1 
ATOM   1340 O O   . ILE A 1 177 ? 6.424   5.956   1.419   1.00 10.38 ? 177 ILE A O   1 
ATOM   1341 C CB  . ILE A 1 177 ? 3.718   7.427   1.394   1.00 12.26 ? 177 ILE A CB  1 
ATOM   1342 C CG1 . ILE A 1 177 ? 2.555   8.182   2.041   1.00 16.66 ? 177 ILE A CG1 1 
ATOM   1343 C CG2 . ILE A 1 177 ? 3.354   6.841   0.069   1.00 15.28 ? 177 ILE A CG2 1 
ATOM   1344 C CD1 . ILE A 1 177 ? 1.387   7.332   2.446   1.00 16.10 ? 177 ILE A CD1 1 
ATOM   1345 N N   . LYS A 1 178 ? 4.972   4.261   1.399   1.00 7.81  ? 178 LYS A N   1 
ATOM   1346 C CA  . LYS A 1 178 ? 5.858   3.371   0.679   1.00 9.42  ? 178 LYS A CA  1 
ATOM   1347 C C   . LYS A 1 178 ? 5.344   3.409   -0.731  1.00 7.43  ? 178 LYS A C   1 
ATOM   1348 O O   . LYS A 1 178 ? 4.203   3.005   -0.998  1.00 10.25 ? 178 LYS A O   1 
ATOM   1349 C CB  . LYS A 1 178 ? 5.746   1.922   1.209   1.00 7.58  ? 178 LYS A CB  1 
ATOM   1350 C CG  . LYS A 1 178 ? 6.699   0.938   0.507   1.00 10.26 ? 178 LYS A CG  1 
ATOM   1351 C CD  . LYS A 1 178 ? 6.441   -0.516  0.902   1.00 10.41 ? 178 LYS A CD  1 
ATOM   1352 C CE  . LYS A 1 178 ? 7.557   -1.421  0.407   1.00 11.27 ? 178 LYS A CE  1 
ATOM   1353 N NZ  . LYS A 1 178 ? 7.240   -2.853  0.674   1.00 8.91  ? 178 LYS A NZ  1 
ATOM   1354 N N   . ASN A 1 179 ? 6.177   3.849   -1.648  1.00 6.54  ? 179 ASN A N   1 
ATOM   1355 C CA  . ASN A 1 179 ? 5.775   3.912   -3.031  1.00 8.26  ? 179 ASN A CA  1 
ATOM   1356 C C   . ASN A 1 179 ? 6.330   2.664   -3.727  1.00 8.55  ? 179 ASN A C   1 
ATOM   1357 O O   . ASN A 1 179 ? 7.109   1.917   -3.133  1.00 11.43 ? 179 ASN A O   1 
ATOM   1358 C CB  . ASN A 1 179 ? 6.330   5.203   -3.650  1.00 9.49  ? 179 ASN A CB  1 
ATOM   1359 C CG  . ASN A 1 179 ? 5.567   5.645   -4.866  1.00 8.76  ? 179 ASN A CG  1 
ATOM   1360 O OD1 . ASN A 1 179 ? 4.694   4.943   -5.362  1.00 10.12 ? 179 ASN A OD1 1 
ATOM   1361 N ND2 . ASN A 1 179 ? 5.930   6.802   -5.390  1.00 11.95 ? 179 ASN A ND2 1 
ATOM   1362 N N   . SER A 1 180 ? 5.939   2.442   -4.970  1.00 8.81  ? 180 SER A N   1 
ATOM   1363 C CA  . SER A 1 180 ? 6.384   1.296   -5.736  1.00 10.57 ? 180 SER A CA  1 
ATOM   1364 C C   . SER A 1 180 ? 7.104   1.743   -7.001  1.00 9.19  ? 180 SER A C   1 
ATOM   1365 O O   . SER A 1 180 ? 6.927   1.173   -8.104  1.00 8.64  ? 180 SER A O   1 
ATOM   1366 C CB  . SER A 1 180 ? 5.199   0.373   -6.068  1.00 12.68 ? 180 SER A CB  1 
ATOM   1367 O OG  . SER A 1 180 ? 4.086   1.102   -6.543  1.00 15.12 ? 180 SER A OG  1 
ATOM   1368 N N   . TRP A 1 181 ? 7.975   2.730   -6.809  1.00 11.37 ? 181 TRP A N   1 
ATOM   1369 C CA  . TRP A 1 181 ? 8.753   3.261   -7.911  1.00 11.96 ? 181 TRP A CA  1 
ATOM   1370 C C   . TRP A 1 181 ? 10.224  2.972   -7.733  1.00 13.31 ? 181 TRP A C   1 
ATOM   1371 O O   . TRP A 1 181 ? 11.057  3.662   -8.316  1.00 14.30 ? 181 TRP A O   1 
ATOM   1372 C CB  . TRP A 1 181 ? 8.524   4.769   -8.043  1.00 13.76 ? 181 TRP A CB  1 
ATOM   1373 C CG  . TRP A 1 181 ? 7.161   5.128   -8.530  1.00 14.21 ? 181 TRP A CG  1 
ATOM   1374 C CD1 . TRP A 1 181 ? 6.205   4.273   -9.020  1.00 14.16 ? 181 TRP A CD1 1 
ATOM   1375 C CD2 . TRP A 1 181 ? 6.559   6.437   -8.523  1.00 14.51 ? 181 TRP A CD2 1 
ATOM   1376 N NE1 . TRP A 1 181 ? 5.053   4.971   -9.299  1.00 15.81 ? 181 TRP A NE1 1 
ATOM   1377 C CE2 . TRP A 1 181 ? 5.244   6.297   -9.002  1.00 15.48 ? 181 TRP A CE2 1 
ATOM   1378 C CE3 . TRP A 1 181 ? 7.018   7.710   -8.137  1.00 15.05 ? 181 TRP A CE3 1 
ATOM   1379 C CZ2 . TRP A 1 181 ? 4.359   7.389   -9.101  1.00 14.70 ? 181 TRP A CZ2 1 
ATOM   1380 C CZ3 . TRP A 1 181 ? 6.144   8.789   -8.235  1.00 14.23 ? 181 TRP A CZ3 1 
ATOM   1381 C CH2 . TRP A 1 181 ? 4.829   8.622   -8.713  1.00 14.83 ? 181 TRP A CH2 1 
ATOM   1382 N N   . GLY A 1 182 ? 10.562  1.963   -6.925  1.00 12.59 ? 182 GLY A N   1 
ATOM   1383 C CA  . GLY A 1 182 ? 11.966  1.655   -6.718  1.00 12.72 ? 182 GLY A CA  1 
ATOM   1384 C C   . GLY A 1 182 ? 12.586  2.451   -5.583  1.00 12.84 ? 182 GLY A C   1 
ATOM   1385 O O   . GLY A 1 182 ? 12.001  3.419   -5.075  1.00 11.94 ? 182 GLY A O   1 
ATOM   1386 N N   . PRO A 1 183 ? 13.811  2.086   -5.178  1.00 13.25 ? 183 PRO A N   1 
ATOM   1387 C CA  . PRO A 1 183 ? 14.556  2.719   -4.089  1.00 14.13 ? 183 PRO A CA  1 
ATOM   1388 C C   . PRO A 1 183 ? 15.210  4.068   -4.401  1.00 14.36 ? 183 PRO A C   1 
ATOM   1389 O O   . PRO A 1 183 ? 15.664  4.749   -3.485  1.00 16.93 ? 183 PRO A O   1 
ATOM   1390 C CB  . PRO A 1 183 ? 15.593  1.661   -3.751  1.00 14.76 ? 183 PRO A CB  1 
ATOM   1391 C CG  . PRO A 1 183 ? 15.936  1.142   -5.123  1.00 15.16 ? 183 PRO A CG  1 
ATOM   1392 C CD  . PRO A 1 183 ? 14.604  1.006   -5.806  1.00 12.75 ? 183 PRO A CD  1 
ATOM   1393 N N   . ASN A 1 184 ? 15.250  4.445   -5.674  1.00 14.36 ? 184 ASN A N   1 
ATOM   1394 C CA  . ASN A 1 184 ? 15.859  5.712   -6.078  1.00 16.36 ? 184 ASN A CA  1 
ATOM   1395 C C   . ASN A 1 184 ? 14.937  6.919   -5.989  1.00 17.71 ? 184 ASN A C   1 
ATOM   1396 O O   . ASN A 1 184 ? 15.399  8.059   -5.993  1.00 20.07 ? 184 ASN A O   1 
ATOM   1397 C CB  . ASN A 1 184 ? 16.396  5.619   -7.493  1.00 16.89 ? 184 ASN A CB  1 
ATOM   1398 C CG  . ASN A 1 184 ? 17.468  4.572   -7.628  1.00 16.49 ? 184 ASN A CG  1 
ATOM   1399 O OD1 . ASN A 1 184 ? 18.362  4.475   -6.787  1.00 19.54 ? 184 ASN A OD1 1 
ATOM   1400 N ND2 . ASN A 1 184 ? 17.384  3.774   -8.686  1.00 16.73 ? 184 ASN A ND2 1 
ATOM   1401 N N   . TRP A 1 185 ? 13.632  6.681   -5.961  1.00 15.93 ? 185 TRP A N   1 
ATOM   1402 C CA  . TRP A 1 185 ? 12.687  7.780   -5.854  1.00 12.55 ? 185 TRP A CA  1 
ATOM   1403 C C   . TRP A 1 185 ? 12.507  8.204   -4.410  1.00 11.67 ? 185 TRP A C   1 
ATOM   1404 O O   . TRP A 1 185 ? 12.510  7.370   -3.510  1.00 13.71 ? 185 TRP A O   1 
ATOM   1405 C CB  . TRP A 1 185 ? 11.350  7.381   -6.456  1.00 11.33 ? 185 TRP A CB  1 
ATOM   1406 C CG  . TRP A 1 185 ? 10.297  8.456   -6.345  1.00 12.21 ? 185 TRP A CG  1 
ATOM   1407 C CD1 . TRP A 1 185 ? 10.038  9.450   -7.251  1.00 13.08 ? 185 TRP A CD1 1 
ATOM   1408 C CD2 . TRP A 1 185 ? 9.364   8.636   -5.277  1.00 10.70 ? 185 TRP A CD2 1 
ATOM   1409 N NE1 . TRP A 1 185 ? 9.013   10.233  -6.808  1.00 10.44 ? 185 TRP A NE1 1 
ATOM   1410 C CE2 . TRP A 1 185 ? 8.573   9.763   -5.600  1.00 10.29 ? 185 TRP A CE2 1 
ATOM   1411 C CE3 . TRP A 1 185 ? 9.118   7.958   -4.063  1.00 8.20  ? 185 TRP A CE3 1 
ATOM   1412 C CZ2 . TRP A 1 185 ? 7.542   10.229  -4.761  1.00 9.81  ? 185 TRP A CZ2 1 
ATOM   1413 C CZ3 . TRP A 1 185 ? 8.096   8.422   -3.227  1.00 9.51  ? 185 TRP A CZ3 1 
ATOM   1414 C CH2 . TRP A 1 185 ? 7.318   9.552   -3.580  1.00 9.09  ? 185 TRP A CH2 1 
ATOM   1415 N N   . GLY A 1 186 ? 12.347  9.504   -4.179  1.00 11.37 ? 186 GLY A N   1 
ATOM   1416 C CA  . GLY A 1 186 ? 12.121  9.993   -2.828  1.00 8.16  ? 186 GLY A CA  1 
ATOM   1417 C C   . GLY A 1 186 ? 13.146  9.616   -1.794  1.00 9.93  ? 186 GLY A C   1 
ATOM   1418 O O   . GLY A 1 186 ? 14.334  9.574   -2.082  1.00 12.52 ? 186 GLY A O   1 
ATOM   1419 N N   . GLU A 1 187 ? 12.694  9.378   -0.574  1.00 10.23 ? 187 GLU A N   1 
ATOM   1420 C CA  . GLU A 1 187 ? 13.584  9.010   0.514   1.00 11.63 ? 187 GLU A CA  1 
ATOM   1421 C C   . GLU A 1 187 ? 13.717  7.495   0.570   1.00 12.24 ? 187 GLU A C   1 
ATOM   1422 O O   . GLU A 1 187 ? 13.013  6.829   1.328   1.00 13.40 ? 187 GLU A O   1 
ATOM   1423 C CB  . GLU A 1 187 ? 13.076  9.577   1.827   1.00 12.17 ? 187 GLU A CB  1 
ATOM   1424 C CG  . GLU A 1 187 ? 12.933  11.086  1.746   1.00 13.17 ? 187 GLU A CG  1 
ATOM   1425 C CD  . GLU A 1 187 ? 12.580  11.728  3.051   1.00 14.17 ? 187 GLU A CD  1 
ATOM   1426 O OE1 . GLU A 1 187 ? 11.818  11.157  3.848   1.00 17.13 ? 187 GLU A OE1 1 
ATOM   1427 O OE2 . GLU A 1 187 ? 13.070  12.831  3.302   1.00 19.45 ? 187 GLU A OE2 1 
ATOM   1428 N N   . LYS A 1 188 ? 14.586  6.975   -0.297  1.00 12.49 ? 188 LYS A N   1 
ATOM   1429 C CA  . LYS A 1 188 ? 14.846  5.544   -0.437  1.00 15.20 ? 188 LYS A CA  1 
ATOM   1430 C C   . LYS A 1 188 ? 13.574  4.795   -0.813  1.00 14.63 ? 188 LYS A C   1 
ATOM   1431 O O   . LYS A 1 188 ? 13.336  3.694   -0.350  1.00 13.84 ? 188 LYS A O   1 
ATOM   1432 C CB  . LYS A 1 188 ? 15.445  4.970   0.842   1.00 15.67 ? 188 LYS A CB  1 
ATOM   1433 C CG  . LYS A 1 188 ? 16.861  5.417   1.096   1.00 18.52 ? 188 LYS A CG  1 
ATOM   1434 C CD  . LYS A 1 188 ? 17.358  4.889   2.419   1.00 21.38 ? 188 LYS A CD  1 
ATOM   1435 C CE  . LYS A 1 188 ? 18.844  5.104   2.588   1.00 23.50 ? 188 LYS A CE  1 
ATOM   1436 N NZ  A LYS A 1 188 ? 19.476  6.211   1.822   0.50 21.96 ? 188 LYS A NZ  1 
ATOM   1437 N NZ  B LYS A 1 188 ? 19.064  6.377   3.275   0.50 20.16 ? 188 LYS A NZ  1 
ATOM   1438 N N   . GLY A 1 189 ? 12.770  5.396   -1.682  1.00 12.78 ? 189 GLY A N   1 
ATOM   1439 C CA  . GLY A 1 189 ? 11.529  4.762   -2.103  1.00 11.05 ? 189 GLY A CA  1 
ATOM   1440 C C   . GLY A 1 189 ? 10.299  5.182   -1.313  1.00 9.10  ? 189 GLY A C   1 
ATOM   1441 O O   . GLY A 1 189 ? 9.193   4.781   -1.669  1.00 13.61 ? 189 GLY A O   1 
ATOM   1442 N N   . TYR A 1 190 ? 10.498  5.922   -0.221  1.00 8.75  ? 190 TYR A N   1 
ATOM   1443 C CA  . TYR A 1 190 ? 9.432   6.422   0.631   1.00 10.04 ? 190 TYR A CA  1 
ATOM   1444 C C   . TYR A 1 190 ? 9.255   7.934   0.532   1.00 11.73 ? 190 TYR A C   1 
ATOM   1445 O O   . TYR A 1 190 ? 10.119  8.645   0.035   1.00 12.03 ? 190 TYR A O   1 
ATOM   1446 C CB  . TYR A 1 190 ? 9.697   6.114   2.107   1.00 11.73 ? 190 TYR A CB  1 
ATOM   1447 C CG  . TYR A 1 190 ? 9.760   4.636   2.427   1.00 16.26 ? 190 TYR A CG  1 
ATOM   1448 C CD1 . TYR A 1 190 ? 10.926  3.903   2.173   1.00 16.49 ? 190 TYR A CD1 1 
ATOM   1449 C CD2 . TYR A 1 190 ? 8.650   3.963   2.924   1.00 15.27 ? 190 TYR A CD2 1 
ATOM   1450 C CE1 . TYR A 1 190 ? 10.985  2.551   2.388   1.00 17.74 ? 190 TYR A CE1 1 
ATOM   1451 C CE2 . TYR A 1 190 ? 8.696   2.590   3.147   1.00 17.47 ? 190 TYR A CE2 1 
ATOM   1452 C CZ  . TYR A 1 190 ? 9.867   1.890   2.872   1.00 19.52 ? 190 TYR A CZ  1 
ATOM   1453 O OH  . TYR A 1 190 ? 9.928   0.528   3.051   1.00 19.64 ? 190 TYR A OH  1 
ATOM   1454 N N   . MET A 1 191 ? 8.134   8.409   1.041   1.00 11.81 ? 191 MET A N   1 
ATOM   1455 C CA  . MET A 1 191 ? 7.837   9.823   1.066   1.00 11.00 ? 191 MET A CA  1 
ATOM   1456 C C   . MET A 1 191 ? 7.178   10.163  2.377   1.00 10.94 ? 191 MET A C   1 
ATOM   1457 O O   . MET A 1 191 ? 6.328   9.413   2.854   1.00 12.32 ? 191 MET A O   1 
ATOM   1458 C CB  . MET A 1 191 ? 6.850   10.195  -0.044  1.00 13.30 ? 191 MET A CB  1 
ATOM   1459 C CG  . MET A 1 191 ? 6.193   11.578  0.178   1.00 12.64 ? 191 MET A CG  1 
ATOM   1460 S SD  . MET A 1 191 ? 4.910   12.019  -1.027  1.00 13.08 ? 191 MET A SD  1 
ATOM   1461 C CE  . MET A 1 191 ? 5.848   12.721  -2.406  1.00 8.58  ? 191 MET A CE  1 
ATOM   1462 N N   . ARG A 1 192 ? 7.607   11.257  2.996   1.00 11.08 ? 192 ARG A N   1 
ATOM   1463 C CA  . ARG A 1 192 ? 6.962   11.730  4.209   1.00 9.54  ? 192 ARG A CA  1 
ATOM   1464 C C   . ARG A 1 192 ? 6.010   12.790  3.656   1.00 13.40 ? 192 ARG A C   1 
ATOM   1465 O O   . ARG A 1 192 ? 6.449   13.794  3.078   1.00 13.71 ? 192 ARG A O   1 
ATOM   1466 C CB  . ARG A 1 192 ? 7.962   12.334  5.186   1.00 11.62 ? 192 ARG A CB  1 
ATOM   1467 C CG  . ARG A 1 192 ? 8.732   11.267  5.970   1.00 13.85 ? 192 ARG A CG  1 
ATOM   1468 C CD  . ARG A 1 192 ? 9.762   11.888  6.908   1.00 13.90 ? 192 ARG A CD  1 
ATOM   1469 N NE  . ARG A 1 192 ? 10.808  12.548  6.134   1.00 17.89 ? 192 ARG A NE  1 
ATOM   1470 C CZ  . ARG A 1 192 ? 11.525  13.583  6.564   1.00 18.07 ? 192 ARG A CZ  1 
ATOM   1471 N NH1 . ARG A 1 192 ? 11.317  14.080  7.779   1.00 16.89 ? 192 ARG A NH1 1 
ATOM   1472 N NH2 . ARG A 1 192 ? 12.401  14.163  5.750   1.00 16.76 ? 192 ARG A NH2 1 
ATOM   1473 N N   . LEU A 1 193 ? 4.719   12.475  3.718   1.00 12.06 ? 193 LEU A N   1 
ATOM   1474 C CA  . LEU A 1 193 ? 3.630   13.309  3.214   1.00 11.86 ? 193 LEU A CA  1 
ATOM   1475 C C   . LEU A 1 193 ? 3.029   14.127  4.340   1.00 11.60 ? 193 LEU A C   1 
ATOM   1476 O O   . LEU A 1 193 ? 2.711   13.589  5.408   1.00 10.89 ? 193 LEU A O   1 
ATOM   1477 C CB  . LEU A 1 193 ? 2.563   12.400  2.608   1.00 12.26 ? 193 LEU A CB  1 
ATOM   1478 C CG  . LEU A 1 193 ? 1.327   12.999  1.947   1.00 13.10 ? 193 LEU A CG  1 
ATOM   1479 C CD1 . LEU A 1 193 ? 1.738   13.777  0.690   1.00 13.99 ? 193 LEU A CD1 1 
ATOM   1480 C CD2 . LEU A 1 193 ? 0.418   11.843  1.552   1.00 14.33 ? 193 LEU A CD2 1 
ATOM   1481 N N   . LYS A 1 194 ? 2.883   15.433  4.135   1.00 12.15 ? 194 LYS A N   1 
ATOM   1482 C CA  . LYS A 1 194 ? 2.318   16.244  5.193   1.00 13.34 ? 194 LYS A CA  1 
ATOM   1483 C C   . LYS A 1 194 ? 0.951   15.740  5.659   1.00 13.09 ? 194 LYS A C   1 
ATOM   1484 O O   . LYS A 1 194 ? 0.083   15.371  4.867   1.00 14.26 ? 194 LYS A O   1 
ATOM   1485 C CB  . LYS A 1 194 ? 2.216   17.704  4.803   1.00 15.19 ? 194 LYS A CB  1 
ATOM   1486 C CG  . LYS A 1 194 ? 1.708   18.522  5.974   1.00 21.49 ? 194 LYS A CG  1 
ATOM   1487 C CD  . LYS A 1 194 ? 2.050   19.967  5.846   1.00 28.94 ? 194 LYS A CD  1 
ATOM   1488 C CE  . LYS A 1 194 ? 1.759   20.686  7.134   1.00 30.07 ? 194 LYS A CE  1 
ATOM   1489 N NZ  . LYS A 1 194 ? 0.617   21.594  6.934   1.00 34.63 ? 194 LYS A NZ  1 
ATOM   1490 N N   . ARG A 1 195 ? 0.765   15.749  6.963   1.00 14.51 ? 195 ARG A N   1 
ATOM   1491 C CA  . ARG A 1 195 ? -0.470  15.284  7.548   1.00 13.06 ? 195 ARG A CA  1 
ATOM   1492 C C   . ARG A 1 195 ? -1.390  16.457  7.856   1.00 12.86 ? 195 ARG A C   1 
ATOM   1493 O O   . ARG A 1 195 ? -1.080  17.262  8.734   1.00 14.74 ? 195 ARG A O   1 
ATOM   1494 C CB  . ARG A 1 195 ? -0.132  14.540  8.835   1.00 14.28 ? 195 ARG A CB  1 
ATOM   1495 C CG  . ARG A 1 195 ? -1.210  13.620  9.349   1.00 18.33 ? 195 ARG A CG  1 
ATOM   1496 C CD  . ARG A 1 195 ? -0.624  12.656  10.347  1.00 17.11 ? 195 ARG A CD  1 
ATOM   1497 N NE  . ARG A 1 195 ? -0.573  13.190  11.702  1.00 17.11 ? 195 ARG A NE  1 
ATOM   1498 C CZ  . ARG A 1 195 ? 0.445   13.006  12.545  1.00 16.40 ? 195 ARG A CZ  1 
ATOM   1499 N NH1 . ARG A 1 195 ? 1.541   12.371  12.147  1.00 16.38 ? 195 ARG A NH1 1 
ATOM   1500 N NH2 . ARG A 1 195 ? 0.390   13.497  13.773  1.00 15.16 ? 195 ARG A NH2 1 
ATOM   1501 N N   . GLN A 1 196 ? -2.494  16.584  7.119   1.00 13.54 ? 196 GLN A N   1 
ATOM   1502 C CA  . GLN A 1 196 ? -3.477  17.651  7.380   1.00 13.61 ? 196 GLN A CA  1 
ATOM   1503 C C   . GLN A 1 196 ? -4.265  17.265  8.616   1.00 13.85 ? 196 GLN A C   1 
ATOM   1504 O O   . GLN A 1 196 ? -4.595  16.101  8.797   1.00 15.12 ? 196 GLN A O   1 
ATOM   1505 C CB  . GLN A 1 196 ? -4.446  17.814  6.212   1.00 14.49 ? 196 GLN A CB  1 
ATOM   1506 C CG  . GLN A 1 196 ? -3.825  18.538  5.043   1.00 15.84 ? 196 GLN A CG  1 
ATOM   1507 C CD  . GLN A 1 196 ? -4.729  18.643  3.843   1.00 14.04 ? 196 GLN A CD  1 
ATOM   1508 O OE1 . GLN A 1 196 ? -5.830  18.083  3.805   1.00 14.96 ? 196 GLN A OE1 1 
ATOM   1509 N NE2 . GLN A 1 196 ? -4.252  19.336  2.829   1.00 17.19 ? 196 GLN A NE2 1 
ATOM   1510 N N   . SER A 1 197 ? -4.567  18.226  9.474   1.00 14.16 ? 197 SER A N   1 
ATOM   1511 C CA  . SER A 1 197 ? -5.298  17.916  10.687  1.00 15.29 ? 197 SER A CA  1 
ATOM   1512 C C   . SER A 1 197 ? -6.800  17.799  10.516  1.00 16.91 ? 197 SER A C   1 
ATOM   1513 O O   . SER A 1 197 ? -7.402  18.389  9.611   1.00 17.43 ? 197 SER A O   1 
ATOM   1514 C CB  . SER A 1 197 ? -5.000  18.942  11.779  1.00 18.40 ? 197 SER A CB  1 
ATOM   1515 O OG  . SER A 1 197 ? -5.574  20.188  11.454  1.00 20.92 ? 197 SER A OG  1 
ATOM   1516 N N   . GLY A 1 198 ? -7.395  17.030  11.421  1.00 16.33 ? 198 GLY A N   1 
ATOM   1517 C CA  . GLY A 1 198 ? -8.827  16.846  11.436  1.00 15.04 ? 198 GLY A CA  1 
ATOM   1518 C C   . GLY A 1 198 ? -9.546  16.399  10.190  1.00 15.89 ? 198 GLY A C   1 
ATOM   1519 O O   . GLY A 1 198 ? -9.118  15.512  9.455   1.00 15.33 ? 198 GLY A O   1 
ATOM   1520 N N   . ASN A 1 199 ? -10.695 17.025  9.990   1.00 17.06 ? 199 ASN A N   1 
ATOM   1521 C CA  . ASN A 1 199 ? -11.581 16.734  8.889   1.00 18.22 ? 199 ASN A CA  1 
ATOM   1522 C C   . ASN A 1 199 ? -11.176 17.406  7.586   1.00 18.86 ? 199 ASN A C   1 
ATOM   1523 O O   . ASN A 1 199 ? -11.483 18.572  7.349   1.00 21.04 ? 199 ASN A O   1 
ATOM   1524 C CB  . ASN A 1 199 ? -12.994 17.142  9.303   1.00 23.01 ? 199 ASN A CB  1 
ATOM   1525 C CG  . ASN A 1 199 ? -14.040 16.801  8.272   1.00 25.87 ? 199 ASN A CG  1 
ATOM   1526 O OD1 . ASN A 1 199 ? -15.001 17.547  8.102   1.00 30.43 ? 199 ASN A OD1 1 
ATOM   1527 N ND2 . ASN A 1 199 ? -13.898 15.648  7.618   1.00 26.81 ? 199 ASN A ND2 1 
ATOM   1528 N N   . SER A 1 200 ? -10.483 16.661  6.745   1.00 15.08 ? 200 SER A N   1 
ATOM   1529 C CA  . SER A 1 200 ? -10.057 17.168  5.471   1.00 15.25 ? 200 SER A CA  1 
ATOM   1530 C C   . SER A 1 200 ? -9.757  15.966  4.613   1.00 14.51 ? 200 SER A C   1 
ATOM   1531 O O   . SER A 1 200 ? -9.666  14.847  5.117   1.00 14.06 ? 200 SER A O   1 
ATOM   1532 C CB  . SER A 1 200 ? -8.815  18.052  5.630   1.00 17.98 ? 200 SER A CB  1 
ATOM   1533 O OG  . SER A 1 200 ? -7.754  17.356  6.237   1.00 22.84 ? 200 SER A OG  1 
ATOM   1534 N N   . GLN A 1 201 ? -9.611  16.195  3.320   1.00 12.03 ? 201 GLN A N   1 
ATOM   1535 C CA  . GLN A 1 201 ? -9.324  15.144  2.364   1.00 12.20 ? 201 GLN A CA  1 
ATOM   1536 C C   . GLN A 1 201 ? -7.879  14.653  2.431   1.00 11.69 ? 201 GLN A C   1 
ATOM   1537 O O   . GLN A 1 201 ? -7.545  13.636  1.814   1.00 11.24 ? 201 GLN A O   1 
ATOM   1538 C CB  . GLN A 1 201 ? -9.623  15.644  0.953   1.00 17.47 ? 201 GLN A CB  1 
ATOM   1539 C CG  . GLN A 1 201 ? -11.099 15.896  0.711   1.00 23.31 ? 201 GLN A CG  1 
ATOM   1540 C CD  . GLN A 1 201 ? -11.368 16.349  -0.708  1.00 29.88 ? 201 GLN A CD  1 
ATOM   1541 O OE1 . GLN A 1 201 ? -11.397 15.545  -1.642  1.00 34.16 ? 201 GLN A OE1 1 
ATOM   1542 N NE2 . GLN A 1 201 ? -11.558 17.651  -0.884  1.00 34.14 ? 201 GLN A NE2 1 
ATOM   1543 N N   . GLY A 1 202 ? -7.031  15.416  3.129   1.00 11.73 ? 202 GLY A N   1 
ATOM   1544 C CA  . GLY A 1 202 ? -5.624  15.090  3.267   1.00 10.53 ? 202 GLY A CA  1 
ATOM   1545 C C   . GLY A 1 202 ? -4.763  15.609  2.128   1.00 11.89 ? 202 GLY A C   1 
ATOM   1546 O O   . GLY A 1 202 ? -5.280  15.904  1.038   1.00 12.17 ? 202 GLY A O   1 
ATOM   1547 N N   . THR A 1 203 ? -3.456  15.743  2.368   1.00 12.49 ? 203 THR A N   1 
ATOM   1548 C CA  . THR A 1 203 ? -2.528  16.206  1.338   1.00 10.53 ? 203 THR A CA  1 
ATOM   1549 C C   . THR A 1 203 ? -2.554  15.209  0.168   1.00 10.94 ? 203 THR A C   1 
ATOM   1550 O O   . THR A 1 203 ? -2.353  14.004  0.363   1.00 10.26 ? 203 THR A O   1 
ATOM   1551 C CB  . THR A 1 203 ? -1.113  16.321  1.893   1.00 9.42  ? 203 THR A CB  1 
ATOM   1552 O OG1 . THR A 1 203 ? -1.149  17.040  3.131   1.00 10.84 ? 203 THR A OG1 1 
ATOM   1553 C CG2 . THR A 1 203 ? -0.210  17.035  0.904   1.00 11.64 ? 203 THR A CG2 1 
ATOM   1554 N N   . CYS A 1 204 ? -2.806  15.716  -1.039  1.00 8.36  ? 204 CYS A N   1 
ATOM   1555 C CA  . CYS A 1 204 ? -2.927  14.907  -2.251  1.00 8.53  ? 204 CYS A CA  1 
ATOM   1556 C C   . CYS A 1 204 ? -4.073  13.869  -2.175  1.00 9.18  ? 204 CYS A C   1 
ATOM   1557 O O   . CYS A 1 204 ? -4.063  12.881  -2.903  1.00 11.59 ? 204 CYS A O   1 
ATOM   1558 C CB  . CYS A 1 204 ? -1.607  14.230  -2.662  1.00 10.58 ? 204 CYS A CB  1 
ATOM   1559 S SG  . CYS A 1 204 ? -0.112  15.288  -2.629  1.00 13.53 ? 204 CYS A SG  1 
ATOM   1560 N N   . GLY A 1 205 ? -5.056  14.126  -1.314  1.00 9.85  ? 205 GLY A N   1 
ATOM   1561 C CA  . GLY A 1 205 ? -6.210  13.239  -1.168  1.00 11.02 ? 205 GLY A CA  1 
ATOM   1562 C C   . GLY A 1 205 ? -5.956  11.948  -0.395  1.00 13.09 ? 205 GLY A C   1 
ATOM   1563 O O   . GLY A 1 205 ? -6.757  11.013  -0.471  1.00 12.22 ? 205 GLY A O   1 
ATOM   1564 N N   . VAL A 1 206 ? -4.930  11.954  0.448   1.00 10.91 ? 206 VAL A N   1 
ATOM   1565 C CA  . VAL A 1 206 ? -4.546  10.755  1.201   1.00 13.72 ? 206 VAL A CA  1 
ATOM   1566 C C   . VAL A 1 206 ? -5.595  10.172  2.163   1.00 12.73 ? 206 VAL A C   1 
ATOM   1567 O O   . VAL A 1 206 ? -5.566  8.976   2.437   1.00 14.07 ? 206 VAL A O   1 
ATOM   1568 C CB  . VAL A 1 206 ? -3.139  10.936  1.883   1.00 11.34 ? 206 VAL A CB  1 
ATOM   1569 C CG1 . VAL A 1 206 ? -3.218  11.815  3.097   1.00 8.57  ? 206 VAL A CG1 1 
ATOM   1570 C CG2 . VAL A 1 206 ? -2.512  9.577   2.219   1.00 12.06 ? 206 VAL A CG2 1 
ATOM   1571 N N   . TYR A 1 207 ? -6.540  10.987  2.646   1.00 11.61 ? 207 TYR A N   1 
ATOM   1572 C CA  . TYR A 1 207 ? -7.589  10.495  3.556   1.00 11.67 ? 207 TYR A CA  1 
ATOM   1573 C C   . TYR A 1 207 ? -8.879  10.059  2.837   1.00 11.87 ? 207 TYR A C   1 
ATOM   1574 O O   . TYR A 1 207 ? -9.832  9.628   3.486   1.00 12.55 ? 207 TYR A O   1 
ATOM   1575 C CB  . TYR A 1 207 ? -7.997  11.568  4.566   1.00 10.85 ? 207 TYR A CB  1 
ATOM   1576 C CG  . TYR A 1 207 ? -6.907  12.084  5.467   1.00 12.44 ? 207 TYR A CG  1 
ATOM   1577 C CD1 . TYR A 1 207 ? -5.785  11.306  5.765   1.00 12.43 ? 207 TYR A CD1 1 
ATOM   1578 C CD2 . TYR A 1 207 ? -6.996  13.373  6.024   1.00 11.97 ? 207 TYR A CD2 1 
ATOM   1579 C CE1 . TYR A 1 207 ? -4.777  11.803  6.596   1.00 13.72 ? 207 TYR A CE1 1 
ATOM   1580 C CE2 . TYR A 1 207 ? -6.008  13.874  6.839   1.00 11.30 ? 207 TYR A CE2 1 
ATOM   1581 C CZ  . TYR A 1 207 ? -4.903  13.091  7.122   1.00 12.39 ? 207 TYR A CZ  1 
ATOM   1582 O OH  . TYR A 1 207 ? -3.913  13.585  7.916   1.00 13.76 ? 207 TYR A OH  1 
ATOM   1583 N N   . LYS A 1 208 ? -8.908  10.132  1.515   1.00 9.65  ? 208 LYS A N   1 
ATOM   1584 C CA  . LYS A 1 208 ? -10.123 9.819   0.787   1.00 12.07 ? 208 LYS A CA  1 
ATOM   1585 C C   . LYS A 1 208 ? -10.499 8.363   0.568   1.00 13.87 ? 208 LYS A C   1 
ATOM   1586 O O   . LYS A 1 208 ? -11.677 8.045   0.545   1.00 14.81 ? 208 LYS A O   1 
ATOM   1587 C CB  . LYS A 1 208 ? -10.119 10.526  -0.572  1.00 11.32 ? 208 LYS A CB  1 
ATOM   1588 C CG  . LYS A 1 208 ? -9.980  12.050  -0.475  1.00 14.58 ? 208 LYS A CG  1 
ATOM   1589 C CD  . LYS A 1 208 ? -9.775  12.630  -1.853  1.00 19.27 ? 208 LYS A CD  1 
ATOM   1590 C CE  . LYS A 1 208 ? -11.055 12.512  -2.655  1.00 22.46 ? 208 LYS A CE  1 
ATOM   1591 N NZ  . LYS A 1 208 ? -10.847 12.962  -4.055  1.00 28.75 ? 208 LYS A NZ  1 
ATOM   1592 N N   . SER A 1 209 ? -9.511  7.485   0.430   1.00 12.08 ? 209 SER A N   1 
ATOM   1593 C CA  . SER A 1 209 ? -9.807  6.089   0.120   1.00 11.77 ? 209 SER A CA  1 
ATOM   1594 C C   . SER A 1 209 ? -8.771  5.129   0.737   1.00 8.70  ? 209 SER A C   1 
ATOM   1595 O O   . SER A 1 209 ? -7.880  4.655   0.047   1.00 9.59  ? 209 SER A O   1 
ATOM   1596 C CB  . SER A 1 209 ? -9.818  5.979   -1.400  1.00 8.97  ? 209 SER A CB  1 
ATOM   1597 O OG  . SER A 1 209 ? -10.155 4.699   -1.859  1.00 11.19 ? 209 SER A OG  1 
ATOM   1598 N N   . SER A 1 210 ? -8.888  4.874   2.034   1.00 10.04 ? 210 SER A N   1 
ATOM   1599 C CA  . SER A 1 210 ? -7.952  3.994   2.731   1.00 10.98 ? 210 SER A CA  1 
ATOM   1600 C C   . SER A 1 210 ? -8.656  2.722   3.204   1.00 12.04 ? 210 SER A C   1 
ATOM   1601 O O   . SER A 1 210 ? -9.750  2.784   3.767   1.00 10.91 ? 210 SER A O   1 
ATOM   1602 C CB  . SER A 1 210 ? -7.359  4.704   3.941   1.00 11.89 ? 210 SER A CB  1 
ATOM   1603 O OG  . SER A 1 210 ? -6.938  6.017   3.619   1.00 14.59 ? 210 SER A OG  1 
ATOM   1604 N N   . TYR A 1 211 ? -7.981  1.591   3.018   1.00 13.53 ? 211 TYR A N   1 
ATOM   1605 C CA  . TYR A 1 211 ? -8.492  0.267   3.397   1.00 14.99 ? 211 TYR A CA  1 
ATOM   1606 C C   . TYR A 1 211 ? -7.395  -0.553  4.098   1.00 15.77 ? 211 TYR A C   1 
ATOM   1607 O O   . TYR A 1 211 ? -6.203  -0.302  3.910   1.00 13.49 ? 211 TYR A O   1 
ATOM   1608 C CB  . TYR A 1 211 ? -8.870  -0.527  2.147   1.00 13.77 ? 211 TYR A CB  1 
ATOM   1609 C CG  . TYR A 1 211 ? -10.037 0.030   1.384   1.00 16.10 ? 211 TYR A CG  1 
ATOM   1610 C CD1 . TYR A 1 211 ? -9.850  0.981   0.386   1.00 16.54 ? 211 TYR A CD1 1 
ATOM   1611 C CD2 . TYR A 1 211 ? -11.323 -0.432  1.632   1.00 15.28 ? 211 TYR A CD2 1 
ATOM   1612 C CE1 . TYR A 1 211 ? -10.922 1.463   -0.340  1.00 16.00 ? 211 TYR A CE1 1 
ATOM   1613 C CE2 . TYR A 1 211 ? -12.397 0.040   0.909   1.00 16.42 ? 211 TYR A CE2 1 
ATOM   1614 C CZ  . TYR A 1 211 ? -12.187 0.983   -0.080  1.00 16.65 ? 211 TYR A CZ  1 
ATOM   1615 O OH  . TYR A 1 211 ? -13.254 1.452   -0.806  1.00 18.40 ? 211 TYR A OH  1 
ATOM   1616 N N   . TYR A 1 212 ? -7.799  -1.543  4.886   1.00 13.81 ? 212 TYR A N   1 
ATOM   1617 C CA  . TYR A 1 212 ? -6.827  -2.409  5.541   1.00 13.25 ? 212 TYR A CA  1 
ATOM   1618 C C   . TYR A 1 212 ? -7.425  -3.787  5.622   1.00 11.93 ? 212 TYR A C   1 
ATOM   1619 O O   . TYR A 1 212 ? -8.631  -3.935  5.713   1.00 11.79 ? 212 TYR A O   1 
ATOM   1620 C CB  . TYR A 1 212 ? -6.451  -1.906  6.928   1.00 11.68 ? 212 TYR A CB  1 
ATOM   1621 C CG  . TYR A 1 212 ? -7.587  -1.730  7.891   1.00 16.08 ? 212 TYR A CG  1 
ATOM   1622 C CD1 . TYR A 1 212 ? -8.268  -0.517  7.981   1.00 17.38 ? 212 TYR A CD1 1 
ATOM   1623 C CD2 . TYR A 1 212 ? -7.952  -2.751  8.756   1.00 16.28 ? 212 TYR A CD2 1 
ATOM   1624 C CE1 . TYR A 1 212 ? -9.276  -0.328  8.909   1.00 19.26 ? 212 TYR A CE1 1 
ATOM   1625 C CE2 . TYR A 1 212 ? -8.959  -2.571  9.685   1.00 17.66 ? 212 TYR A CE2 1 
ATOM   1626 C CZ  . TYR A 1 212 ? -9.617  -1.364  9.757   1.00 19.13 ? 212 TYR A CZ  1 
ATOM   1627 O OH  . TYR A 1 212 ? -10.627 -1.179  10.662  1.00 19.89 ? 212 TYR A OH  1 
ATOM   1628 N N   . PRO A 1 213 ? -6.597  -4.818  5.463   1.00 12.90 ? 213 PRO A N   1 
ATOM   1629 C CA  . PRO A 1 213 ? -7.123  -6.180  5.538   1.00 12.45 ? 213 PRO A CA  1 
ATOM   1630 C C   . PRO A 1 213 ? -7.117  -6.647  6.985   1.00 14.32 ? 213 PRO A C   1 
ATOM   1631 O O   . PRO A 1 213 ? -6.491  -6.028  7.848   1.00 14.06 ? 213 PRO A O   1 
ATOM   1632 C CB  . PRO A 1 213 ? -6.109  -6.965  4.728   1.00 11.55 ? 213 PRO A CB  1 
ATOM   1633 C CG  . PRO A 1 213 ? -4.813  -6.283  5.055   1.00 14.03 ? 213 PRO A CG  1 
ATOM   1634 C CD  . PRO A 1 213 ? -5.178  -4.802  5.064   1.00 12.36 ? 213 PRO A CD  1 
ATOM   1635 N N   . PHE A 1 214 ? -7.941  -7.635  7.307   1.00 14.33 ? 214 PHE A N   1 
ATOM   1636 C CA  . PHE A 1 214 ? -7.870  -8.178  8.658   1.00 15.58 ? 214 PHE A CA  1 
ATOM   1637 C C   . PHE A 1 214 ? -7.691  -9.681  8.491   1.00 13.74 ? 214 PHE A C   1 
ATOM   1638 O O   . PHE A 1 214 ? -8.150  -10.257 7.523   1.00 11.71 ? 214 PHE A O   1 
ATOM   1639 C CB  . PHE A 1 214 ? -9.039  -7.760  9.555   1.00 18.37 ? 214 PHE A CB  1 
ATOM   1640 C CG  . PHE A 1 214 ? -10.371 -8.222  9.094   1.00 22.00 ? 214 PHE A CG  1 
ATOM   1641 C CD1 . PHE A 1 214 ? -11.107 -7.458  8.198   1.00 24.65 ? 214 PHE A CD1 1 
ATOM   1642 C CD2 . PHE A 1 214 ? -10.930 -9.390  9.611   1.00 23.14 ? 214 PHE A CD2 1 
ATOM   1643 C CE1 . PHE A 1 214 ? -12.391 -7.846  7.825   1.00 28.55 ? 214 PHE A CE1 1 
ATOM   1644 C CE2 . PHE A 1 214 ? -12.211 -9.791  9.246   1.00 25.91 ? 214 PHE A CE2 1 
ATOM   1645 C CZ  . PHE A 1 214 ? -12.947 -9.021  8.353   1.00 27.61 ? 214 PHE A CZ  1 
ATOM   1646 N N   . LYS A 1 215 ? -6.902  -10.283 9.367   1.00 15.17 ? 215 LYS A N   1 
ATOM   1647 C CA  . LYS A 1 215 ? -6.572  -11.699 9.250   1.00 16.70 ? 215 LYS A CA  1 
ATOM   1648 C C   . LYS A 1 215 ? -6.751  -12.314 10.620  1.00 18.20 ? 215 LYS A C   1 
ATOM   1649 O O   . LYS A 1 215 ? -6.088  -11.905 11.573  1.00 20.70 ? 215 LYS A O   1 
ATOM   1650 C CB  . LYS A 1 215 ? -5.113  -11.819 8.803   1.00 14.08 ? 215 LYS A CB  1 
ATOM   1651 C CG  . LYS A 1 215 ? -4.584  -13.228 8.617   1.00 16.37 ? 215 LYS A CG  1 
ATOM   1652 C CD  . LYS A 1 215 ? -3.153  -13.176 8.103   1.00 14.75 ? 215 LYS A CD  1 
ATOM   1653 C CE  . LYS A 1 215 ? -2.495  -14.526 8.172   1.00 14.46 ? 215 LYS A CE  1 
ATOM   1654 N NZ  . LYS A 1 215 ? -3.264  -15.532 7.376   1.00 13.11 ? 215 LYS A NZ  1 
ATOM   1655 N N   . GLY A 1 216 ? -7.658  -13.270 10.727  1.00 18.52 ? 216 GLY A N   1 
ATOM   1656 C CA  . GLY A 1 216 ? -7.888  -13.876 12.022  1.00 19.90 ? 216 GLY A CA  1 
ATOM   1657 C C   . GLY A 1 216 ? -7.112  -15.139 12.329  1.00 21.54 ? 216 GLY A C   1 
ATOM   1658 O O   . GLY A 1 216 ? -6.911  -15.459 13.507  1.00 22.54 ? 216 GLY A O   1 
ATOM   1659 N N   . PHE A 1 217 ? -6.625  -15.820 11.293  1.00 21.19 ? 217 PHE A N   1 
ATOM   1660 C CA  . PHE A 1 217 ? -5.928  -17.094 11.482  1.00 22.58 ? 217 PHE A CA  1 
ATOM   1661 C C   . PHE A 1 217 ? -4.660  -17.248 10.685  1.00 22.62 ? 217 PHE A C   1 
ATOM   1662 O O   . PHE A 1 217 ? -4.447  -16.540 9.699   1.00 24.02 ? 217 PHE A O   1 
ATOM   1663 C CB  . PHE A 1 217 ? -6.846  -18.260 11.068  1.00 20.90 ? 217 PHE A CB  1 
ATOM   1664 C CG  . PHE A 1 217 ? -8.104  -18.342 11.861  1.00 22.41 ? 217 PHE A CG  1 
ATOM   1665 C CD1 . PHE A 1 217 ? -8.079  -18.850 13.157  1.00 20.77 ? 217 PHE A CD1 1 
ATOM   1666 C CD2 . PHE A 1 217 ? -9.306  -17.846 11.344  1.00 23.69 ? 217 PHE A CD2 1 
ATOM   1667 C CE1 . PHE A 1 217 ? -9.226  -18.855 13.937  1.00 22.70 ? 217 PHE A CE1 1 
ATOM   1668 C CE2 . PHE A 1 217 ? -10.464 -17.845 12.117  1.00 24.15 ? 217 PHE A CE2 1 
ATOM   1669 C CZ  . PHE A 1 217 ? -10.421 -18.353 13.423  1.00 23.49 ? 217 PHE A CZ  1 
ATOM   1670 N N   . ALA A 1 218 ? -3.894  -18.265 11.079  1.00 22.78 ? 218 ALA A N   1 
ATOM   1671 C CA  . ALA A 1 218 ? -2.645  -18.667 10.429  1.00 22.78 ? 218 ALA A CA  1 
ATOM   1672 C C   . ALA A 1 218 ? -2.872  -20.101 9.909   1.00 20.98 ? 218 ALA A C   1 
ATOM   1673 O O   . ALA A 1 218 ? -3.977  -20.640 10.150  1.00 21.04 ? 218 ALA A O   1 
ATOM   1674 C CB  . ALA A 1 218 ? -1.470  -18.638 11.430  1.00 21.82 ? 218 ALA A CB  1 
ATOM   1675 O OXT . ALA A 1 218 ? -1.952  -20.675 9.295   1.00 18.92 ? 218 ALA A OXT 1 
HETATM 1676 O O   . HOH B 2 .   ? -11.343 5.918   3.383   1.00 15.45 ? 219 HOH A O   1 
HETATM 1677 O O   . HOH B 2 .   ? -8.856  7.377   5.065   1.00 16.36 ? 220 HOH A O   1 
HETATM 1678 O O   . HOH B 2 .   ? -9.500  9.204   7.271   1.00 11.60 ? 221 HOH A O   1 
HETATM 1679 O O   . HOH B 2 .   ? 7.639   2.412   15.668  1.00 34.31 ? 222 HOH A O   1 
HETATM 1680 O O   . HOH B 2 .   ? -2.006  -4.090  6.922   1.00 15.07 ? 223 HOH A O   1 
HETATM 1681 O O   . HOH B 2 .   ? 3.348   -19.482 -2.397  1.00 19.19 ? 224 HOH A O   1 
HETATM 1682 O O   . HOH B 2 .   ? 9.767   -14.041 1.410   1.00 53.89 ? 225 HOH A O   1 
HETATM 1683 O O   . HOH B 2 .   ? 8.610   -14.784 -1.571  1.00 21.41 ? 226 HOH A O   1 
HETATM 1684 O O   . HOH B 2 .   ? -11.312 -10.470 -8.292  1.00 32.97 ? 227 HOH A O   1 
HETATM 1685 O O   . HOH B 2 .   ? -12.373 -9.928  -6.074  1.00 26.06 ? 228 HOH A O   1 
HETATM 1686 O O   . HOH B 2 .   ? -15.798 -4.083  -5.529  1.00 33.93 ? 229 HOH A O   1 
HETATM 1687 O O   . HOH B 2 .   ? -15.165 -12.429 -8.183  1.00 54.45 ? 230 HOH A O   1 
HETATM 1688 O O   . HOH B 2 .   ? -14.841 -8.768  -6.092  1.00 27.66 ? 231 HOH A O   1 
HETATM 1689 O O   . HOH B 2 .   ? 14.703  1.484   0.692   1.00 20.97 ? 232 HOH A O   1 
HETATM 1690 O O   . HOH B 2 .   ? -14.565 -11.380 2.613   1.00 48.31 ? 233 HOH A O   1 
HETATM 1691 O O   . HOH B 2 .   ? -4.436  13.166  -11.404 1.00 24.39 ? 234 HOH A O   1 
HETATM 1692 O O   . HOH B 2 .   ? -5.323  18.194  -9.518  1.00 23.67 ? 235 HOH A O   1 
HETATM 1693 O O   . HOH B 2 .   ? -15.560 -6.903  -1.965  1.00 36.39 ? 236 HOH A O   1 
HETATM 1694 O O   . HOH B 2 .   ? 14.841  -2.494  -2.435  1.00 26.69 ? 237 HOH A O   1 
HETATM 1695 O O   . HOH B 2 .   ? 13.561  -0.924  0.905   1.00 25.99 ? 238 HOH A O   1 
HETATM 1696 O O   . HOH B 2 .   ? 2.211   1.274   -4.623  1.00 12.85 ? 239 HOH A O   1 
HETATM 1697 O O   . HOH B 2 .   ? 9.412   4.053   -4.604  1.00 9.98  ? 240 HOH A O   1 
HETATM 1698 O O   . HOH B 2 .   ? 7.532   -0.747  -2.885  1.00 10.13 ? 241 HOH A O   1 
HETATM 1699 O O   . HOH B 2 .   ? 4.783   -1.683  -2.387  1.00 13.18 ? 242 HOH A O   1 
HETATM 1700 O O   . HOH B 2 .   ? 5.511   -4.707  -0.639  1.00 10.86 ? 243 HOH A O   1 
HETATM 1701 O O   . HOH B 2 .   ? 3.048   0.568   -2.108  1.00 10.57 ? 244 HOH A O   1 
HETATM 1702 O O   . HOH B 2 .   ? 3.912   -4.329  -2.911  1.00 9.59  ? 245 HOH A O   1 
HETATM 1703 O O   . HOH B 2 .   ? 5.022   -10.884 -7.844  1.00 17.29 ? 246 HOH A O   1 
HETATM 1704 O O   . HOH B 2 .   ? 6.828   -9.462  -6.342  1.00 34.45 ? 247 HOH A O   1 
HETATM 1705 O O   . HOH B 2 .   ? 8.794   -10.706 -7.849  1.00 34.04 ? 248 HOH A O   1 
HETATM 1706 O O   . HOH B 2 .   ? 0.183   15.215  -7.714  1.00 10.16 ? 249 HOH A O   1 
HETATM 1707 O O   . HOH B 2 .   ? 2.260   16.923  -7.487  1.00 14.08 ? 250 HOH A O   1 
HETATM 1708 O O   . HOH B 2 .   ? -2.678  14.545  4.972   1.00 11.23 ? 251 HOH A O   1 
HETATM 1709 O O   . HOH B 2 .   ? -6.598  18.506  0.601   1.00 27.58 ? 252 HOH A O   1 
HETATM 1710 O O   . HOH B 2 .   ? -3.628  18.416  -1.493  1.00 17.83 ? 253 HOH A O   1 
HETATM 1711 O O   . HOH B 2 .   ? -1.090  21.414  -2.843  1.00 29.77 ? 254 HOH A O   1 
HETATM 1712 O O   . HOH B 2 .   ? -5.058  1.529   -10.551 1.00 19.56 ? 255 HOH A O   1 
HETATM 1713 O O   . HOH B 2 .   ? -14.866 -6.609  -4.562  1.00 20.68 ? 256 HOH A O   1 
HETATM 1714 O O   . HOH B 2 .   ? -8.133  -7.832  -16.560 1.00 32.59 ? 257 HOH A O   1 
HETATM 1715 O O   . HOH B 2 .   ? -11.606 -6.404  -16.185 1.00 34.01 ? 258 HOH A O   1 
HETATM 1716 O O   . HOH B 2 .   ? -5.922  -7.700  -13.257 1.00 13.17 ? 259 HOH A O   1 
HETATM 1717 O O   . HOH B 2 .   ? -11.720 -0.250  -4.902  1.00 23.10 ? 260 HOH A O   1 
HETATM 1718 O O   . HOH B 2 .   ? -14.147 -0.265  -6.277  1.00 46.68 ? 261 HOH A O   1 
HETATM 1719 O O   . HOH B 2 .   ? -9.438  1.504   -5.381  1.00 16.36 ? 262 HOH A O   1 
HETATM 1720 O O   . HOH B 2 .   ? -4.820  -1.417  -3.329  1.00 27.42 ? 263 HOH A O   1 
HETATM 1721 O O   . HOH B 2 .   ? 3.822   -3.695  4.741   1.00 14.68 ? 264 HOH A O   1 
HETATM 1722 O O   . HOH B 2 .   ? 5.492   -4.405  2.761   1.00 11.31 ? 265 HOH A O   1 
HETATM 1723 O O   . HOH B 2 .   ? -5.048  -12.521 -17.148 1.00 27.20 ? 266 HOH A O   1 
HETATM 1724 O O   . HOH B 2 .   ? 0.383   -5.979  -20.010 1.00 27.36 ? 267 HOH A O   1 
HETATM 1725 O O   . HOH B 2 .   ? -2.500  -5.194  -18.692 1.00 24.42 ? 268 HOH A O   1 
HETATM 1726 O O   . HOH B 2 .   ? 13.786  4.026   -8.090  1.00 17.09 ? 269 HOH A O   1 
HETATM 1727 O O   . HOH B 2 .   ? 19.547  3.861   -0.272  1.00 49.98 ? 270 HOH A O   1 
HETATM 1728 O O   . HOH B 2 .   ? -15.693 0.494   -0.045  1.00 30.37 ? 271 HOH A O   1 
HETATM 1729 O O   . HOH B 2 .   ? 2.079   19.145  -11.965 1.00 30.74 ? 272 HOH A O   1 
HETATM 1730 O O   . HOH B 2 .   ? 0.705   19.634  -9.509  1.00 33.26 ? 273 HOH A O   1 
HETATM 1731 O O   . HOH B 2 .   ? 11.979  17.076  -2.873  1.00 22.52 ? 274 HOH A O   1 
HETATM 1732 O O   . HOH B 2 .   ? 12.965  6.435   4.011   1.00 23.44 ? 275 HOH A O   1 
HETATM 1733 O O   . HOH B 2 .   ? 11.660  8.054   7.075   1.00 33.34 ? 276 HOH A O   1 
HETATM 1734 O O   . HOH B 2 .   ? 10.620  8.493   4.495   1.00 41.92 ? 277 HOH A O   1 
HETATM 1735 O O   . HOH B 2 .   ? 10.263  -3.963  8.033   1.00 20.52 ? 278 HOH A O   1 
HETATM 1736 O O   . HOH B 2 .   ? 4.328   -11.050 5.477   1.00 14.83 ? 279 HOH A O   1 
HETATM 1737 O O   . HOH B 2 .   ? 1.450   -17.100 7.059   1.00 25.00 ? 280 HOH A O   1 
HETATM 1738 O O   . HOH B 2 .   ? -0.916  -4.039  15.745  1.00 30.50 ? 281 HOH A O   1 
HETATM 1739 O O   . HOH B 2 .   ? 8.130   11.434  15.332  1.00 36.12 ? 282 HOH A O   1 
HETATM 1740 O O   . HOH B 2 .   ? 7.859   8.234   12.631  1.00 39.16 ? 283 HOH A O   1 
HETATM 1741 O O   . HOH B 2 .   ? 2.958   12.587  14.723  1.00 19.81 ? 284 HOH A O   1 
HETATM 1742 O O   . HOH B 2 .   ? 5.835   -15.872 -18.582 1.00 38.96 ? 285 HOH A O   1 
HETATM 1743 O O   . HOH B 2 .   ? -5.279  2.434   17.691  1.00 47.91 ? 286 HOH A O   1 
HETATM 1744 O O   . HOH B 2 .   ? 5.367   -14.713 -12.927 1.00 21.23 ? 287 HOH A O   1 
HETATM 1745 O O   . HOH B 2 .   ? 5.655   -17.632 -12.860 1.00 34.23 ? 288 HOH A O   1 
HETATM 1746 O O   . HOH B 2 .   ? 8.847   -2.351  -16.640 1.00 45.97 ? 289 HOH A O   1 
HETATM 1747 O O   . HOH B 2 .   ? -4.892  -20.022 -6.460  1.00 34.52 ? 290 HOH A O   1 
HETATM 1748 O O   . HOH B 2 .   ? -7.120  -20.494 -3.573  1.00 32.47 ? 291 HOH A O   1 
HETATM 1749 O O   . HOH B 2 .   ? -3.947  -18.253 -4.649  1.00 19.04 ? 292 HOH A O   1 
HETATM 1750 O O   . HOH B 2 .   ? -6.980  -17.995 -8.096  1.00 37.17 ? 293 HOH A O   1 
HETATM 1751 O O   . HOH B 2 .   ? -4.734  -20.276 -12.468 1.00 41.71 ? 294 HOH A O   1 
HETATM 1752 O O   . HOH B 2 .   ? -8.794  6.505   16.870  1.00 61.30 ? 295 HOH A O   1 
HETATM 1753 O O   . HOH B 2 .   ? -1.802  17.162  11.904  1.00 25.33 ? 296 HOH A O   1 
HETATM 1754 O O   . HOH B 2 .   ? -2.006  14.939  14.876  1.00 30.86 ? 297 HOH A O   1 
HETATM 1755 O O   . HOH B 2 .   ? -0.466  12.389  17.970  1.00 59.01 ? 298 HOH A O   1 
HETATM 1756 O O   . HOH B 2 .   ? -16.497 -11.385 -4.234  1.00 45.65 ? 299 HOH A O   1 
HETATM 1757 O O   . HOH B 2 .   ? 1.884   19.684  11.017  1.00 37.04 ? 300 HOH A O   1 
HETATM 1758 O O   . HOH B 2 .   ? 4.610   21.814  5.892   1.00 32.35 ? 301 HOH A O   1 
HETATM 1759 O O   . HOH B 2 .   ? 5.992   23.204  4.128   1.00 24.11 ? 302 HOH A O   1 
HETATM 1760 O O   . HOH B 2 .   ? -5.557  24.009  10.371  1.00 42.00 ? 303 HOH A O   1 
HETATM 1761 O O   . HOH B 2 .   ? 10.583  19.392  4.791   1.00 29.37 ? 304 HOH A O   1 
HETATM 1762 O O   . HOH B 2 .   ? -8.135  20.526  13.040  1.00 37.58 ? 305 HOH A O   1 
HETATM 1763 O O   . HOH B 2 .   ? 9.774   -12.217 -17.811 1.00 53.57 ? 306 HOH A O   1 
HETATM 1764 O O   . HOH B 2 .   ? -3.481  13.210  16.820  1.00 41.94 ? 307 HOH A O   1 
HETATM 1765 O O   . HOH B 2 .   ? -6.545  11.955  19.135  1.00 62.24 ? 308 HOH A O   1 
HETATM 1766 O O   . HOH B 2 .   ? 8.269   5.798   15.481  1.00 34.42 ? 309 HOH A O   1 
HETATM 1767 O O   . HOH B 2 .   ? 10.707  6.598   11.715  1.00 60.92 ? 310 HOH A O   1 
HETATM 1768 O O   . HOH B 2 .   ? 10.670  9.081   9.601   1.00 41.87 ? 311 HOH A O   1 
HETATM 1769 O O   . HOH B 2 .   ? 5.312   -6.528  14.511  1.00 67.60 ? 312 HOH A O   1 
HETATM 1770 O O   . HOH B 2 .   ? 10.659  -8.795  10.205  1.00 33.67 ? 313 HOH A O   1 
HETATM 1771 O O   . HOH B 2 .   ? 12.698  -5.917  5.315   1.00 43.06 ? 314 HOH A O   1 
HETATM 1772 O O   . HOH B 2 .   ? 11.143  -12.476 3.382   1.00 55.19 ? 315 HOH A O   1 
HETATM 1773 O O   . HOH B 2 .   ? 11.269  -9.033  3.374   1.00 43.36 ? 316 HOH A O   1 
HETATM 1774 O O   . HOH B 2 .   ? 12.307  -0.991  3.219   1.00 37.16 ? 317 HOH A O   1 
HETATM 1775 O O   . HOH B 2 .   ? 13.058  -2.105  -6.197  1.00 41.17 ? 318 HOH A O   1 
HETATM 1776 O O   . HOH B 2 .   ? 9.397   -5.358  -8.227  1.00 38.89 ? 319 HOH A O   1 
HETATM 1777 O O   . HOH B 2 .   ? 15.388  4.562   -10.954 1.00 30.60 ? 320 HOH A O   1 
HETATM 1778 O O   . HOH B 2 .   ? 13.757  7.546   -9.667  1.00 39.64 ? 321 HOH A O   1 
HETATM 1779 O O   . HOH B 2 .   ? 10.186  -3.076  -12.211 1.00 45.35 ? 322 HOH A O   1 
HETATM 1780 O O   . HOH B 2 .   ? 10.102  -4.208  -14.862 1.00 56.11 ? 323 HOH A O   1 
HETATM 1781 O O   . HOH B 2 .   ? -9.931  10.240  -9.582  1.00 34.42 ? 324 HOH A O   1 
HETATM 1782 O O   . HOH B 2 .   ? -10.796 11.729  -7.247  1.00 40.45 ? 325 HOH A O   1 
HETATM 1783 O O   . HOH B 2 .   ? 9.571   9.493   -11.182 1.00 50.62 ? 326 HOH A O   1 
HETATM 1784 O O   . HOH B 2 .   ? -4.507  3.793   -9.444  1.00 41.47 ? 327 HOH A O   1 
HETATM 1785 O O   . HOH B 2 .   ? -6.875  4.719   -8.818  1.00 52.75 ? 328 HOH A O   1 
HETATM 1786 O O   . HOH B 2 .   ? 8.849   2.854   -12.193 1.00 46.09 ? 329 HOH A O   1 
HETATM 1787 O O   . HOH B 2 .   ? 11.395  5.115   -10.690 1.00 50.15 ? 330 HOH A O   1 
HETATM 1788 O O   . HOH B 2 .   ? -1.588  18.065  -9.901  1.00 40.98 ? 331 HOH A O   1 
HETATM 1789 O O   . HOH B 2 .   ? -8.163  18.179  -7.481  1.00 36.70 ? 332 HOH A O   1 
HETATM 1790 O O   . HOH B 2 .   ? -9.536  18.716  2.066   1.00 31.69 ? 333 HOH A O   1 
HETATM 1791 O O   . HOH B 2 .   ? -6.316  -8.483  11.700  1.00 27.85 ? 334 HOH A O   1 
HETATM 1792 O O   . HOH B 2 .   ? -9.124  -10.116 12.890  1.00 59.53 ? 335 HOH A O   1 
HETATM 1793 O O   . HOH B 2 .   ? -9.225  -14.503 15.148  1.00 50.27 ? 336 HOH A O   1 
HETATM 1794 O O   . HOH B 2 .   ? -4.344  -15.946 14.604  1.00 36.29 ? 337 HOH A O   1 
HETATM 1795 O O   . HOH B 2 .   ? -7.353  -15.338 8.196   1.00 28.43 ? 338 HOH A O   1 
HETATM 1796 O O   . HOH B 2 .   ? -6.183  -17.633 7.091   1.00 50.02 ? 339 HOH A O   1 
HETATM 1797 O O   . HOH B 2 .   ? 3.093   -3.762  -19.456 1.00 52.74 ? 340 HOH A O   1 
HETATM 1798 O O   . HOH B 2 .   ? -7.165  8.911   -12.138 1.00 45.95 ? 341 HOH A O   1 
HETATM 1799 O O   . HOH B 2 .   ? -6.494  -15.739 -16.844 1.00 35.55 ? 342 HOH A O   1 
HETATM 1800 O O   . HOH B 2 .   ? -6.614  7.761   0.237   1.00 14.00 ? 343 HOH A O   1 
HETATM 1801 O O   . HOH B 2 .   ? -12.422 -13.406 -5.752  1.00 44.00 ? 344 HOH A O   1 
HETATM 1802 O O   . HOH B 2 .   ? 12.435  3.253   -12.504 1.00 47.67 ? 345 HOH A O   1 
HETATM 1803 O O   . HOH B 2 .   ? -14.365 -4.261  -12.859 1.00 32.50 ? 346 HOH A O   1 
HETATM 1804 O O   . HOH B 2 .   ? -14.643 -1.616  -13.969 1.00 28.91 ? 347 HOH A O   1 
HETATM 1805 O O   . HOH B 2 .   ? -19.142 -8.020  -9.653  1.00 40.92 ? 348 HOH A O   1 
HETATM 1806 O O   . HOH B 2 .   ? -14.254 -7.863  3.723   1.00 35.21 ? 349 HOH A O   1 
HETATM 1807 O O   . HOH B 2 .   ? -1.647  -12.775 16.053  1.00 44.53 ? 350 HOH A O   1 
HETATM 1808 O O   . HOH B 2 .   ? -0.448  -11.056 17.800  1.00 65.34 ? 351 HOH A O   1 
HETATM 1809 O O   . HOH B 2 .   ? -9.276  0.906   13.296  1.00 55.20 ? 352 HOH A O   1 
HETATM 1810 O O   . HOH B 2 .   ? -6.670  -5.633  10.947  1.00 32.50 ? 353 HOH A O   1 
HETATM 1811 O O   . HOH B 2 .   ? -7.398  -1.370  12.469  1.00 41.99 ? 354 HOH A O   1 
HETATM 1812 O O   . HOH B 2 .   ? 6.378   20.121  -1.190  1.00 21.38 ? 355 HOH A O   1 
HETATM 1813 O O   . HOH B 2 .   ? 15.465  10.838  -4.493  1.00 36.02 ? 356 HOH A O   1 
HETATM 1814 O O   . HOH B 2 .   ? -1.195  19.921  2.864   1.00 42.88 ? 357 HOH A O   1 
HETATM 1815 O O   . HOH B 2 .   ? -10.893 2.055   11.198  1.00 40.31 ? 358 HOH A O   1 
HETATM 1816 O O   . HOH B 2 .   ? 9.526   17.976  -0.136  1.00 29.49 ? 359 HOH A O   1 
HETATM 1817 O O   . HOH B 2 .   ? 9.495   19.979  1.733   1.00 53.40 ? 360 HOH A O   1 
HETATM 1818 O O   . HOH B 2 .   ? 8.866   18.032  -5.413  1.00 26.33 ? 361 HOH A O   1 
HETATM 1819 O O   . HOH B 2 .   ? 16.497  11.991  -0.598  1.00 43.78 ? 362 HOH A O   1 
HETATM 1820 O O   . HOH B 2 .   ? 19.105  6.868   -5.496  1.00 44.86 ? 363 HOH A O   1 
HETATM 1821 O O   . HOH B 2 .   ? -8.043  2.458   -7.499  1.00 29.05 ? 364 HOH A O   1 
HETATM 1822 O O   . HOH B 2 .   ? 13.073  11.390  -6.895  1.00 34.76 ? 365 HOH A O   1 
HETATM 1823 O O   . HOH B 2 .   ? -9.875  4.202   12.666  1.00 29.57 ? 366 HOH A O   1 
HETATM 1824 O O   . HOH B 2 .   ? 11.467  12.552  10.180  1.00 42.23 ? 367 HOH A O   1 
HETATM 1825 O O   . HOH B 2 .   ? -13.016 12.244  0.021   1.00 45.09 ? 368 HOH A O   1 
HETATM 1826 O O   . HOH B 2 .   ? -12.766 19.679  4.587   1.00 35.37 ? 369 HOH A O   1 
HETATM 1827 O O   . HOH B 2 .   ? 8.871   19.051  15.787  1.00 37.40 ? 370 HOH A O   1 
HETATM 1828 O O   . HOH B 2 .   ? -11.090 -12.865 -9.724  1.00 34.28 ? 371 HOH A O   1 
HETATM 1829 O O   . HOH B 2 .   ? 6.927   20.737  4.427   1.00 36.49 ? 372 HOH A O   1 
HETATM 1830 O O   . HOH B 2 .   ? 8.951   -17.216 0.353   1.00 41.01 ? 373 HOH A O   1 
HETATM 1831 O O   . HOH B 2 .   ? -1.595  20.194  -0.254  1.00 35.24 ? 374 HOH A O   1 
HETATM 1832 O O   . HOH B 2 .   ? -4.229  21.294  0.095   1.00 51.36 ? 375 HOH A O   1 
HETATM 1833 O O   . HOH B 2 .   ? -2.550  22.917  1.448   1.00 43.25 ? 376 HOH A O   1 
HETATM 1834 O O   . HOH B 2 .   ? -17.218 8.112   0.242   1.00 43.59 ? 377 HOH A O   1 
HETATM 1835 O O   . HOH B 2 .   ? -15.416 7.167   -2.291  1.00 45.25 ? 378 HOH A O   1 
HETATM 1836 O O   . HOH B 2 .   ? 14.904  1.272   -9.889  1.00 38.77 ? 379 HOH A O   1 
HETATM 1837 O O   . HOH B 2 .   ? -15.010 10.683  8.982   1.00 45.54 ? 380 HOH A O   1 
HETATM 1838 O O   . HOH B 2 .   ? -14.337 9.530   11.766  1.00 45.57 ? 381 HOH A O   1 
HETATM 1839 O O   . HOH B 2 .   ? -2.969  1.948   -22.287 1.00 45.68 ? 382 HOH A O   1 
HETATM 1840 O O   . HOH B 2 .   ? 10.754  -6.430  -1.326  1.00 48.54 ? 383 HOH A O   1 
HETATM 1841 O O   . HOH B 2 .   ? -17.206 2.492   1.355   1.00 43.48 ? 384 HOH A O   1 
HETATM 1842 O O   . HOH B 2 .   ? -4.462  17.435  14.983  1.00 39.76 ? 385 HOH A O   1 
HETATM 1843 O O   . HOH B 2 .   ? -10.797 -12.311 11.761  1.00 50.07 ? 386 HOH A O   1 
HETATM 1844 O O   . HOH B 2 .   ? 11.517  -2.247  5.504   1.00 42.87 ? 387 HOH A O   1 
HETATM 1845 O O   . HOH B 2 .   ? -3.379  -2.754  -25.726 1.00 56.43 ? 388 HOH A O   1 
HETATM 1846 O O   . HOH B 2 .   ? 10.831  -12.912 -6.183  1.00 52.17 ? 389 HOH A O   1 
HETATM 1847 O O   . HOH B 2 .   ? 10.496  -14.122 8.567   1.00 50.49 ? 390 HOH A O   1 
HETATM 1848 O O   . HOH B 2 .   ? -3.826  -5.740  13.816  1.00 52.44 ? 391 HOH A O   1 
HETATM 1849 O O   . HOH B 2 .   ? -7.987  -11.736 -15.228 1.00 52.33 ? 392 HOH A O   1 
HETATM 1850 O O   . HOH B 2 .   ? -13.898 9.692   -0.193  1.00 47.44 ? 393 HOH A O   1 
HETATM 1851 O O   . HOH B 2 .   ? 7.502   -20.389 -1.521  1.00 55.91 ? 394 HOH A O   1 
HETATM 1852 O O   . HOH B 2 .   ? 16.444  7.234   -2.771  1.00 39.98 ? 395 HOH A O   1 
HETATM 1853 O O   . HOH B 2 .   ? 17.042  8.634   -0.807  1.00 51.88 ? 396 HOH A O   1 
HETATM 1854 O O   . HOH B 2 .   ? 10.230  -11.744 10.246  1.00 50.33 ? 397 HOH A O   1 
HETATM 1855 O O   . HOH B 2 .   ? 15.777  17.904  -1.942  1.00 55.71 ? 398 HOH A O   1 
HETATM 1856 O O   . HOH B 2 .   ? 14.170  14.206  -8.767  1.00 43.62 ? 399 HOH A O   1 
HETATM 1857 O O   . HOH B 2 .   ? -8.070  -14.354 -14.280 1.00 59.73 ? 400 HOH A O   1 
HETATM 1858 O O   . HOH B 2 .   ? 8.436   -9.013  -19.151 1.00 61.06 ? 401 HOH A O   1 
HETATM 1859 O O   . HOH B 2 .   ? 13.531  21.701  14.141  1.00 41.31 ? 402 HOH A O   1 
HETATM 1860 O O   . HOH B 2 .   ? -15.875 -2.321  0.004   1.00 45.83 ? 403 HOH A O   1 
HETATM 1861 O O   . HOH B 2 .   ? 14.447  1.945   3.604   1.00 38.52 ? 404 HOH A O   1 
HETATM 1862 O O   . HOH B 2 .   ? -15.735 12.599  6.935   1.00 59.84 ? 405 HOH A O   1 
HETATM 1863 O O   . HOH B 2 .   ? -6.455  -13.873 18.015  1.00 60.95 ? 406 HOH A O   1 
HETATM 1864 O O   . HOH B 2 .   ? -0.638  -24.825 -0.147  1.00 53.52 ? 407 HOH A O   1 
HETATM 1865 O O   . HOH B 2 .   ? -6.176  13.873  15.411  1.00 65.42 ? 408 HOH A O   1 
HETATM 1866 O O   . HOH B 2 .   ? 6.270   3.682   -12.567 1.00 45.49 ? 409 HOH A O   1 
HETATM 1867 O O   . HOH B 2 .   ? 11.081  -13.391 -2.161  1.00 48.86 ? 410 HOH A O   1 
HETATM 1868 O O   . HOH B 2 .   ? -12.233 -19.538 -4.311  1.00 54.97 ? 411 HOH A O   1 
HETATM 1869 O O   . HOH B 2 .   ? -11.291 14.372  -7.489  1.00 61.00 ? 412 HOH A O   1 
HETATM 1870 O O   . HOH B 2 .   ? 9.680   14.506  16.605  1.00 63.59 ? 413 HOH A O   1 
HETATM 1871 O O   . HOH B 2 .   ? -6.559  -4.373  -19.262 1.00 43.23 ? 414 HOH A O   1 
HETATM 1872 O O   . HOH B 2 .   ? 12.049  17.309  14.687  1.00 43.34 ? 415 HOH A O   1 
HETATM 1873 O O   . HOH B 2 .   ? -5.972  -11.849 14.405  1.00 44.75 ? 416 HOH A O   1 
HETATM 1874 O O   . HOH B 2 .   ? 8.685   -16.032 -14.281 1.00 54.28 ? 417 HOH A O   1 
HETATM 1875 O O   . HOH B 2 .   ? 3.415   7.654   22.269  1.00 52.76 ? 418 HOH A O   1 
HETATM 1876 O O   . HOH B 2 .   ? -16.026 -7.375  -8.280  1.00 45.96 ? 419 HOH A O   1 
HETATM 1877 O O   . HOH B 2 .   ? 14.691  -2.364  2.840   1.00 63.28 ? 420 HOH A O   1 
HETATM 1878 O O   . HOH B 2 .   ? 8.263   -9.353  -4.009  1.00 57.67 ? 421 HOH A O   1 
HETATM 1879 O O   . HOH B 2 .   ? 14.326  -1.013  -8.596  1.00 51.76 ? 422 HOH A O   1 
HETATM 1880 O O   . HOH B 2 .   ? 10.067  2.001   -15.324 1.00 70.07 ? 423 HOH A O   1 
HETATM 1881 O O   . HOH B 2 .   ? 2.613   4.884   -11.404 1.00 59.04 ? 424 HOH A O   1 
HETATM 1882 O O   . HOH B 2 .   ? 2.163   -12.727 16.319  1.00 50.05 ? 425 HOH A O   1 
HETATM 1883 O O   . HOH B 2 .   ? -1.978  2.279   -17.947 1.00 53.47 ? 426 HOH A O   1 
HETATM 1884 O O   . HOH B 2 .   ? -0.684  -2.542  -20.496 1.00 54.76 ? 427 HOH A O   1 
HETATM 1885 O O   . HOH B 2 .   ? -12.534 3.459   -8.269  1.00 41.96 ? 428 HOH A O   1 
HETATM 1886 O O   . HOH B 2 .   ? 12.433  -13.225 -11.069 1.00 64.52 ? 429 HOH A O   1 
HETATM 1887 O O   . HOH B 2 .   ? -0.208  -13.578 -22.083 1.00 57.94 ? 430 HOH A O   1 
HETATM 1888 O O   . HOH B 2 .   ? -9.229  -16.888 7.138   1.00 53.37 ? 431 HOH A O   1 
HETATM 1889 O O   . HOH B 2 .   ? -12.837 0.841   10.001  1.00 38.02 ? 432 HOH A O   1 
HETATM 1890 O O   . HOH B 2 .   ? -16.060 6.574   4.445   1.00 62.00 ? 433 HOH A O   1 
HETATM 1891 O O   . HOH B 2 .   ? -13.184 17.139  3.520   1.00 53.18 ? 434 HOH A O   1 
HETATM 1892 O O   . HOH B 2 .   ? -12.266 5.609   13.506  1.00 59.78 ? 435 HOH A O   1 
HETATM 1893 O O   . HOH B 2 .   ? -4.503  -5.075  8.789   1.00 45.74 ? 436 HOH A O   1 
HETATM 1894 O O   . HOH B 2 .   ? 7.619   13.714  -14.025 1.00 54.17 ? 437 HOH A O   1 
HETATM 1895 O O   . HOH B 2 .   ? 11.564  10.940  -10.375 1.00 55.21 ? 438 HOH A O   1 
HETATM 1896 O O   . HOH B 2 .   ? 1.743   23.297  -1.839  1.00 51.59 ? 439 HOH A O   1 
HETATM 1897 O O   . HOH B 2 .   ? -0.695  19.700  9.619   1.00 51.77 ? 440 HOH A O   1 
# 
loop_
_pdbx_poly_seq_scheme.asym_id 
_pdbx_poly_seq_scheme.entity_id 
_pdbx_poly_seq_scheme.seq_id 
_pdbx_poly_seq_scheme.mon_id 
_pdbx_poly_seq_scheme.ndb_seq_num 
_pdbx_poly_seq_scheme.pdb_seq_num 
_pdbx_poly_seq_scheme.auth_seq_num 
_pdbx_poly_seq_scheme.pdb_mon_id 
_pdbx_poly_seq_scheme.auth_mon_id 
_pdbx_poly_seq_scheme.pdb_strand_id 
_pdbx_poly_seq_scheme.pdb_ins_code 
_pdbx_poly_seq_scheme.hetero 
A 1 1   TYR 1   1   1   TYR TYR A . n 
A 1 2   PRO 2   2   2   PRO PRO A . n 
A 1 3   GLN 3   3   3   GLN GLN A . n 
A 1 4   SER 4   4   4   SER SER A . n 
A 1 5   ILE 5   5   5   ILE ILE A . n 
A 1 6   ASP 6   6   6   ASP ASP A . n 
A 1 7   TRP 7   7   7   TRP TRP A . n 
A 1 8   ARG 8   8   8   ARG ARG A . n 
A 1 9   ALA 9   9   9   ALA ALA A . n 
A 1 10  LYS 10  10  10  LYS LYS A . n 
A 1 11  GLY 11  11  11  GLY GLY A . n 
A 1 12  ALA 12  12  12  ALA ALA A . n 
A 1 13  VAL 13  13  13  VAL VAL A . n 
A 1 14  THR 14  14  14  THR THR A . n 
A 1 15  PRO 15  15  15  PRO PRO A . n 
A 1 16  VAL 16  16  16  VAL VAL A . n 
A 1 17  LYS 17  17  17  LYS LYS A . n 
A 1 18  ASN 18  18  18  ASN ASN A . n 
A 1 19  GLN 19  19  19  GLN GLN A . n 
A 1 20  GLY 20  20  20  GLY GLY A . n 
A 1 21  ALA 21  21  21  ALA ALA A . n 
A 1 22  CYS 22  22  22  CYS CYS A . n 
A 1 23  GLY 23  23  23  GLY GLY A . n 
A 1 24  SER 24  24  24  SER SER A . n 
A 1 25  SCH 25  25  25  SCH SCH A . n 
A 1 26  TRP 26  26  26  TRP TRP A . n 
A 1 27  ALA 27  27  27  ALA ALA A . n 
A 1 28  PHE 28  28  28  PHE PHE A . n 
A 1 29  SER 29  29  29  SER SER A . n 
A 1 30  THR 30  30  30  THR THR A . n 
A 1 31  ILE 31  31  31  ILE ILE A . n 
A 1 32  ALA 32  32  32  ALA ALA A . n 
A 1 33  THR 33  33  33  THR THR A . n 
A 1 34  VAL 34  34  34  VAL VAL A . n 
A 1 35  GLU 35  35  35  GLU GLU A . n 
A 1 36  GLY 36  36  36  GLY GLY A . n 
A 1 37  ILE 37  37  37  ILE ILE A . n 
A 1 38  ASN 38  38  38  ASN ASN A . n 
A 1 39  LYS 39  39  39  LYS LYS A . n 
A 1 40  ILE 40  40  40  ILE ILE A . n 
A 1 41  VAL 41  41  41  VAL VAL A . n 
A 1 42  THR 42  42  42  THR THR A . n 
A 1 43  GLY 43  43  43  GLY GLY A . n 
A 1 44  ASN 44  44  44  ASN ASN A . n 
A 1 45  LEU 45  45  45  LEU LEU A . n 
A 1 46  LEU 46  46  46  LEU LEU A . n 
A 1 47  GLU 47  47  47  GLU GLU A . n 
A 1 48  LEU 48  48  48  LEU LEU A . n 
A 1 49  SER 49  49  49  SER SER A . n 
A 1 50  GLU 50  50  50  GLU GLU A . n 
A 1 51  GLN 51  51  51  GLN GLN A . n 
A 1 52  GLU 52  52  52  GLU GLU A . n 
A 1 53  LEU 53  53  53  LEU LEU A . n 
A 1 54  VAL 54  54  54  VAL VAL A . n 
A 1 55  ASP 55  55  55  ASP ASP A . n 
A 1 56  CYS 56  56  56  CYS CYS A . n 
A 1 57  ASP 57  57  57  ASP ASP A . n 
A 1 58  LYS 58  58  58  LYS LYS A . n 
A 1 59  HIS 59  59  59  HIS HIS A . n 
A 1 60  SER 60  60  60  SER SER A . n 
A 1 61  TYR 61  61  61  TYR TYR A . n 
A 1 62  GLY 62  62  62  GLY GLY A . n 
A 1 63  CYS 63  63  63  CYS CYS A . n 
A 1 64  LYS 64  64  64  LYS LYS A . n 
A 1 65  GLY 65  65  65  GLY GLY A . n 
A 1 66  GLY 66  66  66  GLY GLY A . n 
A 1 67  TYR 67  67  67  TYR TYR A . n 
A 1 68  GLN 68  68  68  GLN GLN A . n 
A 1 69  THR 69  69  69  THR THR A . n 
A 1 70  THR 70  70  70  THR THR A . n 
A 1 71  SER 71  71  71  SER SER A . n 
A 1 72  LEU 72  72  72  LEU LEU A . n 
A 1 73  GLN 73  73  73  GLN GLN A . n 
A 1 74  TYR 74  74  74  TYR TYR A . n 
A 1 75  VAL 75  75  75  VAL VAL A . n 
A 1 76  ALA 76  76  76  ALA ALA A . n 
A 1 77  ASN 77  77  77  ASN ASN A . n 
A 1 78  ASN 78  78  78  ASN ASN A . n 
A 1 79  GLY 79  79  79  GLY GLY A . n 
A 1 80  VAL 80  80  80  VAL VAL A . n 
A 1 81  HIS 81  81  81  HIS HIS A . n 
A 1 82  THR 82  82  82  THR THR A . n 
A 1 83  SER 83  83  83  SER SER A . n 
A 1 84  LYS 84  84  84  LYS LYS A . n 
A 1 85  VAL 85  85  85  VAL VAL A . n 
A 1 86  TYR 86  86  86  TYR TYR A . n 
A 1 87  PRO 87  87  87  PRO PRO A . n 
A 1 88  TYR 88  88  88  TYR TYR A . n 
A 1 89  GLN 89  89  89  GLN GLN A . n 
A 1 90  ALA 90  90  90  ALA ALA A . n 
A 1 91  LYS 91  91  91  LYS LYS A . n 
A 1 92  GLN 92  92  92  GLN GLN A . n 
A 1 93  TYR 93  93  93  TYR TYR A . n 
A 1 94  LYS 94  94  94  LYS LYS A . n 
A 1 95  CYS 95  95  95  CYS CYS A . n 
A 1 96  ARG 96  96  96  ARG ARG A . n 
A 1 97  ALA 97  97  97  ALA ALA A . n 
A 1 98  THR 98  98  98  THR THR A . n 
A 1 99  ASP 99  99  99  ASP ASP A . n 
A 1 100 LYS 100 100 100 LYS LYS A . n 
A 1 101 PRO 101 101 101 PRO PRO A . n 
A 1 102 GLY 102 102 102 GLY GLY A . n 
A 1 103 PRO 103 103 103 PRO PRO A . n 
A 1 104 LYS 104 104 104 LYS LYS A . n 
A 1 105 VAL 105 105 105 VAL VAL A . n 
A 1 106 LYS 106 106 106 LYS LYS A . n 
A 1 107 ILE 107 107 107 ILE ILE A . n 
A 1 108 THR 108 108 108 THR THR A . n 
A 1 109 GLY 109 109 109 GLY GLY A . n 
A 1 110 TYR 110 110 110 TYR TYR A . n 
A 1 111 LYS 111 111 111 LYS LYS A . n 
A 1 112 ARG 112 112 112 ARG ARG A . n 
A 1 113 VAL 113 113 113 VAL VAL A . n 
A 1 114 PRO 114 114 114 PRO PRO A . n 
A 1 115 SER 115 115 115 SER SER A . n 
A 1 116 ASN 116 116 116 ASN ASN A . n 
A 1 117 SCH 117 117 117 SCH SCH A . n 
A 1 118 GLU 118 118 118 GLU GLU A . n 
A 1 119 THR 119 119 119 THR THR A . n 
A 1 120 SER 120 120 120 SER SER A . n 
A 1 121 PHE 121 121 121 PHE PHE A . n 
A 1 122 LEU 122 122 122 LEU LEU A . n 
A 1 123 GLY 123 123 123 GLY GLY A . n 
A 1 124 ALA 124 124 124 ALA ALA A . n 
A 1 125 LEU 125 125 125 LEU LEU A . n 
A 1 126 ALA 126 126 126 ALA ALA A . n 
A 1 127 ASN 127 127 127 ASN ASN A . n 
A 1 128 GLN 128 128 128 GLN GLN A . n 
A 1 129 PRO 129 129 129 PRO PRO A . n 
A 1 130 LEU 130 130 130 LEU LEU A . n 
A 1 131 SER 131 131 131 SER SER A . n 
A 1 132 VAL 132 132 132 VAL VAL A . n 
A 1 133 LEU 133 133 133 LEU LEU A . n 
A 1 134 VAL 134 134 134 VAL VAL A . n 
A 1 135 GLU 135 135 135 GLU GLU A . n 
A 1 136 ALA 136 136 136 ALA ALA A . n 
A 1 137 GLY 137 137 137 GLY GLY A . n 
A 1 138 GLY 138 138 138 GLY GLY A . n 
A 1 139 LYS 139 139 139 LYS LYS A . n 
A 1 140 PRO 140 140 140 PRO PRO A . n 
A 1 141 PHE 141 141 141 PHE PHE A . n 
A 1 142 GLN 142 142 142 GLN GLN A . n 
A 1 143 LEU 143 143 143 LEU LEU A . n 
A 1 144 TYR 144 144 144 TYR TYR A . n 
A 1 145 LYS 145 145 145 LYS LYS A . n 
A 1 146 SER 146 146 146 SER SER A . n 
A 1 147 GLY 147 147 147 GLY GLY A . n 
A 1 148 VAL 148 148 148 VAL VAL A . n 
A 1 149 PHE 149 149 149 PHE PHE A . n 
A 1 150 ASP 150 150 150 ASP ASP A . n 
A 1 151 GLY 151 151 151 GLY GLY A . n 
A 1 152 PRO 152 152 152 PRO PRO A . n 
A 1 153 CYS 153 153 153 CYS CYS A . n 
A 1 154 GLY 154 154 154 GLY GLY A . n 
A 1 155 THR 155 155 155 THR THR A . n 
A 1 156 LYS 156 156 156 LYS LYS A . n 
A 1 157 LEU 157 157 157 LEU LEU A . n 
A 1 158 ASP 158 158 158 ASP ASP A . n 
A 1 159 HIS 159 159 159 HIS HIS A . n 
A 1 160 ALA 160 160 160 ALA ALA A . n 
A 1 161 VAL 161 161 161 VAL VAL A . n 
A 1 162 THR 162 162 162 THR THR A . n 
A 1 163 ALA 163 163 163 ALA ALA A . n 
A 1 164 VAL 164 164 164 VAL VAL A . n 
A 1 165 GLY 165 165 165 GLY GLY A . n 
A 1 166 TYR 166 166 166 TYR TYR A . n 
A 1 167 GLY 167 167 167 GLY GLY A . n 
A 1 168 THR 168 168 168 THR THR A . n 
A 1 169 SER 169 169 169 SER SER A . n 
A 1 170 ASP 170 170 170 ASP ASP A . n 
A 1 171 GLY 171 171 171 GLY GLY A . n 
A 1 172 LYS 172 172 172 LYS LYS A . n 
A 1 173 ASN 173 173 173 ASN ASN A . n 
A 1 174 TYR 174 174 174 TYR TYR A . n 
A 1 175 ILE 175 175 175 ILE ILE A . n 
A 1 176 ILE 176 176 176 ILE ILE A . n 
A 1 177 ILE 177 177 177 ILE ILE A . n 
A 1 178 LYS 178 178 178 LYS LYS A . n 
A 1 179 ASN 179 179 179 ASN ASN A . n 
A 1 180 SER 180 180 180 SER SER A . n 
A 1 181 TRP 181 181 181 TRP TRP A . n 
A 1 182 GLY 182 182 182 GLY GLY A . n 
A 1 183 PRO 183 183 183 PRO PRO A . n 
A 1 184 ASN 184 184 184 ASN ASN A . n 
A 1 185 TRP 185 185 185 TRP TRP A . n 
A 1 186 GLY 186 186 186 GLY GLY A . n 
A 1 187 GLU 187 187 187 GLU GLU A . n 
A 1 188 LYS 188 188 188 LYS LYS A . n 
A 1 189 GLY 189 189 189 GLY GLY A . n 
A 1 190 TYR 190 190 190 TYR TYR A . n 
A 1 191 MET 191 191 191 MET MET A . n 
A 1 192 ARG 192 192 192 ARG ARG A . n 
A 1 193 LEU 193 193 193 LEU LEU A . n 
A 1 194 LYS 194 194 194 LYS LYS A . n 
A 1 195 ARG 195 195 195 ARG ARG A . n 
A 1 196 GLN 196 196 196 GLN GLN A . n 
A 1 197 SER 197 197 197 SER SER A . n 
A 1 198 GLY 198 198 198 GLY GLY A . n 
A 1 199 ASN 199 199 199 ASN ASN A . n 
A 1 200 SER 200 200 200 SER SER A . n 
A 1 201 GLN 201 201 201 GLN GLN A . n 
A 1 202 GLY 202 202 202 GLY GLY A . n 
A 1 203 THR 203 203 203 THR THR A . n 
A 1 204 CYS 204 204 204 CYS CYS A . n 
A 1 205 GLY 205 205 205 GLY GLY A . n 
A 1 206 VAL 206 206 206 VAL VAL A . n 
A 1 207 TYR 207 207 207 TYR TYR A . n 
A 1 208 LYS 208 208 208 LYS LYS A . n 
A 1 209 SER 209 209 209 SER SER A . n 
A 1 210 SER 210 210 210 SER SER A . n 
A 1 211 TYR 211 211 211 TYR TYR A . n 
A 1 212 TYR 212 212 212 TYR TYR A . n 
A 1 213 PRO 213 213 213 PRO PRO A . n 
A 1 214 PHE 214 214 214 PHE PHE A . n 
A 1 215 LYS 215 215 215 LYS LYS A . n 
A 1 216 GLY 216 216 216 GLY GLY A . n 
A 1 217 PHE 217 217 217 PHE PHE A . n 
A 1 218 ALA 218 218 218 ALA ALA A . n 
# 
loop_
_pdbx_nonpoly_scheme.asym_id 
_pdbx_nonpoly_scheme.entity_id 
_pdbx_nonpoly_scheme.mon_id 
_pdbx_nonpoly_scheme.ndb_seq_num 
_pdbx_nonpoly_scheme.pdb_seq_num 
_pdbx_nonpoly_scheme.auth_seq_num 
_pdbx_nonpoly_scheme.pdb_mon_id 
_pdbx_nonpoly_scheme.auth_mon_id 
_pdbx_nonpoly_scheme.pdb_strand_id 
_pdbx_nonpoly_scheme.pdb_ins_code 
B 2 HOH 1   219 1   HOH HOH A . 
B 2 HOH 2   220 2   HOH HOH A . 
B 2 HOH 3   221 3   HOH HOH A . 
B 2 HOH 4   222 4   HOH HOH A . 
B 2 HOH 5   223 5   HOH HOH A . 
B 2 HOH 6   224 6   HOH HOH A . 
B 2 HOH 7   225 7   HOH HOH A . 
B 2 HOH 8   226 8   HOH HOH A . 
B 2 HOH 9   227 9   HOH HOH A . 
B 2 HOH 10  228 10  HOH HOH A . 
B 2 HOH 11  229 11  HOH HOH A . 
B 2 HOH 12  230 12  HOH HOH A . 
B 2 HOH 13  231 13  HOH HOH A . 
B 2 HOH 14  232 14  HOH HOH A . 
B 2 HOH 15  233 15  HOH HOH A . 
B 2 HOH 16  234 16  HOH HOH A . 
B 2 HOH 17  235 17  HOH HOH A . 
B 2 HOH 18  236 18  HOH HOH A . 
B 2 HOH 19  237 19  HOH HOH A . 
B 2 HOH 20  238 20  HOH HOH A . 
B 2 HOH 21  239 21  HOH HOH A . 
B 2 HOH 22  240 22  HOH HOH A . 
B 2 HOH 23  241 23  HOH HOH A . 
B 2 HOH 24  242 24  HOH HOH A . 
B 2 HOH 25  243 25  HOH HOH A . 
B 2 HOH 26  244 26  HOH HOH A . 
B 2 HOH 27  245 27  HOH HOH A . 
B 2 HOH 28  246 28  HOH HOH A . 
B 2 HOH 29  247 29  HOH HOH A . 
B 2 HOH 30  248 30  HOH HOH A . 
B 2 HOH 31  249 31  HOH HOH A . 
B 2 HOH 32  250 32  HOH HOH A . 
B 2 HOH 33  251 33  HOH HOH A . 
B 2 HOH 34  252 34  HOH HOH A . 
B 2 HOH 35  253 35  HOH HOH A . 
B 2 HOH 36  254 36  HOH HOH A . 
B 2 HOH 37  255 37  HOH HOH A . 
B 2 HOH 38  256 38  HOH HOH A . 
B 2 HOH 39  257 39  HOH HOH A . 
B 2 HOH 40  258 40  HOH HOH A . 
B 2 HOH 41  259 41  HOH HOH A . 
B 2 HOH 42  260 42  HOH HOH A . 
B 2 HOH 43  261 43  HOH HOH A . 
B 2 HOH 44  262 44  HOH HOH A . 
B 2 HOH 45  263 45  HOH HOH A . 
B 2 HOH 46  264 46  HOH HOH A . 
B 2 HOH 47  265 47  HOH HOH A . 
B 2 HOH 48  266 48  HOH HOH A . 
B 2 HOH 49  267 49  HOH HOH A . 
B 2 HOH 50  268 50  HOH HOH A . 
B 2 HOH 51  269 51  HOH HOH A . 
B 2 HOH 52  270 52  HOH HOH A . 
B 2 HOH 53  271 53  HOH HOH A . 
B 2 HOH 54  272 54  HOH HOH A . 
B 2 HOH 55  273 55  HOH HOH A . 
B 2 HOH 56  274 56  HOH HOH A . 
B 2 HOH 57  275 57  HOH HOH A . 
B 2 HOH 58  276 58  HOH HOH A . 
B 2 HOH 59  277 59  HOH HOH A . 
B 2 HOH 60  278 60  HOH HOH A . 
B 2 HOH 61  279 61  HOH HOH A . 
B 2 HOH 62  280 62  HOH HOH A . 
B 2 HOH 63  281 63  HOH HOH A . 
B 2 HOH 64  282 64  HOH HOH A . 
B 2 HOH 65  283 65  HOH HOH A . 
B 2 HOH 66  284 66  HOH HOH A . 
B 2 HOH 67  285 67  HOH HOH A . 
B 2 HOH 68  286 68  HOH HOH A . 
B 2 HOH 69  287 69  HOH HOH A . 
B 2 HOH 70  288 70  HOH HOH A . 
B 2 HOH 71  289 71  HOH HOH A . 
B 2 HOH 72  290 72  HOH HOH A . 
B 2 HOH 73  291 73  HOH HOH A . 
B 2 HOH 74  292 74  HOH HOH A . 
B 2 HOH 75  293 75  HOH HOH A . 
B 2 HOH 76  294 76  HOH HOH A . 
B 2 HOH 77  295 77  HOH HOH A . 
B 2 HOH 78  296 78  HOH HOH A . 
B 2 HOH 79  297 79  HOH HOH A . 
B 2 HOH 80  298 80  HOH HOH A . 
B 2 HOH 81  299 81  HOH HOH A . 
B 2 HOH 82  300 82  HOH HOH A . 
B 2 HOH 83  301 83  HOH HOH A . 
B 2 HOH 84  302 84  HOH HOH A . 
B 2 HOH 85  303 85  HOH HOH A . 
B 2 HOH 86  304 86  HOH HOH A . 
B 2 HOH 87  305 87  HOH HOH A . 
B 2 HOH 88  306 88  HOH HOH A . 
B 2 HOH 89  307 89  HOH HOH A . 
B 2 HOH 90  308 90  HOH HOH A . 
B 2 HOH 91  309 91  HOH HOH A . 
B 2 HOH 92  310 92  HOH HOH A . 
B 2 HOH 93  311 93  HOH HOH A . 
B 2 HOH 94  312 94  HOH HOH A . 
B 2 HOH 95  313 95  HOH HOH A . 
B 2 HOH 96  314 96  HOH HOH A . 
B 2 HOH 97  315 97  HOH HOH A . 
B 2 HOH 98  316 98  HOH HOH A . 
B 2 HOH 99  317 99  HOH HOH A . 
B 2 HOH 100 318 100 HOH HOH A . 
B 2 HOH 101 319 101 HOH HOH A . 
B 2 HOH 102 320 102 HOH HOH A . 
B 2 HOH 103 321 103 HOH HOH A . 
B 2 HOH 104 322 104 HOH HOH A . 
B 2 HOH 105 323 105 HOH HOH A . 
B 2 HOH 106 324 106 HOH HOH A . 
B 2 HOH 107 325 107 HOH HOH A . 
B 2 HOH 108 326 108 HOH HOH A . 
B 2 HOH 109 327 109 HOH HOH A . 
B 2 HOH 110 328 110 HOH HOH A . 
B 2 HOH 111 329 111 HOH HOH A . 
B 2 HOH 112 330 112 HOH HOH A . 
B 2 HOH 113 331 113 HOH HOH A . 
B 2 HOH 114 332 114 HOH HOH A . 
B 2 HOH 115 333 115 HOH HOH A . 
B 2 HOH 116 334 116 HOH HOH A . 
B 2 HOH 117 335 117 HOH HOH A . 
B 2 HOH 118 336 118 HOH HOH A . 
B 2 HOH 119 337 119 HOH HOH A . 
B 2 HOH 120 338 120 HOH HOH A . 
B 2 HOH 121 339 121 HOH HOH A . 
B 2 HOH 122 340 122 HOH HOH A . 
B 2 HOH 123 341 123 HOH HOH A . 
B 2 HOH 124 342 124 HOH HOH A . 
B 2 HOH 125 343 125 HOH HOH A . 
B 2 HOH 126 344 126 HOH HOH A . 
B 2 HOH 127 345 127 HOH HOH A . 
B 2 HOH 128 346 128 HOH HOH A . 
B 2 HOH 129 347 129 HOH HOH A . 
B 2 HOH 130 348 130 HOH HOH A . 
B 2 HOH 131 349 131 HOH HOH A . 
B 2 HOH 132 350 132 HOH HOH A . 
B 2 HOH 133 351 133 HOH HOH A . 
B 2 HOH 134 352 134 HOH HOH A . 
B 2 HOH 135 353 135 HOH HOH A . 
B 2 HOH 136 354 136 HOH HOH A . 
B 2 HOH 137 355 137 HOH HOH A . 
B 2 HOH 138 356 138 HOH HOH A . 
B 2 HOH 139 357 139 HOH HOH A . 
B 2 HOH 140 358 140 HOH HOH A . 
B 2 HOH 141 359 141 HOH HOH A . 
B 2 HOH 142 360 142 HOH HOH A . 
B 2 HOH 143 361 143 HOH HOH A . 
B 2 HOH 144 362 144 HOH HOH A . 
B 2 HOH 145 363 145 HOH HOH A . 
B 2 HOH 146 364 146 HOH HOH A . 
B 2 HOH 147 365 147 HOH HOH A . 
B 2 HOH 148 366 148 HOH HOH A . 
B 2 HOH 149 367 149 HOH HOH A . 
B 2 HOH 150 368 150 HOH HOH A . 
B 2 HOH 151 369 151 HOH HOH A . 
B 2 HOH 152 370 152 HOH HOH A . 
B 2 HOH 153 371 153 HOH HOH A . 
B 2 HOH 154 372 154 HOH HOH A . 
B 2 HOH 155 373 155 HOH HOH A . 
B 2 HOH 156 374 156 HOH HOH A . 
B 2 HOH 157 375 157 HOH HOH A . 
B 2 HOH 158 376 158 HOH HOH A . 
B 2 HOH 159 377 159 HOH HOH A . 
B 2 HOH 160 378 160 HOH HOH A . 
B 2 HOH 161 379 161 HOH HOH A . 
B 2 HOH 162 380 162 HOH HOH A . 
B 2 HOH 163 381 163 HOH HOH A . 
B 2 HOH 164 382 164 HOH HOH A . 
B 2 HOH 165 383 165 HOH HOH A . 
B 2 HOH 166 384 166 HOH HOH A . 
B 2 HOH 167 385 167 HOH HOH A . 
B 2 HOH 168 386 168 HOH HOH A . 
B 2 HOH 169 387 169 HOH HOH A . 
B 2 HOH 170 388 170 HOH HOH A . 
B 2 HOH 171 389 171 HOH HOH A . 
B 2 HOH 172 390 172 HOH HOH A . 
B 2 HOH 173 391 173 HOH HOH A . 
B 2 HOH 174 392 174 HOH HOH A . 
B 2 HOH 175 393 175 HOH HOH A . 
B 2 HOH 176 394 176 HOH HOH A . 
B 2 HOH 177 395 177 HOH HOH A . 
B 2 HOH 178 396 178 HOH HOH A . 
B 2 HOH 179 397 179 HOH HOH A . 
B 2 HOH 180 398 180 HOH HOH A . 
B 2 HOH 181 399 181 HOH HOH A . 
B 2 HOH 182 400 182 HOH HOH A . 
B 2 HOH 183 401 183 HOH HOH A . 
B 2 HOH 184 402 184 HOH HOH A . 
B 2 HOH 185 403 185 HOH HOH A . 
B 2 HOH 186 404 186 HOH HOH A . 
B 2 HOH 187 405 187 HOH HOH A . 
B 2 HOH 188 406 188 HOH HOH A . 
B 2 HOH 189 407 189 HOH HOH A . 
B 2 HOH 190 408 190 HOH HOH A . 
B 2 HOH 191 409 191 HOH HOH A . 
B 2 HOH 192 410 192 HOH HOH A . 
B 2 HOH 193 411 193 HOH HOH A . 
B 2 HOH 194 412 194 HOH HOH A . 
B 2 HOH 195 413 195 HOH HOH A . 
B 2 HOH 196 414 196 HOH HOH A . 
B 2 HOH 197 415 197 HOH HOH A . 
B 2 HOH 198 416 198 HOH HOH A . 
B 2 HOH 199 417 199 HOH HOH A . 
B 2 HOH 200 418 200 HOH HOH A . 
B 2 HOH 201 419 201 HOH HOH A . 
B 2 HOH 202 420 202 HOH HOH A . 
B 2 HOH 203 421 203 HOH HOH A . 
B 2 HOH 204 422 204 HOH HOH A . 
B 2 HOH 205 423 205 HOH HOH A . 
B 2 HOH 206 424 206 HOH HOH A . 
B 2 HOH 207 425 207 HOH HOH A . 
B 2 HOH 208 426 208 HOH HOH A . 
B 2 HOH 209 427 209 HOH HOH A . 
B 2 HOH 210 428 210 HOH HOH A . 
B 2 HOH 211 429 211 HOH HOH A . 
B 2 HOH 212 430 212 HOH HOH A . 
B 2 HOH 213 431 213 HOH HOH A . 
B 2 HOH 214 432 214 HOH HOH A . 
B 2 HOH 215 433 215 HOH HOH A . 
B 2 HOH 216 434 216 HOH HOH A . 
B 2 HOH 217 435 217 HOH HOH A . 
B 2 HOH 218 436 218 HOH HOH A . 
B 2 HOH 219 437 219 HOH HOH A . 
B 2 HOH 220 438 220 HOH HOH A . 
B 2 HOH 221 439 221 HOH HOH A . 
B 2 HOH 222 440 222 HOH HOH A . 
# 
loop_
_pdbx_struct_mod_residue.id 
_pdbx_struct_mod_residue.label_asym_id 
_pdbx_struct_mod_residue.label_comp_id 
_pdbx_struct_mod_residue.label_seq_id 
_pdbx_struct_mod_residue.auth_asym_id 
_pdbx_struct_mod_residue.auth_comp_id 
_pdbx_struct_mod_residue.auth_seq_id 
_pdbx_struct_mod_residue.PDB_ins_code 
_pdbx_struct_mod_residue.parent_comp_id 
_pdbx_struct_mod_residue.details 
1 A SCH 25  A SCH 25  ? CYS S-METHYL-THIO-CYSTEINE 
2 A SCH 117 A SCH 117 ? CYS S-METHYL-THIO-CYSTEINE 
# 
_pdbx_struct_assembly.id                   1 
_pdbx_struct_assembly.details              author_defined_assembly 
_pdbx_struct_assembly.method_details       ? 
_pdbx_struct_assembly.oligomeric_details   dimeric 
_pdbx_struct_assembly.oligomeric_count     2 
# 
_pdbx_struct_assembly_gen.assembly_id       1 
_pdbx_struct_assembly_gen.oper_expression   1,2 
_pdbx_struct_assembly_gen.asym_id_list      A,B 
# 
loop_
_pdbx_struct_oper_list.id 
_pdbx_struct_oper_list.type 
_pdbx_struct_oper_list.name 
_pdbx_struct_oper_list.symmetry_operation 
_pdbx_struct_oper_list.matrix[1][1] 
_pdbx_struct_oper_list.matrix[1][2] 
_pdbx_struct_oper_list.matrix[1][3] 
_pdbx_struct_oper_list.vector[1] 
_pdbx_struct_oper_list.matrix[2][1] 
_pdbx_struct_oper_list.matrix[2][2] 
_pdbx_struct_oper_list.matrix[2][3] 
_pdbx_struct_oper_list.vector[2] 
_pdbx_struct_oper_list.matrix[3][1] 
_pdbx_struct_oper_list.matrix[3][2] 
_pdbx_struct_oper_list.matrix[3][3] 
_pdbx_struct_oper_list.vector[3] 
1 'identity operation'         1_555 x,y,z     1.0000000000 0.0000000000 0.0000000000 0.0000000000  0.0000000000 1.0000000000  0.0000000000 0.0000000000   0.0000000000 0.0000000000 1.0000000000  0.0000000000  
2 'crystal symmetry operation' 2_556 -x,y,-z+1 0.9285172500 0.1154546824 0.3528823213 -0.7822400477 0.1154546824 -0.9930880661 0.0211260316 -38.2524076091 0.3528823213 0.0211260316 -0.9354291839 16.7902517065 
# 
loop_
_pdbx_audit_revision_history.ordinal 
_pdbx_audit_revision_history.data_content_type 
_pdbx_audit_revision_history.major_revision 
_pdbx_audit_revision_history.minor_revision 
_pdbx_audit_revision_history.revision_date 
1 'Structure model' 1 0 1996-12-23 
2 'Structure model' 1 1 2008-03-24 
3 'Structure model' 1 2 2011-07-13 
4 'Structure model' 1 3 2018-04-04 
5 'Structure model' 1 4 2018-04-18 
6 'Structure model' 1 5 2023-08-09 
# 
_pdbx_audit_revision_details.ordinal             1 
_pdbx_audit_revision_details.revision_ordinal    1 
_pdbx_audit_revision_details.data_content_type   'Structure model' 
_pdbx_audit_revision_details.provider            repository 
_pdbx_audit_revision_details.type                'Initial release' 
_pdbx_audit_revision_details.description         ? 
_pdbx_audit_revision_details.details             ? 
# 
loop_
_pdbx_audit_revision_group.ordinal 
_pdbx_audit_revision_group.revision_ordinal 
_pdbx_audit_revision_group.data_content_type 
_pdbx_audit_revision_group.group 
1  2 'Structure model' 'Version format compliance' 
2  3 'Structure model' 'Version format compliance' 
3  4 'Structure model' Advisory                    
4  4 'Structure model' 'Data collection'           
5  4 'Structure model' Other                       
6  5 'Structure model' 'Data collection'           
7  6 'Structure model' Advisory                    
8  6 'Structure model' 'Database references'       
9  6 'Structure model' 'Derived calculations'      
10 6 'Structure model' 'Refinement description'    
# 
loop_
_pdbx_audit_revision_category.ordinal 
_pdbx_audit_revision_category.revision_ordinal 
_pdbx_audit_revision_category.data_content_type 
_pdbx_audit_revision_category.category 
1 4 'Structure model' diffrn_source                 
2 4 'Structure model' pdbx_database_status          
3 4 'Structure model' pdbx_unobs_or_zero_occ_atoms  
4 5 'Structure model' diffrn_detector               
5 6 'Structure model' database_2                    
6 6 'Structure model' pdbx_initial_refinement_model 
7 6 'Structure model' pdbx_unobs_or_zero_occ_atoms  
8 6 'Structure model' struct_conn                   
9 6 'Structure model' struct_ref_seq_dif            
# 
loop_
_pdbx_audit_revision_item.ordinal 
_pdbx_audit_revision_item.revision_ordinal 
_pdbx_audit_revision_item.data_content_type 
_pdbx_audit_revision_item.item 
1  4 'Structure model' '_diffrn_source.type'                 
2  4 'Structure model' '_pdbx_database_status.process_site'  
3  5 'Structure model' '_diffrn_detector.detector'           
4  6 'Structure model' '_database_2.pdbx_DOI'                
5  6 'Structure model' '_database_2.pdbx_database_accession' 
6  6 'Structure model' '_struct_conn.pdbx_leaving_atom_flag' 
7  6 'Structure model' '_struct_conn.ptnr1_auth_comp_id'     
8  6 'Structure model' '_struct_conn.ptnr1_auth_seq_id'      
9  6 'Structure model' '_struct_conn.ptnr1_label_atom_id'    
10 6 'Structure model' '_struct_conn.ptnr1_label_comp_id'    
11 6 'Structure model' '_struct_conn.ptnr1_label_seq_id'     
12 6 'Structure model' '_struct_conn.ptnr2_auth_comp_id'     
13 6 'Structure model' '_struct_conn.ptnr2_auth_seq_id'      
14 6 'Structure model' '_struct_conn.ptnr2_label_atom_id'    
15 6 'Structure model' '_struct_conn.ptnr2_label_comp_id'    
16 6 'Structure model' '_struct_conn.ptnr2_label_seq_id'     
17 6 'Structure model' '_struct_ref_seq_dif.details'         
# 
loop_
_software.name 
_software.classification 
_software.version 
_software.citation_id 
_software.pdbx_ordinal 
MADNES 'data collection' .   ? 1 
CCP4   'data reduction'  .   ? 2 
X-PLOR 'model building'  3.1 ? 3 
X-PLOR refinement        3.1 ? 4 
MADNES 'data reduction'  .   ? 5 
CCP4   'data scaling'    .   ? 6 
X-PLOR phasing           3.1 ? 7 
# 
loop_
_pdbx_validate_torsion.id 
_pdbx_validate_torsion.PDB_model_num 
_pdbx_validate_torsion.auth_comp_id 
_pdbx_validate_torsion.auth_asym_id 
_pdbx_validate_torsion.auth_seq_id 
_pdbx_validate_torsion.PDB_ins_code 
_pdbx_validate_torsion.label_alt_id 
_pdbx_validate_torsion.phi 
_pdbx_validate_torsion.psi 
1 1 TYR A 93  ? ? -126.68 -169.02 
2 1 PRO A 101 ? ? -98.62  -155.79 
3 1 ASP A 158 ? ? -150.14 9.32    
# 
loop_
_pdbx_unobs_or_zero_occ_atoms.id 
_pdbx_unobs_or_zero_occ_atoms.PDB_model_num 
_pdbx_unobs_or_zero_occ_atoms.polymer_flag 
_pdbx_unobs_or_zero_occ_atoms.occupancy_flag 
_pdbx_unobs_or_zero_occ_atoms.auth_asym_id 
_pdbx_unobs_or_zero_occ_atoms.auth_comp_id 
_pdbx_unobs_or_zero_occ_atoms.auth_seq_id 
_pdbx_unobs_or_zero_occ_atoms.PDB_ins_code 
_pdbx_unobs_or_zero_occ_atoms.auth_atom_id 
_pdbx_unobs_or_zero_occ_atoms.label_alt_id 
_pdbx_unobs_or_zero_occ_atoms.label_asym_id 
_pdbx_unobs_or_zero_occ_atoms.label_comp_id 
_pdbx_unobs_or_zero_occ_atoms.label_seq_id 
_pdbx_unobs_or_zero_occ_atoms.label_atom_id 
1  1 Y 0 A GLN 3   ? CD  ? A GLN 3   CD  
2  1 Y 0 A GLN 3   ? OE1 ? A GLN 3   OE1 
3  1 Y 0 A GLN 3   ? NE2 ? A GLN 3   NE2 
4  1 Y 0 A LYS 58  ? CG  ? A LYS 58  CG  
5  1 Y 0 A LYS 58  ? CD  ? A LYS 58  CD  
6  1 Y 0 A LYS 58  ? CE  ? A LYS 58  CE  
7  1 Y 0 A LYS 58  ? NZ  ? A LYS 58  NZ  
8  1 Y 0 A LYS 64  ? NZ  ? A LYS 64  NZ  
9  1 Y 0 A LYS 84  ? CD  ? A LYS 84  CD  
10 1 Y 0 A LYS 84  ? CE  ? A LYS 84  CE  
11 1 Y 0 A LYS 84  ? NZ  ? A LYS 84  NZ  
12 1 Y 0 A LYS 91  ? CD  ? A LYS 91  CD  
13 1 Y 0 A LYS 91  ? CE  ? A LYS 91  CE  
14 1 Y 0 A LYS 91  ? NZ  ? A LYS 91  NZ  
15 1 Y 0 A LYS 94  ? CE  ? A LYS 94  CE  
16 1 Y 0 A LYS 94  ? NZ  ? A LYS 94  NZ  
17 1 Y 0 A ASP 99  ? CA  ? A ASP 99  CA  
18 1 Y 0 A ASP 99  ? C   ? A ASP 99  C   
19 1 Y 0 A ASP 99  ? O   ? A ASP 99  O   
20 1 Y 0 A ASP 99  ? CB  ? A ASP 99  CB  
21 1 Y 0 A ASP 99  ? CG  ? A ASP 99  CG  
22 1 Y 0 A ASP 99  ? OD1 ? A ASP 99  OD1 
23 1 Y 0 A ASP 99  ? OD2 ? A ASP 99  OD2 
24 1 Y 0 A LYS 145 ? CD  ? A LYS 145 CD  
25 1 Y 0 A LYS 145 ? CE  ? A LYS 145 CE  
26 1 Y 0 A LYS 145 ? NZ  ? A LYS 145 NZ  
# 
_pdbx_entity_nonpoly.entity_id   2 
_pdbx_entity_nonpoly.name        water 
_pdbx_entity_nonpoly.comp_id     HOH 
# 
_pdbx_initial_refinement_model.id               1 
_pdbx_initial_refinement_model.entity_id_list   ? 
_pdbx_initial_refinement_model.type             'experimental model' 
_pdbx_initial_refinement_model.source_name      PDB 
_pdbx_initial_refinement_model.accession_code   1PPO 
_pdbx_initial_refinement_model.details          'PDB ENTRY 1PPO' 
# 
